data_6WUN
#
_entry.id   6WUN
#
_cell.length_a   1.00
_cell.length_b   1.00
_cell.length_c   1.00
_cell.angle_alpha   90.00
_cell.angle_beta   90.00
_cell.angle_gamma   90.00
#
_symmetry.space_group_name_H-M   'P 1'
#
loop_
_entity.id
_entity.type
_entity.pdbx_description
1 polymer Sam35
2 polymer 'Bac_surface_Ag domain-containing protein'
#
loop_
_entity_poly.entity_id
_entity_poly.type
_entity_poly.pdbx_seq_one_letter_code
_entity_poly.pdbx_strand_id
1 'polypeptide(L)'
;MASIPSAAPSWRKMQIPRPLQRLFDYFPLRIYEPNELPERSQQLTSGDLPTLYVFSTDSDARLGLPSFNPGCLKWQTLLR
LANLDFRILPSTNHSSPTGSLPFLLPPRTSPTASPAPIPASGLLSFARKNPWRPGKAADLDLGHLDADLPPRAQAYLALI
THSLRNAWLCALYLDPTHDALLRRLYVDPASSSRAVRAALLHQLRRAAAEQVATASSGGGKIVSLAPVDSADGIDEEAVY
RSARDALDALASLLRESETAWFGTERPGSFDAALFSYTHLMVEYMSEEEDTESAKGRVSLGRMVKEAGNGELAEHRERML
GVAWPEWDGYRR
;
A,C
2 'polypeptide(L)'
;MASSLGFGGSNAVDKVNATTTPGTVATPNSGPTKMLDEHILTPASISTLEVHGATNTRRSLLDQIFKPVLEDTAAAGTTL
GQVLDRVGAATKKLARFDIFKEEGFGVFLSEAAPPQSAPPTDRTDLDISIRVKEKSRLVFSAGTDFGNAEGSAYTNAVVR
NIFGGAETLTVNASTGTRTRSAYNATFSTPINGNPDLRLSVEALRSATQKPWASHEEHLTGANLRLAWLTEKGDTHALAY
SSVWRQLTGLAPTASPTVRADAGDSLKSSLTHTFTRDRRDNPMLPQSGYLFRSVSELAGWGPLNGDVSFAKTEVEASGAL
PVAIPGLAGKSGVSVGGGLRLGVLYPLPLGYSLTGAAQPSRINDRFQLGGPNDVRGFKIGGLGPHDGVDAVGGDVFAAGS
VNALLPLPRTGPDSPLRLQLYANAGRLVALNSKGTDKEGKEGLAMDSAAVFKGVKSAVGKLTNGIPSLAAGVGLVYAHPV
ARFELNFSLPLVLRRGEEGRKGLQVGVGISFL
;
B,D
#
# COMPACT_ATOMS: atom_id res chain seq x y z
N TYR A 26 -2.40 26.56 32.22
CA TYR A 26 -3.13 27.66 32.85
C TYR A 26 -4.11 27.12 33.89
N PHE A 27 -4.82 26.06 33.53
CA PHE A 27 -5.83 25.50 34.42
C PHE A 27 -5.32 24.58 35.54
N PRO A 28 -4.31 23.68 35.30
CA PRO A 28 -3.96 22.68 36.32
C PRO A 28 -3.95 23.22 37.74
N LEU A 29 -4.80 22.65 38.58
CA LEU A 29 -5.19 23.33 39.81
C LEU A 29 -4.14 23.19 40.91
N ARG A 30 -3.56 22.00 41.08
CA ARG A 30 -2.68 21.76 42.21
C ARG A 30 -1.35 21.20 41.71
N ILE A 31 -0.37 21.22 42.61
CA ILE A 31 0.97 20.71 42.35
C ILE A 31 1.42 19.95 43.59
N TYR A 32 1.87 18.71 43.40
CA TYR A 32 1.86 17.73 44.48
C TYR A 32 3.16 16.93 44.57
N GLU A 33 4.31 17.62 44.65
CA GLU A 33 5.51 16.95 45.18
C GLU A 33 6.00 15.77 44.35
N PRO A 34 6.77 16.01 43.27
CA PRO A 34 7.13 14.95 42.32
C PRO A 34 7.48 13.61 42.91
N ASN A 35 7.23 12.55 42.14
CA ASN A 35 6.86 11.24 42.69
C ASN A 35 8.05 10.30 42.85
N GLU A 36 9.06 10.72 43.61
CA GLU A 36 9.91 9.79 44.36
C GLU A 36 10.44 8.60 43.56
N LEU A 37 11.42 8.84 42.67
CA LEU A 37 12.00 7.87 41.74
C LEU A 37 12.20 6.49 42.34
N PRO A 38 12.09 5.42 41.52
CA PRO A 38 12.04 4.06 42.06
C PRO A 38 13.32 3.60 42.75
N GLU A 39 13.32 2.36 43.25
CA GLU A 39 14.39 1.93 44.15
C GLU A 39 15.71 1.75 43.44
N ARG A 40 15.68 1.26 42.20
CA ARG A 40 16.91 1.04 41.46
C ARG A 40 17.72 2.34 41.35
N SER A 41 17.12 3.37 40.75
CA SER A 41 17.81 4.64 40.62
C SER A 41 18.04 5.33 41.95
N GLN A 42 17.23 5.03 42.96
CA GLN A 42 17.50 5.55 44.29
C GLN A 42 18.79 4.98 44.85
N GLN A 43 19.10 3.74 44.52
CA GLN A 43 20.27 3.07 45.07
C GLN A 43 21.52 3.28 44.23
N LEU A 44 21.40 3.37 42.91
CA LEU A 44 22.57 3.34 42.04
C LEU A 44 23.09 4.74 41.71
N THR A 45 22.26 5.56 41.06
CA THR A 45 22.76 6.74 40.38
C THR A 45 22.46 8.04 41.12
N SER A 46 22.21 7.97 42.43
CA SER A 46 22.01 9.20 43.18
C SER A 46 23.36 9.80 43.57
N GLY A 47 24.11 9.11 44.42
CA GLY A 47 25.46 9.50 44.77
C GLY A 47 25.63 10.90 45.34
N ASP A 48 26.86 11.23 45.70
CA ASP A 48 27.28 12.57 46.09
C ASP A 48 28.43 13.07 45.23
N LEU A 49 29.38 12.21 44.90
CA LEU A 49 30.52 12.49 44.06
C LEU A 49 30.24 12.06 42.63
N PRO A 50 30.97 12.58 41.65
CA PRO A 50 30.73 12.17 40.26
C PRO A 50 31.04 10.70 40.07
N THR A 51 30.13 9.99 39.42
CA THR A 51 30.21 8.54 39.28
C THR A 51 30.70 8.21 37.88
N LEU A 52 32.01 8.00 37.76
CA LEU A 52 32.57 7.60 36.47
C LEU A 52 32.14 6.19 36.13
N TYR A 53 31.80 5.97 34.87
CA TYR A 53 31.42 4.65 34.38
C TYR A 53 32.61 4.03 33.65
N VAL A 54 32.95 2.80 34.00
CA VAL A 54 34.04 2.06 33.39
C VAL A 54 33.61 0.61 33.24
N PHE A 55 34.44 -0.17 32.57
CA PHE A 55 34.27 -1.62 32.60
C PHE A 55 34.92 -2.15 33.86
N SER A 56 34.15 -2.81 34.71
CA SER A 56 34.71 -3.35 35.95
C SER A 56 33.72 -4.35 36.52
N THR A 57 34.18 -5.11 37.51
CA THR A 57 33.34 -6.03 38.25
C THR A 57 33.01 -5.42 39.61
N ASP A 58 31.76 -5.58 40.02
CA ASP A 58 31.26 -4.91 41.23
C ASP A 58 32.14 -5.18 42.44
N SER A 59 32.88 -6.28 42.44
CA SER A 59 33.81 -6.55 43.54
C SER A 59 34.86 -5.45 43.64
N ASP A 60 35.32 -4.93 42.50
CA ASP A 60 36.29 -3.84 42.49
C ASP A 60 35.62 -2.47 42.62
N ALA A 61 34.34 -2.36 42.24
CA ALA A 61 33.67 -1.07 42.29
C ALA A 61 33.72 -0.48 43.70
N ARG A 62 33.49 -1.32 44.71
CA ARG A 62 33.55 -0.83 46.09
C ARG A 62 34.95 -0.35 46.48
N LEU A 63 35.98 -0.91 45.87
CA LEU A 63 37.35 -0.62 46.25
C LEU A 63 38.04 0.35 45.29
N GLY A 64 37.37 0.78 44.23
CA GLY A 64 37.96 1.71 43.30
C GLY A 64 39.15 1.16 42.54
N LEU A 65 39.30 -0.16 42.49
CA LEU A 65 40.43 -0.77 41.81
C LEU A 65 40.35 -0.51 40.31
N PRO A 66 41.49 -0.59 39.61
CA PRO A 66 41.51 -0.24 38.20
C PRO A 66 40.64 -1.17 37.36
N SER A 67 40.18 -0.65 36.23
CA SER A 67 39.35 -1.41 35.31
C SER A 67 40.11 -2.55 34.67
N PHE A 68 39.45 -3.32 33.81
CA PHE A 68 40.13 -4.35 33.04
C PHE A 68 40.18 -4.07 31.54
N ASN A 69 39.47 -3.05 31.07
CA ASN A 69 39.58 -2.63 29.68
C ASN A 69 40.55 -1.48 29.59
N PRO A 70 41.57 -1.55 28.74
CA PRO A 70 42.59 -0.49 28.76
C PRO A 70 42.09 0.85 28.27
N GLY A 71 41.25 0.85 27.23
CA GLY A 71 40.69 2.08 26.70
C GLY A 71 39.93 2.91 27.72
N CYS A 72 39.67 2.36 28.89
CA CYS A 72 39.04 3.07 29.99
C CYS A 72 39.98 3.25 31.18
N LEU A 73 40.82 2.26 31.47
CA LEU A 73 41.83 2.43 32.50
C LEU A 73 42.71 3.63 32.21
N LYS A 74 42.92 3.95 30.93
CA LYS A 74 43.67 5.17 30.60
C LYS A 74 43.05 6.39 31.25
N TRP A 75 41.77 6.64 30.96
CA TRP A 75 41.10 7.83 31.49
C TRP A 75 40.99 7.76 33.01
N GLN A 76 40.80 6.57 33.56
CA GLN A 76 40.69 6.45 35.00
C GLN A 76 42.00 6.84 35.68
N THR A 77 43.11 6.33 35.17
CA THR A 77 44.41 6.71 35.71
C THR A 77 44.65 8.20 35.54
N LEU A 78 44.22 8.76 34.41
CA LEU A 78 44.34 10.19 34.20
C LEU A 78 43.63 10.97 35.30
N LEU A 79 42.33 10.72 35.46
CA LEU A 79 41.54 11.43 36.46
C LEU A 79 42.15 11.29 37.84
N ARG A 80 42.48 10.05 38.25
CA ARG A 80 43.04 9.86 39.57
C ARG A 80 44.44 10.44 39.71
N LEU A 81 45.09 10.77 38.58
CA LEU A 81 46.30 11.58 38.66
C LEU A 81 45.96 13.04 38.91
N ALA A 82 44.88 13.51 38.32
CA ALA A 82 44.46 14.90 38.51
C ALA A 82 43.95 15.18 39.91
N ASN A 83 44.03 14.20 40.82
CA ASN A 83 43.64 14.37 42.22
C ASN A 83 42.15 14.64 42.37
N LEU A 84 41.38 14.38 41.32
CA LEU A 84 39.92 14.45 41.39
C LEU A 84 39.41 13.16 42.00
N ASP A 85 38.52 13.27 42.98
CA ASP A 85 37.91 12.08 43.56
C ASP A 85 36.59 11.78 42.85
N PHE A 86 36.22 10.50 42.87
CA PHE A 86 35.05 10.02 42.16
C PHE A 86 34.81 8.57 42.56
N ARG A 87 33.72 8.02 42.05
CA ARG A 87 33.37 6.63 42.29
C ARG A 87 33.21 5.93 40.96
N ILE A 88 33.89 4.81 40.80
CA ILE A 88 33.76 4.01 39.58
C ILE A 88 32.46 3.24 39.68
N LEU A 89 31.90 2.91 38.52
CA LEU A 89 30.61 2.24 38.50
C LEU A 89 30.49 1.47 37.19
N PRO A 90 30.44 0.14 37.24
CA PRO A 90 30.45 -0.64 36.00
C PRO A 90 29.22 -0.37 35.14
N SER A 91 29.42 -0.41 33.82
CA SER A 91 28.34 -0.25 32.87
C SER A 91 28.60 -1.16 31.69
N THR A 92 27.88 -0.94 30.58
CA THR A 92 27.77 -1.97 29.57
C THR A 92 27.88 -1.44 28.14
N ASN A 93 28.38 -0.21 27.98
CA ASN A 93 28.83 0.32 26.69
C ASN A 93 27.68 0.63 25.74
N HIS A 94 26.45 0.26 26.11
CA HIS A 94 25.31 0.84 25.42
C HIS A 94 24.90 2.13 26.11
N SER A 95 24.99 2.15 27.43
CA SER A 95 24.69 3.35 28.21
C SER A 95 25.85 4.32 28.09
N SER A 96 25.82 5.12 27.04
CA SER A 96 26.85 6.12 26.81
C SER A 96 26.37 7.15 25.78
N PRO A 97 26.71 8.43 25.95
CA PRO A 97 26.26 9.42 24.98
C PRO A 97 26.80 9.17 23.60
N THR A 98 28.00 8.62 23.50
CA THR A 98 28.57 8.14 22.25
C THR A 98 28.66 6.61 22.34
N GLY A 99 29.25 5.99 21.31
CA GLY A 99 29.45 4.56 21.37
C GLY A 99 30.38 4.15 22.49
N SER A 100 31.54 4.80 22.58
CA SER A 100 32.54 4.45 23.57
C SER A 100 32.00 4.69 24.99
N LEU A 101 32.44 3.84 25.92
CA LEU A 101 31.91 3.88 27.26
C LEU A 101 32.42 5.03 28.13
N PRO A 102 33.73 5.17 28.35
CA PRO A 102 34.20 5.78 29.60
C PRO A 102 33.81 7.23 29.76
N PHE A 103 32.55 7.47 30.10
CA PHE A 103 31.99 8.80 30.28
C PHE A 103 31.68 9.03 31.75
N LEU A 104 31.83 10.28 32.19
CA LEU A 104 31.65 10.68 33.57
C LEU A 104 30.33 11.40 33.74
N LEU A 105 29.68 11.18 34.88
CA LEU A 105 28.42 11.83 35.19
C LEU A 105 28.59 12.72 36.43
N PRO A 106 28.16 13.97 36.37
CA PRO A 106 28.25 14.84 37.53
C PRO A 106 27.24 14.44 38.58
N PRO A 107 27.35 14.95 39.81
CA PRO A 107 26.44 14.52 40.87
C PRO A 107 25.01 14.98 40.62
N ARG A 108 24.12 14.52 41.50
CA ARG A 108 22.71 14.84 41.44
C ARG A 108 22.44 16.09 42.27
N THR A 109 21.97 17.16 41.61
CA THR A 109 21.69 18.42 42.29
C THR A 109 20.21 18.65 42.56
N SER A 110 19.33 18.04 41.77
CA SER A 110 17.88 18.16 41.98
C SER A 110 17.29 16.77 41.87
N PRO A 111 16.66 16.25 42.93
CA PRO A 111 16.31 14.82 42.96
C PRO A 111 15.46 14.33 41.80
N THR A 112 15.01 15.23 40.92
CA THR A 112 14.23 14.83 39.75
C THR A 112 14.85 15.28 38.44
N ALA A 113 15.96 16.02 38.47
CA ALA A 113 16.59 16.51 37.25
C ALA A 113 18.09 16.55 37.42
N SER A 114 18.80 16.00 36.45
CA SER A 114 20.24 15.76 36.55
C SER A 114 20.98 16.55 35.48
N PRO A 115 22.27 16.81 35.69
CA PRO A 115 23.09 17.47 34.66
C PRO A 115 23.35 16.60 33.46
N ALA A 116 24.12 17.11 32.53
CA ALA A 116 24.43 16.41 31.31
C ALA A 116 25.67 15.54 31.47
N PRO A 117 25.81 14.48 30.69
CA PRO A 117 27.00 13.65 30.78
C PRO A 117 28.22 14.35 30.22
N ILE A 118 29.38 13.80 30.56
CA ILE A 118 30.65 14.27 30.02
C ILE A 118 31.30 13.12 29.27
N PRO A 119 31.44 13.20 27.96
CA PRO A 119 32.08 12.11 27.22
C PRO A 119 33.55 11.99 27.54
N ALA A 120 34.24 11.06 26.88
CA ALA A 120 35.65 10.84 27.19
C ALA A 120 36.49 12.05 26.83
N SER A 121 36.02 12.89 25.91
CA SER A 121 36.82 14.00 25.42
C SER A 121 36.96 15.14 26.43
N GLY A 122 36.05 15.24 27.40
CA GLY A 122 36.01 16.38 28.29
C GLY A 122 36.32 16.13 29.75
N LEU A 123 36.75 14.93 30.12
CA LEU A 123 37.03 14.67 31.53
C LEU A 123 38.16 15.57 32.04
N LEU A 124 39.27 15.62 31.32
CA LEU A 124 40.37 16.44 31.78
C LEU A 124 40.12 17.91 31.60
N SER A 125 39.00 18.29 31.01
CA SER A 125 38.48 19.65 31.12
C SER A 125 37.64 19.83 32.37
N PHE A 126 36.93 18.79 32.77
CA PHE A 126 36.14 18.81 33.99
C PHE A 126 37.05 18.61 35.20
N GLY A 143 46.72 20.63 33.74
CA GLY A 143 47.49 21.40 32.78
C GLY A 143 48.58 20.61 32.09
N HIS A 144 49.58 20.18 32.87
CA HIS A 144 50.71 19.44 32.31
C HIS A 144 50.30 18.09 31.74
N LEU A 145 49.12 17.59 32.08
CA LEU A 145 48.68 16.29 31.59
C LEU A 145 48.55 16.29 30.07
N ASP A 146 47.64 17.09 29.54
CA ASP A 146 47.43 17.19 28.10
C ASP A 146 48.15 18.42 27.60
N ALA A 147 49.46 18.28 27.38
CA ALA A 147 50.29 19.35 26.88
C ALA A 147 51.04 18.87 25.64
N ASP A 148 51.35 19.81 24.75
CA ASP A 148 52.09 19.47 23.55
C ASP A 148 53.46 18.90 23.90
N LEU A 149 53.81 17.81 23.24
CA LEU A 149 55.09 17.15 23.39
C LEU A 149 55.91 17.28 22.13
N PRO A 150 57.24 17.15 22.22
CA PRO A 150 58.07 17.10 21.01
C PRO A 150 57.59 16.01 20.07
N PRO A 151 57.78 16.17 18.76
CA PRO A 151 57.25 15.18 17.82
C PRO A 151 57.74 13.77 18.07
N ARG A 152 58.96 13.60 18.61
CA ARG A 152 59.40 12.27 18.98
C ARG A 152 58.43 11.61 19.95
N ALA A 153 58.04 12.33 21.00
CA ALA A 153 57.06 11.80 21.94
C ALA A 153 55.71 11.64 21.26
N GLN A 154 55.44 12.41 20.21
CA GLN A 154 54.23 12.19 19.43
C GLN A 154 54.34 10.92 18.59
N ALA A 155 55.56 10.55 18.22
CA ALA A 155 55.74 9.39 17.35
C ALA A 155 55.48 8.09 18.08
N TYR A 156 56.21 7.84 19.17
CA TYR A 156 56.09 6.57 19.88
C TYR A 156 54.68 6.28 20.34
N LEU A 157 53.89 7.32 20.62
CA LEU A 157 52.52 7.09 21.04
C LEU A 157 51.70 6.42 19.96
N ALA A 158 52.04 6.64 18.69
CA ALA A 158 51.36 5.91 17.62
C ALA A 158 51.73 4.44 17.63
N LEU A 159 52.92 4.10 18.11
CA LEU A 159 53.30 2.70 18.29
C LEU A 159 52.35 2.00 19.25
N ILE A 160 52.12 2.60 20.43
CA ILE A 160 51.31 1.97 21.45
C ILE A 160 49.86 1.89 21.03
N THR A 161 49.33 2.98 20.48
CA THR A 161 47.92 3.00 20.11
C THR A 161 47.61 2.04 18.97
N HIS A 162 48.56 1.79 18.09
CA HIS A 162 48.30 1.04 16.86
C HIS A 162 48.95 -0.33 16.78
N SER A 163 49.95 -0.62 17.60
CA SER A 163 50.57 -1.94 17.61
C SER A 163 50.27 -2.72 18.87
N LEU A 164 50.53 -2.15 20.05
CA LEU A 164 50.22 -2.84 21.29
C LEU A 164 48.73 -3.11 21.41
N ARG A 165 47.89 -2.21 20.88
CA ARG A 165 46.45 -2.43 20.94
C ARG A 165 46.06 -3.72 20.23
N ASN A 166 46.67 -3.99 19.07
CA ASN A 166 46.33 -5.19 18.33
C ASN A 166 46.75 -6.45 19.07
N ALA A 167 48.01 -6.50 19.51
CA ALA A 167 48.49 -7.68 20.23
C ALA A 167 47.60 -7.99 21.43
N TRP A 168 46.95 -6.97 21.98
CA TRP A 168 45.99 -7.21 23.06
C TRP A 168 44.77 -7.94 22.53
N LEU A 169 44.18 -7.45 21.45
CA LEU A 169 42.97 -8.06 20.93
C LEU A 169 43.19 -9.52 20.55
N CYS A 170 44.24 -9.78 19.77
CA CYS A 170 44.51 -11.16 19.34
C CYS A 170 44.74 -12.07 20.54
N ALA A 171 45.60 -11.66 21.46
CA ALA A 171 45.89 -12.48 22.63
C ALA A 171 44.69 -12.67 23.54
N LEU A 172 43.65 -11.85 23.40
CA LEU A 172 42.48 -11.96 24.25
C LEU A 172 41.24 -12.43 23.49
N TYR A 173 40.89 -11.75 22.40
CA TYR A 173 39.64 -11.99 21.72
C TYR A 173 39.73 -13.05 20.63
N LEU A 174 40.93 -13.51 20.29
CA LEU A 174 41.08 -14.45 19.20
C LEU A 174 41.76 -15.75 19.61
N ASP A 175 42.77 -15.70 20.47
CA ASP A 175 43.49 -16.90 20.85
C ASP A 175 42.59 -17.81 21.67
N PRO A 176 42.27 -19.02 21.19
CA PRO A 176 41.30 -19.85 21.92
C PRO A 176 41.74 -20.25 23.31
N THR A 177 43.04 -20.26 23.60
CA THR A 177 43.49 -20.60 24.94
C THR A 177 42.95 -19.62 25.97
N HIS A 178 42.72 -18.37 25.56
CA HIS A 178 42.14 -17.35 26.43
C HIS A 178 40.66 -17.16 26.17
N ASP A 179 39.95 -18.23 25.82
CA ASP A 179 38.49 -18.18 25.79
C ASP A 179 37.92 -18.25 27.19
N ALA A 180 38.75 -18.59 28.16
CA ALA A 180 38.29 -18.66 29.55
C ALA A 180 38.21 -17.26 30.16
N LEU A 181 39.28 -16.48 30.00
CA LEU A 181 39.34 -15.18 30.69
C LEU A 181 38.39 -14.18 30.07
N LEU A 182 38.21 -14.22 28.75
CA LEU A 182 37.24 -13.34 28.13
C LEU A 182 35.83 -13.64 28.65
N ARG A 183 35.56 -14.91 28.95
CA ARG A 183 34.24 -15.28 29.46
C ARG A 183 33.96 -14.61 30.81
N ARG A 184 34.91 -14.73 31.74
CA ARG A 184 34.69 -14.20 33.08
C ARG A 184 34.64 -12.68 33.13
N LEU A 185 34.79 -12.01 31.99
CA LEU A 185 34.87 -10.56 32.01
C LEU A 185 33.74 -9.89 31.23
N TYR A 186 33.49 -10.31 30.00
CA TYR A 186 32.60 -9.58 29.12
C TYR A 186 31.24 -10.24 28.90
N VAL A 187 31.10 -11.54 29.17
CA VAL A 187 29.84 -12.23 28.97
C VAL A 187 29.28 -12.78 30.27
N ASP A 188 30.13 -13.26 31.17
CA ASP A 188 29.65 -13.86 32.41
C ASP A 188 28.77 -12.93 33.25
N PRO A 189 29.11 -11.65 33.46
CA PRO A 189 28.18 -10.75 34.15
C PRO A 189 27.21 -10.04 33.22
N ALA A 190 27.08 -10.48 31.97
CA ALA A 190 26.15 -9.81 31.06
C ALA A 190 24.72 -10.27 31.31
N SER A 191 24.44 -11.55 31.10
CA SER A 191 23.08 -12.05 31.28
C SER A 191 22.97 -13.36 32.07
N SER A 192 24.02 -14.17 32.13
CA SER A 192 24.00 -15.42 32.90
C SER A 192 22.91 -16.37 32.43
N SER A 193 22.96 -16.72 31.14
CA SER A 193 22.09 -17.74 30.58
C SER A 193 22.79 -18.28 29.33
N ARG A 194 23.25 -19.53 29.41
CA ARG A 194 24.15 -20.06 28.38
C ARG A 194 23.57 -19.94 26.98
N ALA A 195 22.26 -19.80 26.86
CA ALA A 195 21.67 -19.55 25.55
C ALA A 195 22.05 -18.17 25.03
N VAL A 196 22.25 -17.21 25.93
CA VAL A 196 22.60 -15.85 25.52
C VAL A 196 24.10 -15.68 25.36
N ARG A 197 24.87 -16.21 26.32
CA ARG A 197 26.30 -15.95 26.35
C ARG A 197 26.98 -16.28 25.03
N ALA A 198 26.51 -17.34 24.35
CA ALA A 198 27.13 -17.70 23.08
C ALA A 198 26.88 -16.63 22.02
N ALA A 199 25.85 -15.82 22.20
CA ALA A 199 25.58 -14.76 21.23
C ALA A 199 26.55 -13.60 21.42
N LEU A 200 26.63 -13.07 22.65
CA LEU A 200 27.53 -11.95 22.91
C LEU A 200 28.97 -12.33 22.67
N LEU A 201 29.39 -13.48 23.21
CA LEU A 201 30.76 -13.95 23.02
C LEU A 201 31.13 -13.97 21.54
N HIS A 202 30.18 -14.32 20.68
CA HIS A 202 30.44 -14.29 19.24
C HIS A 202 30.43 -12.87 18.71
N GLN A 203 29.43 -12.06 19.11
CA GLN A 203 29.33 -10.70 18.62
C GLN A 203 30.61 -9.92 18.91
N LEU A 204 31.26 -10.21 20.03
CA LEU A 204 32.53 -9.56 20.34
C LEU A 204 33.62 -10.05 19.41
N ARG A 205 33.85 -11.36 19.38
CA ARG A 205 34.99 -11.91 18.64
C ARG A 205 34.97 -11.49 17.18
N ARG A 206 33.78 -11.48 16.56
CA ARG A 206 33.69 -11.05 15.18
C ARG A 206 33.98 -9.56 15.04
N ALA A 207 33.25 -8.73 15.78
CA ALA A 207 33.47 -7.29 15.71
C ALA A 207 34.83 -6.87 16.23
N ALA A 208 35.61 -7.81 16.78
CA ALA A 208 36.98 -7.49 17.21
C ALA A 208 38.01 -8.09 16.27
N ALA A 209 37.68 -9.18 15.59
CA ALA A 209 38.64 -9.78 14.65
C ALA A 209 38.87 -8.86 13.46
N GLU A 210 37.81 -8.26 12.92
CA GLU A 210 37.97 -7.38 11.78
C GLU A 210 38.79 -6.15 12.12
N GLN A 211 38.80 -5.72 13.37
CA GLN A 211 39.55 -4.54 13.78
C GLN A 211 41.05 -4.80 13.89
N VAL A 212 41.50 -5.99 13.54
CA VAL A 212 42.93 -6.28 13.53
C VAL A 212 43.32 -6.95 12.23
N ALA A 238 51.64 -14.14 14.23
CA ALA A 238 51.58 -13.05 13.27
C ALA A 238 51.97 -11.73 13.92
N VAL A 239 50.98 -11.01 14.44
CA VAL A 239 51.21 -9.70 15.05
C VAL A 239 52.07 -9.80 16.29
N TYR A 240 52.21 -10.99 16.87
CA TYR A 240 52.94 -11.17 18.11
C TYR A 240 54.36 -10.62 18.02
N ARG A 241 54.98 -10.72 16.84
CA ARG A 241 56.35 -10.23 16.69
C ARG A 241 56.39 -8.71 16.75
N SER A 242 55.40 -8.05 16.13
CA SER A 242 55.39 -6.58 16.11
C SER A 242 55.27 -6.02 17.52
N ALA A 243 54.63 -6.77 18.43
CA ALA A 243 54.57 -6.33 19.81
C ALA A 243 55.87 -6.63 20.55
N ARG A 244 56.58 -7.68 20.13
CA ARG A 244 57.80 -8.06 20.80
C ARG A 244 58.82 -6.91 20.79
N ASP A 245 59.23 -6.48 19.61
CA ASP A 245 60.22 -5.41 19.49
C ASP A 245 59.71 -4.07 19.98
N ALA A 246 58.40 -3.83 19.91
CA ALA A 246 57.85 -2.55 20.35
C ALA A 246 58.14 -2.30 21.82
N LEU A 247 58.05 -3.33 22.65
CA LEU A 247 58.33 -3.16 24.07
C LEU A 247 59.82 -3.02 24.33
N ASP A 248 60.67 -3.36 23.35
CA ASP A 248 62.08 -3.04 23.48
C ASP A 248 62.35 -1.61 23.05
N ALA A 249 61.50 -1.06 22.18
CA ALA A 249 61.64 0.33 21.78
C ALA A 249 61.38 1.26 22.97
N LEU A 250 60.19 1.15 23.57
CA LEU A 250 59.87 2.00 24.71
C LEU A 250 60.86 1.82 25.84
N ALA A 251 61.33 0.58 26.06
CA ALA A 251 62.33 0.34 27.09
C ALA A 251 63.57 1.19 26.87
N SER A 252 63.90 1.47 25.62
CA SER A 252 65.00 2.38 25.34
C SER A 252 64.60 3.83 25.61
N LEU A 253 63.37 4.19 25.26
CA LEU A 253 62.89 5.54 25.51
C LEU A 253 62.88 5.88 26.99
N LEU A 254 62.77 4.86 27.85
CA LEU A 254 62.78 5.09 29.29
C LEU A 254 64.20 5.16 29.84
N ARG A 255 65.10 4.33 29.32
CA ARG A 255 66.47 4.31 29.80
C ARG A 255 67.24 5.57 29.49
N GLU A 256 66.63 6.54 28.81
CA GLU A 256 67.30 7.78 28.43
C GLU A 256 66.63 9.01 29.03
N SER A 257 65.69 8.82 29.97
CA SER A 257 64.94 9.95 30.52
C SER A 257 65.49 10.41 31.86
N GLU A 258 65.75 9.47 32.78
CA GLU A 258 66.36 9.76 34.08
C GLU A 258 65.49 10.67 34.94
N THR A 259 64.19 10.72 34.70
CA THR A 259 63.27 11.52 35.48
C THR A 259 62.09 10.67 35.95
N ALA A 260 62.33 9.35 36.05
CA ALA A 260 61.37 8.39 36.58
C ALA A 260 60.14 8.26 35.70
N TRP A 261 60.07 9.05 34.63
CA TRP A 261 58.96 9.03 33.69
C TRP A 261 59.54 9.27 32.31
N PHE A 262 58.68 9.58 31.34
CA PHE A 262 59.11 9.75 29.96
C PHE A 262 59.40 11.22 29.65
N GLY A 263 60.32 11.80 30.43
CA GLY A 263 60.80 13.15 30.21
C GLY A 263 60.32 14.18 31.20
N THR A 264 59.22 13.91 31.92
CA THR A 264 58.58 14.89 32.77
C THR A 264 58.65 14.42 34.23
N GLU A 265 58.68 15.39 35.15
CA GLU A 265 58.74 15.08 36.58
C GLU A 265 57.45 14.45 37.08
N ARG A 266 56.30 14.95 36.63
CA ARG A 266 55.03 14.36 36.99
C ARG A 266 54.45 13.62 35.80
N PRO A 267 54.12 12.34 35.93
CA PRO A 267 53.68 11.57 34.76
C PRO A 267 52.47 12.19 34.10
N GLY A 268 52.53 12.26 32.77
CA GLY A 268 51.49 12.91 32.00
C GLY A 268 50.58 11.95 31.25
N SER A 269 50.17 12.33 30.05
CA SER A 269 49.24 11.50 29.29
C SER A 269 49.91 10.31 28.63
N PHE A 270 51.23 10.35 28.46
CA PHE A 270 51.90 9.25 27.79
C PHE A 270 52.14 8.08 28.73
N ASP A 271 52.65 8.37 29.93
CA ASP A 271 52.85 7.31 30.92
C ASP A 271 51.54 6.61 31.25
N ALA A 272 50.44 7.37 31.30
CA ALA A 272 49.15 6.77 31.59
C ALA A 272 48.64 5.96 30.40
N ALA A 273 48.95 6.40 29.18
CA ALA A 273 48.56 5.62 28.01
C ALA A 273 49.32 4.30 27.93
N LEU A 274 50.55 4.28 28.43
CA LEU A 274 51.34 3.05 28.43
C LEU A 274 50.97 2.16 29.61
N PHE A 275 50.76 2.76 30.78
CA PHE A 275 50.29 1.99 31.94
C PHE A 275 48.98 1.28 31.62
N SER A 276 48.21 1.80 30.68
CA SER A 276 46.95 1.17 30.29
C SER A 276 47.16 -0.25 29.76
N TYR A 277 48.36 -0.57 29.29
CA TYR A 277 48.65 -1.87 28.69
C TYR A 277 49.73 -2.64 29.43
N THR A 278 50.76 -1.96 29.91
CA THR A 278 51.80 -2.62 30.70
C THR A 278 51.23 -3.28 31.94
N HIS A 279 50.11 -2.79 32.47
CA HIS A 279 49.53 -3.33 33.69
C HIS A 279 48.61 -4.51 33.42
N LEU A 280 47.62 -4.35 32.54
CA LEU A 280 46.69 -5.43 32.25
C LEU A 280 47.41 -6.66 31.75
N MET A 281 48.35 -6.49 30.82
CA MET A 281 49.10 -7.62 30.30
C MET A 281 49.90 -8.32 31.39
N VAL A 282 50.23 -7.63 32.47
CA VAL A 282 50.91 -8.30 33.58
C VAL A 282 49.91 -9.08 34.42
N GLU A 283 48.75 -8.48 34.71
CA GLU A 283 47.81 -9.12 35.61
C GLU A 283 47.07 -10.27 34.95
N TYR A 284 46.59 -10.08 33.72
CA TYR A 284 45.69 -11.05 33.10
C TYR A 284 46.34 -11.83 31.96
N MET A 285 47.65 -11.71 31.75
CA MET A 285 48.26 -12.38 30.60
C MET A 285 49.61 -12.98 30.95
N SER A 286 49.89 -13.18 32.23
CA SER A 286 51.18 -13.70 32.68
C SER A 286 51.14 -15.22 32.90
N GLU A 287 50.31 -15.91 32.13
CA GLU A 287 50.15 -17.37 32.28
C GLU A 287 51.37 -18.05 31.67
N GLU A 288 52.40 -18.21 32.49
CA GLU A 288 53.66 -18.84 32.10
C GLU A 288 54.28 -18.14 30.89
N THR A 291 53.03 -23.96 29.92
CA THR A 291 52.28 -24.32 28.72
C THR A 291 52.91 -23.70 27.48
N GLY A 296 55.60 -22.75 22.29
CA GLY A 296 56.14 -21.44 21.98
C GLY A 296 55.17 -20.31 22.24
N ARG A 297 55.46 -19.15 21.66
CA ARG A 297 54.63 -17.95 21.80
C ARG A 297 54.40 -17.62 23.28
N VAL A 298 55.51 -17.30 23.94
CA VAL A 298 55.51 -16.87 25.33
C VAL A 298 54.52 -15.72 25.49
N SER A 299 53.62 -15.83 26.47
CA SER A 299 52.54 -14.87 26.61
C SER A 299 53.09 -13.47 26.91
N LEU A 300 52.28 -12.46 26.59
CA LEU A 300 52.71 -11.08 26.73
C LEU A 300 53.01 -10.72 28.17
N GLY A 301 52.53 -11.51 29.12
CA GLY A 301 52.84 -11.23 30.52
C GLY A 301 54.32 -11.25 30.82
N ARG A 302 55.09 -12.04 30.07
CA ARG A 302 56.53 -12.11 30.27
C ARG A 302 57.27 -11.09 29.42
N MET A 303 56.80 -10.84 28.20
CA MET A 303 57.44 -9.84 27.34
C MET A 303 57.53 -8.50 28.04
N VAL A 304 56.48 -8.12 28.77
CA VAL A 304 56.45 -6.80 29.41
C VAL A 304 57.52 -6.70 30.48
N LYS A 305 57.74 -7.78 31.22
CA LYS A 305 58.76 -7.78 32.27
C LYS A 305 60.14 -8.16 31.77
N GLU A 306 60.25 -8.66 30.54
CA GLU A 306 61.54 -9.08 30.00
C GLU A 306 62.09 -8.12 28.93
N ALA A 307 61.26 -7.22 28.41
CA ALA A 307 61.72 -6.28 27.39
C ALA A 307 62.82 -5.40 27.96
N GLY A 308 63.97 -5.40 27.30
CA GLY A 308 65.11 -4.67 27.83
C GLY A 308 65.60 -5.31 29.11
N ASN A 309 65.76 -4.49 30.14
CA ASN A 309 66.16 -4.97 31.47
C ASN A 309 65.02 -4.81 32.46
N GLY A 310 63.78 -4.96 31.99
CA GLY A 310 62.63 -4.85 32.87
C GLY A 310 62.26 -3.43 33.24
N GLU A 311 62.60 -2.45 32.41
CA GLU A 311 62.27 -1.08 32.74
C GLU A 311 60.78 -0.78 32.59
N LEU A 312 60.04 -1.62 31.84
CA LEU A 312 58.59 -1.45 31.81
C LEU A 312 57.96 -2.00 33.07
N ALA A 313 58.55 -3.04 33.66
CA ALA A 313 58.02 -3.59 34.90
C ALA A 313 58.12 -2.57 36.03
N GLU A 314 59.31 -2.04 36.26
CA GLU A 314 59.50 -1.11 37.38
C GLU A 314 58.75 0.20 37.17
N HIS A 315 58.53 0.59 35.92
CA HIS A 315 57.80 1.83 35.66
C HIS A 315 56.40 1.78 36.26
N ARG A 316 55.68 0.69 36.03
CA ARG A 316 54.34 0.56 36.58
C ARG A 316 54.37 0.61 38.11
N GLU A 317 55.31 -0.10 38.73
CA GLU A 317 55.42 -0.08 40.18
C GLU A 317 55.76 1.32 40.68
N ARG A 318 56.57 2.07 39.92
CA ARG A 318 56.78 3.47 40.25
C ARG A 318 55.57 4.30 39.87
N MET A 319 54.79 3.86 38.88
CA MET A 319 53.53 4.51 38.58
C MET A 319 52.46 4.12 39.59
N LEU A 320 52.37 2.83 39.93
CA LEU A 320 51.38 2.39 40.89
C LEU A 320 51.85 2.66 42.31
N GLY A 321 52.28 3.90 42.55
CA GLY A 321 52.63 4.38 43.87
C GLY A 321 52.22 5.83 43.96
N VAL A 322 51.54 6.29 42.91
CA VAL A 322 51.03 7.66 42.83
C VAL A 322 49.52 7.67 42.59
N ALA A 323 49.05 6.90 41.60
CA ALA A 323 47.62 6.83 41.34
C ALA A 323 46.90 6.09 42.47
N TRP A 324 47.40 4.92 42.85
CA TRP A 324 46.86 4.15 43.96
C TRP A 324 47.98 3.81 44.93
N PRO A 325 48.48 4.80 45.67
CA PRO A 325 49.60 4.55 46.59
C PRO A 325 49.24 3.76 47.82
N GLU A 326 48.02 3.24 47.93
CA GLU A 326 47.58 2.57 49.15
C GLU A 326 47.01 1.18 48.89
N TRP A 327 47.11 0.68 47.66
CA TRP A 327 46.52 -0.60 47.30
C TRP A 327 47.61 -1.61 46.97
N ASP A 328 47.45 -2.83 47.46
CA ASP A 328 48.26 -3.96 47.06
C ASP A 328 47.37 -5.00 46.40
N GLY A 329 47.99 -5.80 45.52
CA GLY A 329 47.23 -6.80 44.79
C GLY A 329 47.68 -6.94 43.35
N TYR A 330 48.66 -6.13 42.95
CA TYR A 330 49.24 -6.28 41.63
C TYR A 330 50.10 -7.53 41.58
N ARG A 331 50.78 -7.72 40.45
CA ARG A 331 51.71 -8.84 40.28
C ARG A 331 50.97 -10.18 40.38
N ARG A 332 49.97 -10.34 39.53
CA ARG A 332 49.11 -11.52 39.54
C ARG A 332 48.45 -11.72 40.90
N ARG B 59 -11.77 -35.79 7.09
CA ARG B 59 -13.18 -36.14 7.24
C ARG B 59 -13.57 -36.30 8.70
N SER B 60 -12.75 -37.04 9.46
CA SER B 60 -13.04 -37.26 10.87
C SER B 60 -13.14 -35.94 11.63
N LEU B 61 -12.38 -34.93 11.20
CA LEU B 61 -12.44 -33.61 11.81
C LEU B 61 -13.88 -33.12 11.92
N LEU B 62 -14.69 -33.37 10.90
CA LEU B 62 -16.10 -32.99 10.93
C LEU B 62 -17.00 -34.13 11.38
N ASP B 63 -16.57 -35.38 11.19
CA ASP B 63 -17.36 -36.53 11.62
C ASP B 63 -17.55 -36.56 13.12
N GLN B 64 -16.50 -36.23 13.87
CA GLN B 64 -16.56 -36.25 15.33
C GLN B 64 -17.56 -35.26 15.89
N ILE B 65 -17.90 -34.22 15.13
CA ILE B 65 -18.90 -33.26 15.58
C ILE B 65 -20.24 -33.49 14.89
N PHE B 66 -20.26 -34.22 13.78
CA PHE B 66 -21.53 -34.60 13.16
C PHE B 66 -22.24 -35.69 13.95
N LYS B 67 -21.48 -36.69 14.40
CA LYS B 67 -22.10 -37.81 15.12
C LYS B 67 -22.87 -37.40 16.37
N PRO B 68 -22.38 -36.48 17.22
CA PRO B 68 -23.22 -36.04 18.35
C PRO B 68 -24.51 -35.38 17.91
N VAL B 69 -24.55 -34.83 16.70
CA VAL B 69 -25.80 -34.27 16.20
C VAL B 69 -26.67 -35.35 15.57
N LEU B 70 -26.06 -36.32 14.89
CA LEU B 70 -26.83 -37.34 14.19
C LEU B 70 -27.42 -38.36 15.15
N GLU B 71 -26.77 -38.58 16.30
CA GLU B 71 -27.22 -39.61 17.23
C GLU B 71 -28.61 -39.34 17.81
N ASP B 72 -29.07 -38.09 17.77
CA ASP B 72 -30.39 -37.76 18.29
C ASP B 72 -31.41 -37.66 17.15
N GLN B 82 -41.99 -32.42 18.75
CA GLN B 82 -41.95 -32.14 17.31
C GLN B 82 -40.53 -32.27 16.77
N VAL B 83 -39.88 -31.14 16.57
CA VAL B 83 -38.53 -31.10 16.01
C VAL B 83 -37.59 -30.45 17.01
N LEU B 84 -36.30 -30.76 16.86
CA LEU B 84 -35.26 -30.22 17.71
C LEU B 84 -34.20 -29.55 16.86
N ASP B 85 -33.71 -28.40 17.31
CA ASP B 85 -32.72 -27.61 16.60
C ASP B 85 -31.44 -27.56 17.44
N ARG B 86 -30.59 -28.57 17.26
CA ARG B 86 -29.29 -28.62 17.91
C ARG B 86 -28.15 -28.38 16.93
N VAL B 87 -28.45 -27.99 15.69
CA VAL B 87 -27.43 -27.89 14.67
C VAL B 87 -26.76 -26.52 14.66
N GLY B 88 -27.41 -25.50 15.24
CA GLY B 88 -26.80 -24.17 15.26
C GLY B 88 -25.46 -24.16 15.97
N ALA B 89 -25.36 -24.91 17.07
CA ALA B 89 -24.07 -25.04 17.75
C ALA B 89 -23.04 -25.69 16.85
N ALA B 90 -23.45 -26.67 16.04
CA ALA B 90 -22.54 -27.27 15.09
C ALA B 90 -22.07 -26.26 14.06
N THR B 91 -22.98 -25.41 13.57
CA THR B 91 -22.60 -24.36 12.62
C THR B 91 -21.59 -23.41 13.25
N LYS B 92 -21.80 -23.02 14.51
CA LYS B 92 -20.84 -22.15 15.16
C LYS B 92 -19.48 -22.83 15.31
N LYS B 93 -19.49 -24.12 15.66
CA LYS B 93 -18.25 -24.89 15.75
C LYS B 93 -17.52 -24.87 14.41
N LEU B 94 -18.25 -25.11 13.32
CA LEU B 94 -17.63 -25.07 11.99
C LEU B 94 -17.04 -23.70 11.72
N ALA B 95 -17.78 -22.64 12.05
CA ALA B 95 -17.31 -21.28 11.77
C ALA B 95 -16.08 -20.94 12.60
N ARG B 96 -15.93 -21.56 13.77
CA ARG B 96 -14.80 -21.22 14.63
C ARG B 96 -13.45 -21.61 14.04
N PHE B 97 -13.43 -22.58 13.13
CA PHE B 97 -12.16 -23.09 12.60
C PHE B 97 -11.39 -22.06 11.79
N ASP B 98 -12.00 -20.93 11.45
CA ASP B 98 -11.43 -19.98 10.49
C ASP B 98 -10.96 -20.71 9.24
N ILE B 99 -11.83 -21.53 8.68
CA ILE B 99 -11.52 -22.28 7.47
C ILE B 99 -12.65 -22.08 6.46
N PHE B 100 -13.58 -21.17 6.77
CA PHE B 100 -14.71 -20.91 5.89
C PHE B 100 -14.83 -19.42 5.58
N VAL B 132 -21.32 -24.62 2.55
CA VAL B 132 -20.00 -24.28 3.05
C VAL B 132 -18.99 -24.25 1.91
N LYS B 133 -18.50 -23.06 1.58
CA LYS B 133 -17.74 -22.91 0.35
C LYS B 133 -16.22 -22.99 0.55
N GLU B 134 -15.65 -21.99 1.22
CA GLU B 134 -14.21 -21.86 1.39
C GLU B 134 -13.92 -20.58 2.16
N LYS B 135 -12.72 -20.51 2.75
CA LYS B 135 -12.14 -19.24 3.14
C LYS B 135 -11.15 -18.72 2.11
N SER B 136 -10.06 -19.46 1.89
CA SER B 136 -8.99 -19.09 0.96
C SER B 136 -7.91 -20.17 0.92
N ARG B 137 -6.89 -19.95 0.12
CA ARG B 137 -5.61 -20.62 0.22
C ARG B 137 -4.55 -19.56 0.49
N LEU B 138 -3.28 -19.95 0.34
CA LEU B 138 -2.19 -19.07 0.72
C LEU B 138 -2.29 -17.71 0.05
N VAL B 139 -1.59 -16.73 0.64
CA VAL B 139 -1.51 -15.37 0.14
C VAL B 139 -0.03 -15.05 0.06
N PHE B 140 0.30 -13.84 -0.35
CA PHE B 140 1.70 -13.50 -0.56
C PHE B 140 1.83 -12.00 -0.81
N SER B 141 3.07 -11.52 -0.75
CA SER B 141 3.47 -10.21 -1.20
C SER B 141 4.98 -10.10 -1.07
N ALA B 142 5.61 -9.32 -1.94
CA ALA B 142 7.01 -8.95 -1.76
C ALA B 142 7.17 -7.51 -2.24
N GLY B 143 6.96 -6.55 -1.33
CA GLY B 143 7.13 -5.16 -1.68
C GLY B 143 8.59 -4.78 -1.78
N THR B 144 9.32 -5.48 -2.63
CA THR B 144 10.78 -5.48 -2.60
C THR B 144 11.30 -4.24 -3.31
N ASP B 145 11.66 -3.22 -2.53
CA ASP B 145 12.42 -2.08 -3.05
C ASP B 145 13.82 -2.54 -3.43
N PHE B 146 14.65 -1.65 -3.96
CA PHE B 146 16.02 -2.01 -4.33
C PHE B 146 16.75 -0.72 -4.72
N GLY B 147 18.00 -0.85 -5.15
CA GLY B 147 18.67 0.17 -5.91
C GLY B 147 19.59 1.09 -5.17
N ASN B 148 19.80 0.89 -3.88
CA ASN B 148 20.66 1.78 -3.12
C ASN B 148 21.25 1.01 -1.95
N ALA B 149 21.80 1.73 -0.97
CA ALA B 149 22.29 1.09 0.25
C ALA B 149 21.18 0.36 0.99
N GLU B 150 19.92 0.52 0.57
CA GLU B 150 18.78 -0.15 1.18
C GLU B 150 18.09 -1.02 0.15
N GLY B 151 17.84 -2.28 0.53
CA GLY B 151 17.05 -3.16 -0.32
C GLY B 151 15.62 -3.19 0.16
N SER B 152 15.45 -3.04 1.46
CA SER B 152 14.17 -2.87 2.13
C SER B 152 13.28 -4.11 2.03
N ALA B 153 13.64 -5.06 1.17
CA ALA B 153 13.33 -6.47 1.29
C ALA B 153 12.00 -6.76 1.99
N TYR B 154 10.89 -6.19 1.53
CA TYR B 154 9.61 -6.55 2.11
C TYR B 154 9.37 -8.04 1.90
N THR B 155 8.38 -8.56 2.63
CA THR B 155 7.93 -9.93 2.43
C THR B 155 6.64 -10.09 3.21
N ASN B 156 5.91 -11.15 2.90
CA ASN B 156 4.73 -11.55 3.65
C ASN B 156 4.40 -12.96 3.18
N ALA B 157 3.54 -13.63 3.95
CA ALA B 157 3.04 -14.94 3.55
C ALA B 157 1.96 -15.35 4.52
N VAL B 158 0.99 -16.10 4.00
CA VAL B 158 -0.01 -16.78 4.80
C VAL B 158 -0.20 -18.15 4.19
N VAL B 159 -0.42 -19.14 5.03
CA VAL B 159 -0.71 -20.49 4.56
C VAL B 159 -1.90 -20.98 5.37
N ARG B 160 -3.08 -20.90 4.79
CA ARG B 160 -4.32 -21.14 5.52
C ARG B 160 -4.64 -22.61 5.69
N ASN B 161 -3.72 -23.51 5.33
CA ASN B 161 -3.91 -24.93 5.57
C ASN B 161 -2.63 -25.67 5.23
N ILE B 162 -2.34 -26.73 6.00
CA ILE B 162 -1.25 -27.63 5.66
C ILE B 162 -1.76 -29.06 5.63
N PHE B 163 -2.22 -29.56 6.78
CA PHE B 163 -2.74 -30.92 6.89
C PHE B 163 -4.26 -30.95 6.98
N GLY B 164 -4.92 -29.79 6.95
CA GLY B 164 -6.36 -29.75 7.11
C GLY B 164 -6.82 -28.61 8.00
N GLY B 165 -6.08 -28.30 9.07
CA GLY B 165 -6.46 -27.17 9.90
C GLY B 165 -5.32 -26.29 10.37
N ALA B 166 -4.09 -26.70 10.10
CA ALA B 166 -2.93 -25.96 10.59
C ALA B 166 -2.61 -24.77 9.70
N GLU B 167 -2.15 -23.69 10.30
CA GLU B 167 -1.92 -22.43 9.60
C GLU B 167 -0.54 -21.91 9.96
N THR B 168 -0.02 -21.00 9.14
CA THR B 168 1.28 -20.39 9.40
C THR B 168 1.20 -18.92 9.00
N LEU B 169 2.37 -18.28 8.93
CA LEU B 169 2.50 -16.87 8.58
C LEU B 169 3.99 -16.59 8.49
N THR B 170 4.33 -15.40 8.01
CA THR B 170 5.71 -14.93 7.96
C THR B 170 5.70 -13.47 7.58
N VAL B 171 6.66 -12.72 8.12
CA VAL B 171 6.90 -11.33 7.75
C VAL B 171 8.42 -11.16 7.68
N ASN B 172 8.85 -10.04 7.09
CA ASN B 172 10.28 -9.76 6.98
C ASN B 172 10.46 -8.33 6.50
N ALA B 173 11.54 -7.70 6.97
CA ALA B 173 12.03 -6.46 6.38
C ALA B 173 13.54 -6.42 6.62
N SER B 174 14.30 -6.93 5.64
CA SER B 174 15.76 -6.90 5.72
C SER B 174 16.28 -5.59 5.12
N THR B 175 15.89 -4.49 5.77
CA THR B 175 15.97 -3.17 5.16
C THR B 175 17.39 -2.81 4.74
N GLY B 176 18.40 -3.30 5.44
CA GLY B 176 19.76 -2.84 5.22
C GLY B 176 20.16 -1.66 6.09
N THR B 177 19.22 -1.11 6.87
CA THR B 177 19.53 -0.15 7.92
C THR B 177 19.28 -0.74 9.29
N ARG B 178 18.06 -1.21 9.55
CA ARG B 178 17.85 -2.13 10.67
C ARG B 178 18.43 -3.49 10.30
N THR B 179 18.94 -4.19 11.31
CA THR B 179 19.48 -5.52 11.08
C THR B 179 18.49 -6.40 10.33
N ARG B 180 17.32 -6.63 10.92
CA ARG B 180 16.24 -7.38 10.28
C ARG B 180 15.06 -7.41 11.22
N SER B 181 13.90 -7.77 10.67
CA SER B 181 12.75 -8.23 11.43
C SER B 181 12.37 -9.62 10.95
N ALA B 182 13.38 -10.36 10.50
CA ALA B 182 13.33 -11.52 9.64
C ALA B 182 12.81 -12.73 10.28
N TYR B 183 12.19 -12.69 11.46
CA TYR B 183 11.76 -13.93 12.08
C TYR B 183 10.28 -13.94 12.46
N ASN B 184 9.51 -12.94 12.07
CA ASN B 184 8.19 -12.77 12.64
C ASN B 184 7.22 -13.80 12.13
N ALA B 185 7.52 -15.08 12.38
CA ALA B 185 6.75 -16.21 11.85
C ALA B 185 5.95 -16.86 12.96
N THR B 186 4.77 -17.35 12.61
CA THR B 186 3.86 -17.95 13.57
C THR B 186 3.48 -19.36 13.13
N PHE B 187 2.50 -19.94 13.81
CA PHE B 187 2.02 -21.29 13.54
C PHE B 187 0.78 -21.51 14.38
N SER B 188 -0.14 -22.32 13.89
CA SER B 188 -1.40 -22.56 14.58
C SER B 188 -1.90 -23.96 14.27
N THR B 189 -2.56 -24.55 15.25
CA THR B 189 -3.18 -25.86 15.07
C THR B 189 -4.16 -26.16 16.19
N PRO B 190 -5.39 -26.58 15.88
CA PRO B 190 -6.24 -27.17 16.91
C PRO B 190 -5.59 -28.40 17.52
N ILE B 191 -6.17 -28.86 18.61
CA ILE B 191 -5.57 -29.92 19.41
C ILE B 191 -6.61 -31.00 19.67
N ASN B 192 -6.42 -32.16 19.05
CA ASN B 192 -7.16 -33.39 19.32
C ASN B 192 -8.67 -33.15 19.39
N GLY B 193 -9.18 -32.44 18.40
CA GLY B 193 -10.59 -32.52 18.11
C GLY B 193 -11.37 -31.25 17.87
N ASN B 194 -11.06 -30.16 18.55
CA ASN B 194 -11.91 -28.99 18.53
C ASN B 194 -11.09 -27.77 18.11
N PRO B 195 -11.74 -26.76 17.52
CA PRO B 195 -11.02 -25.53 17.18
C PRO B 195 -10.84 -24.59 18.35
N ASP B 196 -11.34 -24.96 19.53
CA ASP B 196 -11.16 -24.12 20.71
C ASP B 196 -9.74 -24.23 21.25
N LEU B 197 -9.30 -25.44 21.58
CA LEU B 197 -8.03 -25.62 22.28
C LEU B 197 -6.86 -25.41 21.33
N ARG B 198 -6.77 -24.23 20.74
CA ARG B 198 -5.70 -23.91 19.81
C ARG B 198 -4.34 -24.01 20.48
N LEU B 199 -3.30 -24.05 19.66
CA LEU B 199 -1.92 -23.97 20.10
C LEU B 199 -1.19 -23.07 19.13
N SER B 200 0.08 -22.77 19.40
CA SER B 200 0.81 -21.86 18.54
C SER B 200 2.28 -21.87 18.92
N VAL B 201 3.09 -21.33 18.02
CA VAL B 201 4.52 -21.10 18.22
C VAL B 201 4.90 -19.91 17.36
N GLU B 202 5.70 -19.01 17.92
CA GLU B 202 6.17 -17.84 17.20
C GLU B 202 7.59 -17.57 17.61
N ALA B 203 8.39 -17.02 16.70
CA ALA B 203 9.77 -16.64 17.01
C ALA B 203 9.95 -15.20 16.55
N LEU B 204 9.51 -14.25 17.39
CA LEU B 204 9.48 -12.87 16.97
C LEU B 204 10.87 -12.25 17.02
N ARG B 205 11.02 -11.15 16.29
CA ARG B 205 12.22 -10.33 16.37
C ARG B 205 11.87 -8.96 15.81
N SER B 206 12.03 -7.92 16.61
CA SER B 206 11.58 -6.60 16.22
C SER B 206 12.40 -5.55 16.94
N ALA B 207 12.11 -4.28 16.66
CA ALA B 207 12.75 -3.14 17.32
C ALA B 207 11.65 -2.22 17.81
N THR B 208 11.12 -2.50 18.99
CA THR B 208 10.01 -1.73 19.55
C THR B 208 10.55 -0.39 20.02
N GLN B 209 10.46 0.61 19.16
CA GLN B 209 10.99 1.93 19.48
C GLN B 209 10.12 2.59 20.53
N LYS B 210 10.76 3.31 21.45
CA LYS B 210 10.06 4.00 22.52
C LYS B 210 10.51 5.46 22.56
N PRO B 211 9.67 6.40 22.13
CA PRO B 211 10.06 7.81 22.25
C PRO B 211 9.96 8.35 23.65
N TRP B 212 8.92 7.97 24.40
CA TRP B 212 8.70 8.55 25.72
C TRP B 212 9.84 8.26 26.67
N ALA B 213 10.47 7.09 26.56
CA ALA B 213 11.74 6.81 27.24
C ALA B 213 12.77 6.66 26.14
N SER B 214 13.69 7.61 26.06
CA SER B 214 14.43 7.79 24.81
C SER B 214 15.42 6.67 24.56
N HIS B 215 14.89 5.51 24.20
CA HIS B 215 15.71 4.33 23.91
C HIS B 215 14.90 3.40 23.03
N GLU B 216 15.46 2.22 22.75
CA GLU B 216 14.81 1.23 21.90
C GLU B 216 14.98 -0.13 22.54
N GLU B 217 14.21 -1.10 22.02
CA GLU B 217 14.31 -2.47 22.49
C GLU B 217 14.49 -3.39 21.29
N HIS B 218 15.24 -4.46 21.49
CA HIS B 218 15.58 -5.40 20.43
C HIS B 218 15.18 -6.80 20.89
N LEU B 219 13.92 -7.16 20.67
CA LEU B 219 13.43 -8.46 21.07
C LEU B 219 13.83 -9.51 20.04
N THR B 220 14.25 -10.69 20.52
CA THR B 220 14.56 -11.80 19.64
C THR B 220 14.05 -13.11 20.23
N GLY B 221 12.82 -13.11 20.73
CA GLY B 221 12.32 -14.24 21.51
C GLY B 221 11.40 -15.17 20.74
N ALA B 222 10.93 -16.18 21.46
CA ALA B 222 9.98 -17.16 20.95
C ALA B 222 9.05 -17.58 22.07
N ASN B 223 7.82 -17.92 21.72
CA ASN B 223 6.82 -18.22 22.74
C ASN B 223 5.98 -19.41 22.32
N LEU B 224 4.91 -19.67 23.08
CA LEU B 224 4.11 -20.87 22.92
C LEU B 224 2.78 -20.65 23.63
N ARG B 225 1.67 -20.62 22.91
CA ARG B 225 0.39 -20.26 23.49
C ARG B 225 -0.53 -21.49 23.58
N LEU B 226 -1.65 -21.31 24.26
CA LEU B 226 -2.71 -22.32 24.33
C LEU B 226 -4.03 -21.58 24.52
N ALA B 227 -4.71 -21.27 23.42
CA ALA B 227 -5.82 -20.31 23.44
C ALA B 227 -7.16 -21.01 23.65
N TRP B 228 -7.28 -21.69 24.78
CA TRP B 228 -8.52 -22.37 25.11
C TRP B 228 -9.64 -21.35 25.24
N LEU B 229 -10.70 -21.52 24.45
CA LEU B 229 -11.91 -20.72 24.56
C LEU B 229 -13.02 -21.57 25.16
N THR B 230 -13.38 -21.30 26.41
CA THR B 230 -14.48 -21.99 27.04
C THR B 230 -15.79 -21.67 26.30
N GLU B 231 -16.73 -22.60 26.37
CA GLU B 231 -17.96 -22.51 25.59
C GLU B 231 -18.79 -21.28 25.93
N LYS B 232 -18.74 -20.80 27.17
CA LYS B 232 -19.63 -19.73 27.58
C LYS B 232 -19.17 -18.36 27.10
N GLY B 233 -18.02 -18.27 26.45
CA GLY B 233 -17.44 -17.00 26.05
C GLY B 233 -16.19 -16.63 26.81
N ASP B 234 -15.97 -17.24 27.96
CA ASP B 234 -14.77 -17.00 28.73
C ASP B 234 -13.56 -17.57 28.00
N THR B 235 -12.59 -16.72 27.70
CA THR B 235 -11.35 -17.14 27.08
C THR B 235 -10.32 -17.47 28.16
N HIS B 236 -9.29 -18.20 27.78
CA HIS B 236 -8.14 -18.43 28.64
C HIS B 236 -6.89 -18.31 27.78
N ALA B 237 -5.75 -18.66 28.35
CA ALA B 237 -4.50 -18.74 27.61
C ALA B 237 -3.37 -19.24 28.50
N LEU B 238 -2.19 -19.41 27.91
CA LEU B 238 -0.93 -19.53 28.63
C LEU B 238 0.14 -18.93 27.74
N ALA B 239 1.40 -19.10 28.13
CA ALA B 239 2.52 -18.64 27.32
C ALA B 239 3.80 -19.10 27.99
N TYR B 240 4.88 -19.07 27.21
CA TYR B 240 6.23 -19.28 27.73
C TYR B 240 7.16 -18.60 26.73
N SER B 241 7.57 -17.38 27.05
CA SER B 241 8.22 -16.52 26.06
C SER B 241 9.62 -16.13 26.54
N SER B 242 10.60 -16.99 26.27
CA SER B 242 11.98 -16.62 26.50
C SER B 242 12.40 -15.62 25.43
N VAL B 243 12.75 -14.40 25.86
CA VAL B 243 13.12 -13.34 24.92
C VAL B 243 14.53 -12.85 25.26
N TRP B 244 15.00 -11.85 24.53
CA TRP B 244 16.36 -11.35 24.72
C TRP B 244 16.40 -9.91 25.20
N ARG B 245 15.56 -9.04 24.66
CA ARG B 245 15.19 -7.79 25.33
C ARG B 245 16.41 -6.92 25.61
N GLN B 246 17.02 -6.45 24.53
CA GLN B 246 18.18 -5.57 24.61
C GLN B 246 17.77 -4.11 24.41
N LEU B 247 18.46 -3.21 25.11
CA LEU B 247 18.19 -1.78 25.03
C LEU B 247 19.42 -1.09 24.47
N THR B 248 19.29 -0.47 23.28
CA THR B 248 20.45 0.11 22.64
C THR B 248 20.19 1.43 21.95
N GLY B 249 19.10 2.13 22.27
CA GLY B 249 18.77 3.31 21.50
C GLY B 249 19.02 4.62 22.22
N LEU B 250 19.98 4.66 23.14
CA LEU B 250 20.16 5.84 23.97
C LEU B 250 20.81 6.96 23.19
N ALA B 251 20.13 7.49 22.17
CA ALA B 251 20.79 8.45 21.29
C ALA B 251 20.93 9.83 21.94
N PRO B 252 19.84 10.52 22.29
CA PRO B 252 20.00 11.88 22.82
C PRO B 252 20.35 11.84 24.29
N THR B 253 20.39 13.00 24.94
CA THR B 253 20.48 13.02 26.38
C THR B 253 19.23 12.36 26.96
N ALA B 254 19.39 11.15 27.50
CA ALA B 254 18.22 10.40 27.95
C ALA B 254 17.95 10.60 29.43
N SER B 255 18.84 10.09 30.29
CA SER B 255 18.73 10.22 31.73
C SER B 255 19.93 9.54 32.36
N PRO B 256 20.18 9.73 33.65
CA PRO B 256 21.09 8.83 34.35
C PRO B 256 20.34 7.63 34.94
N THR B 257 19.09 7.45 34.53
CA THR B 257 18.31 6.27 34.88
C THR B 257 18.30 5.26 33.74
N VAL B 258 17.99 5.71 32.53
CA VAL B 258 17.95 4.85 31.35
C VAL B 258 19.37 4.65 30.86
N ARG B 259 20.34 5.21 31.57
CA ARG B 259 21.73 4.87 31.39
C ARG B 259 22.23 3.89 32.43
N ALA B 260 21.34 3.38 33.27
CA ALA B 260 21.66 2.26 34.14
C ALA B 260 21.00 0.97 33.70
N ASP B 261 20.17 1.01 32.67
CA ASP B 261 19.49 -0.17 32.14
C ASP B 261 19.77 -0.21 30.64
N ALA B 262 20.91 -0.77 30.26
CA ALA B 262 21.24 -0.89 28.85
C ALA B 262 21.76 -2.27 28.50
N GLY B 263 21.73 -3.20 29.44
CA GLY B 263 22.27 -4.53 29.21
C GLY B 263 21.31 -5.45 28.48
N ASP B 264 21.13 -6.66 29.00
CA ASP B 264 20.29 -7.66 28.36
C ASP B 264 19.50 -8.39 29.44
N SER B 265 18.70 -9.36 29.01
CA SER B 265 17.83 -10.08 29.93
C SER B 265 17.27 -11.30 29.20
N LEU B 266 16.67 -12.21 29.96
CA LEU B 266 16.01 -13.36 29.37
C LEU B 266 14.51 -13.33 29.57
N LYS B 267 14.03 -13.26 30.80
CA LYS B 267 12.61 -13.12 31.13
C LYS B 267 11.79 -14.27 30.53
N SER B 268 12.06 -15.48 31.03
CA SER B 268 11.31 -16.66 30.60
C SER B 268 9.97 -16.68 31.33
N SER B 269 9.05 -15.86 30.83
CA SER B 269 7.79 -15.63 31.52
C SER B 269 6.83 -16.81 31.34
N LEU B 270 5.67 -16.70 31.98
CA LEU B 270 4.57 -17.63 31.76
C LEU B 270 3.29 -16.92 32.18
N THR B 271 2.55 -16.40 31.19
CA THR B 271 1.39 -15.57 31.52
C THR B 271 0.17 -16.44 31.77
N HIS B 272 -0.97 -15.81 32.01
CA HIS B 272 -2.26 -16.51 31.98
C HIS B 272 -3.33 -15.45 31.73
N THR B 273 -3.80 -15.33 30.50
CA THR B 273 -4.76 -14.29 30.17
C THR B 273 -6.12 -14.75 30.69
N PHE B 274 -7.18 -14.02 30.33
CA PHE B 274 -8.55 -14.29 30.73
C PHE B 274 -9.43 -13.28 30.02
N THR B 275 -10.73 -13.54 30.01
CA THR B 275 -11.71 -12.59 29.51
C THR B 275 -13.09 -13.10 29.86
N ARG B 276 -13.95 -12.20 30.32
CA ARG B 276 -15.37 -12.51 30.47
C ARG B 276 -16.11 -11.40 29.74
N ASP B 277 -16.25 -11.55 28.44
CA ASP B 277 -16.76 -10.47 27.61
C ASP B 277 -18.26 -10.64 27.39
N ARG B 278 -19.05 -9.82 28.08
CA ARG B 278 -20.47 -9.72 27.82
C ARG B 278 -20.82 -8.44 27.08
N ARG B 279 -19.83 -7.78 26.47
CA ARG B 279 -20.06 -6.48 25.86
C ARG B 279 -20.92 -6.60 24.61
N ASP B 280 -21.83 -5.64 24.46
CA ASP B 280 -22.79 -5.67 23.35
C ASP B 280 -22.15 -5.28 22.02
N ASN B 281 -21.13 -4.43 22.04
CA ASN B 281 -20.42 -4.04 20.84
C ASN B 281 -18.97 -3.88 21.24
N PRO B 282 -18.06 -4.67 20.67
CA PRO B 282 -16.68 -4.71 21.20
C PRO B 282 -15.99 -3.35 21.24
N MET B 283 -16.29 -2.47 20.30
CA MET B 283 -15.68 -1.15 20.27
C MET B 283 -16.47 -0.12 21.05
N LEU B 284 -17.80 -0.20 21.02
CA LEU B 284 -18.69 0.78 21.66
C LEU B 284 -19.43 0.12 22.81
N PRO B 285 -18.90 0.20 24.02
CA PRO B 285 -19.59 -0.40 25.17
C PRO B 285 -20.83 0.41 25.52
N GLN B 286 -21.99 -0.13 25.19
CA GLN B 286 -23.26 0.55 25.46
C GLN B 286 -23.99 -0.05 26.64
N SER B 287 -24.14 -1.38 26.68
CA SER B 287 -24.83 -2.03 27.78
C SER B 287 -24.17 -3.32 28.22
N GLY B 288 -22.94 -3.60 27.80
CA GLY B 288 -22.34 -4.88 28.05
C GLY B 288 -21.63 -5.01 29.38
N TYR B 289 -20.37 -5.43 29.33
CA TYR B 289 -19.62 -5.83 30.52
C TYR B 289 -18.20 -6.11 30.06
N LEU B 290 -17.32 -6.42 31.01
CA LEU B 290 -15.97 -6.86 30.70
C LEU B 290 -15.29 -7.31 31.99
N PHE B 291 -14.15 -7.96 31.81
CA PHE B 291 -13.29 -8.44 32.90
C PHE B 291 -12.04 -9.00 32.25
N ARG B 292 -10.89 -8.88 32.89
CA ARG B 292 -9.66 -9.47 32.36
C ARG B 292 -8.76 -9.86 33.52
N SER B 293 -7.63 -10.46 33.18
CA SER B 293 -6.53 -10.70 34.10
C SER B 293 -5.32 -11.15 33.32
N VAL B 294 -4.17 -10.51 33.52
CA VAL B 294 -2.93 -10.91 32.87
C VAL B 294 -1.91 -11.08 33.99
N SER B 295 -1.82 -12.27 34.54
CA SER B 295 -0.93 -12.55 35.66
C SER B 295 0.19 -13.46 35.18
N GLU B 296 1.42 -12.95 35.22
CA GLU B 296 2.55 -13.71 34.73
C GLU B 296 3.61 -13.83 35.81
N LEU B 297 4.34 -14.93 35.76
CA LEU B 297 5.41 -15.24 36.71
C LEU B 297 6.67 -15.37 35.89
N ALA B 298 7.63 -14.47 36.10
CA ALA B 298 8.70 -14.28 35.13
C ALA B 298 9.92 -15.16 35.38
N GLY B 299 10.60 -15.01 36.50
CA GLY B 299 11.73 -15.88 36.74
C GLY B 299 11.71 -16.45 38.13
N TRP B 300 11.59 -17.77 38.23
CA TRP B 300 11.50 -18.42 39.53
C TRP B 300 11.56 -19.92 39.36
N GLY B 301 12.23 -20.61 40.29
CA GLY B 301 12.31 -22.05 40.27
C GLY B 301 12.72 -22.61 38.93
N PRO B 302 11.81 -23.31 38.26
CA PRO B 302 12.14 -23.82 36.93
C PRO B 302 12.19 -22.74 35.88
N LEU B 303 11.34 -21.73 35.98
CA LEU B 303 11.37 -20.62 35.02
C LEU B 303 12.64 -19.81 35.30
N ASN B 304 13.68 -20.06 34.51
CA ASN B 304 14.98 -19.47 34.75
C ASN B 304 15.17 -18.21 33.91
N GLY B 305 16.35 -17.61 34.05
CA GLY B 305 16.65 -16.35 33.40
C GLY B 305 17.42 -15.45 34.34
N ASP B 306 17.19 -14.15 34.28
CA ASP B 306 17.77 -13.23 35.24
C ASP B 306 16.74 -12.42 36.02
N VAL B 307 15.75 -11.84 35.34
CA VAL B 307 14.72 -11.08 36.04
C VAL B 307 13.82 -12.02 36.81
N SER B 308 13.13 -11.48 37.82
CA SER B 308 12.30 -12.30 38.70
C SER B 308 11.23 -11.43 39.32
N PHE B 309 9.96 -11.70 39.01
CA PHE B 309 8.86 -10.95 39.59
C PHE B 309 7.57 -11.73 39.41
N ALA B 310 6.44 -11.09 39.69
CA ALA B 310 5.13 -11.67 39.40
C ALA B 310 4.16 -10.51 39.16
N LYS B 311 4.00 -10.14 37.89
CA LYS B 311 3.17 -9.01 37.51
C LYS B 311 1.72 -9.46 37.43
N THR B 312 0.81 -8.69 38.03
CA THR B 312 -0.59 -9.10 38.18
C THR B 312 -1.50 -7.95 37.79
N GLU B 313 -1.86 -7.86 36.51
CA GLU B 313 -2.70 -6.79 36.00
C GLU B 313 -4.14 -7.27 35.94
N VAL B 314 -5.06 -6.49 36.48
CA VAL B 314 -6.48 -6.82 36.50
C VAL B 314 -7.19 -5.81 35.60
N GLU B 315 -8.50 -5.93 35.45
CA GLU B 315 -9.28 -4.93 34.75
C GLU B 315 -10.73 -5.01 35.24
N ALA B 316 -11.57 -4.18 34.64
CA ALA B 316 -13.01 -4.23 34.79
C ALA B 316 -13.58 -3.26 33.76
N SER B 317 -14.90 -3.15 33.73
CA SER B 317 -15.56 -2.18 32.86
C SER B 317 -17.03 -2.15 33.27
N GLY B 318 -17.85 -1.50 32.45
CA GLY B 318 -19.28 -1.48 32.68
C GLY B 318 -19.97 -0.66 31.62
N ALA B 319 -21.29 -0.62 31.74
CA ALA B 319 -22.16 0.22 30.92
C ALA B 319 -23.58 0.07 31.45
N LEU B 320 -24.36 1.12 31.36
CA LEU B 320 -25.72 1.04 31.87
C LEU B 320 -26.60 2.12 31.24
N PRO B 321 -27.25 1.85 30.12
CA PRO B 321 -28.16 2.84 29.53
C PRO B 321 -29.41 3.00 30.39
N VAL B 322 -29.55 4.15 31.02
CA VAL B 322 -30.66 4.40 31.93
C VAL B 322 -31.83 5.01 31.17
N LYS B 330 -35.15 3.44 22.26
CA LYS B 330 -33.78 3.05 22.64
C LYS B 330 -32.89 4.29 22.73
N SER B 331 -33.00 5.00 23.85
CA SER B 331 -32.12 6.14 24.11
C SER B 331 -30.73 5.65 24.48
N GLY B 332 -29.76 5.90 23.62
CA GLY B 332 -28.41 5.44 23.86
C GLY B 332 -27.64 6.29 24.84
N VAL B 333 -28.19 6.51 26.03
CA VAL B 333 -27.51 7.32 27.04
C VAL B 333 -26.18 6.66 27.41
N SER B 334 -26.22 5.38 27.78
CA SER B 334 -25.04 4.53 27.88
C SER B 334 -23.98 5.12 28.82
N VAL B 335 -24.36 5.21 30.09
CA VAL B 335 -23.41 5.60 31.12
C VAL B 335 -22.20 4.69 31.04
N GLY B 336 -21.01 5.24 31.27
CA GLY B 336 -19.78 4.50 31.10
C GLY B 336 -19.19 3.98 32.41
N GLY B 337 -17.99 3.44 32.30
CA GLY B 337 -17.29 2.92 33.44
C GLY B 337 -15.86 2.58 33.08
N GLY B 338 -15.15 2.02 34.05
CA GLY B 338 -13.78 1.61 33.85
C GLY B 338 -13.05 1.49 35.16
N LEU B 339 -12.05 0.62 35.19
CA LEU B 339 -11.18 0.43 36.34
C LEU B 339 -10.07 -0.52 35.95
N ARG B 340 -8.89 -0.31 36.53
CA ARG B 340 -7.76 -1.20 36.32
C ARG B 340 -6.98 -1.30 37.62
N LEU B 341 -5.98 -2.17 37.64
CA LEU B 341 -5.08 -2.32 38.77
C LEU B 341 -3.73 -2.78 38.25
N GLY B 342 -2.87 -3.22 39.15
CA GLY B 342 -1.58 -3.76 38.76
C GLY B 342 -0.61 -3.82 39.92
N VAL B 343 0.26 -4.83 39.94
CA VAL B 343 1.26 -5.01 40.98
C VAL B 343 2.46 -5.69 40.36
N LEU B 344 3.67 -5.23 40.69
CA LEU B 344 4.91 -5.83 40.20
C LEU B 344 5.72 -6.23 41.42
N TYR B 345 5.60 -7.48 41.84
CA TYR B 345 6.21 -7.94 43.08
C TYR B 345 7.48 -8.71 42.80
N PRO B 346 8.66 -8.19 43.15
CA PRO B 346 9.90 -8.95 42.94
C PRO B 346 9.88 -10.27 43.71
N LEU B 347 10.73 -11.20 43.26
CA LEU B 347 10.78 -12.54 43.81
C LEU B 347 12.21 -13.02 43.78
N PRO B 348 12.57 -13.98 44.63
CA PRO B 348 13.91 -14.57 44.55
C PRO B 348 14.13 -15.32 43.25
N LEU B 349 15.30 -15.93 43.09
CA LEU B 349 15.63 -16.61 41.85
C LEU B 349 15.60 -18.13 41.93
N GLY B 350 15.83 -18.72 43.09
CA GLY B 350 15.85 -20.16 43.12
C GLY B 350 14.86 -20.82 44.07
N TYR B 351 13.83 -21.44 43.49
CA TYR B 351 12.94 -22.39 44.15
C TYR B 351 12.58 -22.05 45.59
N SER B 352 12.31 -20.77 45.86
CA SER B 352 12.01 -20.37 47.22
C SER B 352 11.18 -19.10 47.18
N LEU B 353 10.83 -18.60 48.36
CA LEU B 353 10.06 -17.38 48.50
C LEU B 353 10.76 -16.36 49.39
N THR B 354 11.79 -16.75 50.13
CA THR B 354 12.54 -15.83 50.97
C THR B 354 13.99 -15.82 50.52
N GLY B 355 14.61 -14.65 50.62
CA GLY B 355 15.99 -14.51 50.20
C GLY B 355 16.24 -13.26 49.39
N ALA B 356 17.18 -13.34 48.44
CA ALA B 356 17.50 -12.18 47.61
C ALA B 356 16.30 -11.79 46.75
N ALA B 357 16.29 -10.54 46.31
CA ALA B 357 15.25 -10.05 45.41
C ALA B 357 15.79 -8.80 44.74
N GLN B 358 16.00 -8.87 43.43
CA GLN B 358 16.56 -7.70 42.79
C GLN B 358 15.44 -6.83 42.23
N PRO B 359 15.43 -5.53 42.51
CA PRO B 359 14.28 -4.70 42.17
C PRO B 359 14.04 -4.54 40.67
N SER B 360 13.00 -3.83 40.31
CA SER B 360 12.50 -3.81 38.95
C SER B 360 13.45 -3.04 38.03
N ARG B 361 13.36 -3.35 36.74
CA ARG B 361 14.05 -2.64 35.68
C ARG B 361 13.07 -1.72 34.97
N ILE B 362 13.56 -1.03 33.93
CA ILE B 362 12.68 -0.20 33.12
C ILE B 362 12.01 -1.00 32.02
N ASN B 363 12.34 -2.28 31.87
CA ASN B 363 11.68 -3.10 30.88
C ASN B 363 10.39 -3.73 31.39
N ASP B 364 10.21 -3.82 32.71
CA ASP B 364 9.12 -4.57 33.30
C ASP B 364 8.16 -3.72 34.13
N ARG B 365 8.14 -2.41 33.95
CA ARG B 365 7.32 -1.58 34.81
C ARG B 365 6.17 -0.95 34.03
N PHE B 366 5.06 -0.73 34.74
CA PHE B 366 3.85 -0.21 34.13
C PHE B 366 4.01 1.25 33.77
N GLN B 367 3.47 1.63 32.61
CA GLN B 367 3.41 3.03 32.20
C GLN B 367 1.95 3.38 31.95
N LEU B 368 1.47 4.41 32.63
CA LEU B 368 0.04 4.74 32.68
C LEU B 368 -0.19 6.12 32.08
N GLY B 369 -0.61 6.15 30.82
CA GLY B 369 -0.96 7.41 30.21
C GLY B 369 -1.12 7.24 28.72
N GLY B 370 -1.63 8.29 28.10
CA GLY B 370 -1.74 8.34 26.66
C GLY B 370 -3.17 8.32 26.17
N PRO B 371 -3.34 8.48 24.87
CA PRO B 371 -4.70 8.51 24.30
C PRO B 371 -5.42 7.18 24.38
N ASN B 372 -4.74 6.09 24.73
CA ASN B 372 -5.37 4.78 24.76
C ASN B 372 -5.73 4.31 26.15
N ASP B 373 -5.09 4.83 27.20
CA ASP B 373 -5.33 4.35 28.56
C ASP B 373 -5.96 5.42 29.43
N VAL B 374 -5.33 6.57 29.58
CA VAL B 374 -5.85 7.68 30.38
C VAL B 374 -5.76 8.91 29.50
N ARG B 375 -6.90 9.31 28.93
CA ARG B 375 -6.91 10.47 28.05
C ARG B 375 -6.52 11.72 28.83
N GLY B 376 -5.91 12.66 28.13
CA GLY B 376 -5.52 13.92 28.73
C GLY B 376 -4.08 14.02 29.18
N PHE B 377 -3.20 13.16 28.69
CA PHE B 377 -1.80 13.21 29.06
C PHE B 377 -0.96 12.76 27.88
N LYS B 378 0.33 13.10 27.92
CA LYS B 378 1.26 12.71 26.88
C LYS B 378 1.29 11.20 26.76
N ILE B 379 1.81 10.67 25.65
CA ILE B 379 1.77 9.23 25.41
C ILE B 379 2.33 8.45 26.58
N GLY B 380 3.35 8.98 27.25
CA GLY B 380 3.75 8.43 28.52
C GLY B 380 3.82 9.49 29.59
N GLY B 381 2.90 9.43 30.55
CA GLY B 381 2.89 10.39 31.62
C GLY B 381 2.52 9.72 32.92
N LEU B 382 2.24 10.50 33.96
CA LEU B 382 1.79 9.97 35.24
C LEU B 382 2.73 8.87 35.74
N GLY B 383 3.97 9.24 35.99
CA GLY B 383 4.93 8.28 36.45
C GLY B 383 5.98 8.90 37.34
N PRO B 384 6.87 8.09 37.86
CA PRO B 384 8.06 8.63 38.54
C PRO B 384 9.01 9.17 37.48
N HIS B 385 8.69 10.35 36.99
CA HIS B 385 9.43 10.94 35.90
C HIS B 385 10.84 11.33 36.33
N ASP B 386 11.78 11.20 35.40
CA ASP B 386 13.17 11.62 35.60
C ASP B 386 13.46 12.68 34.54
N GLY B 387 13.36 13.94 34.94
CA GLY B 387 13.58 15.03 34.00
C GLY B 387 12.57 15.00 32.86
N VAL B 388 13.05 14.62 31.67
CA VAL B 388 12.21 14.53 30.49
C VAL B 388 11.80 13.10 30.18
N ASP B 389 12.46 12.12 30.79
CA ASP B 389 12.29 10.73 30.40
C ASP B 389 11.34 10.04 31.38
N ALA B 390 10.45 9.20 30.85
CA ALA B 390 9.34 8.63 31.61
C ALA B 390 9.70 7.24 32.08
N VAL B 391 10.23 7.15 33.30
CA VAL B 391 10.48 5.87 33.92
C VAL B 391 9.19 5.34 34.53
N GLY B 392 8.88 4.07 34.27
CA GLY B 392 7.67 3.49 34.79
C GLY B 392 7.76 3.16 36.27
N GLY B 393 6.60 3.01 36.90
CA GLY B 393 6.50 2.65 38.30
C GLY B 393 5.97 1.23 38.47
N ASP B 394 6.10 0.72 39.69
CA ASP B 394 5.73 -0.66 39.94
C ASP B 394 4.23 -0.81 40.16
N VAL B 395 3.71 -0.24 41.24
CA VAL B 395 2.31 -0.37 41.59
C VAL B 395 1.52 0.75 40.95
N PHE B 396 0.30 0.46 40.50
CA PHE B 396 -0.52 1.52 39.95
C PHE B 396 -1.99 1.13 39.99
N ALA B 397 -2.84 2.10 39.70
CA ALA B 397 -4.27 1.90 39.57
C ALA B 397 -4.75 2.82 38.45
N ALA B 398 -6.06 2.88 38.24
CA ALA B 398 -6.60 3.71 37.18
C ALA B 398 -8.06 3.99 37.48
N GLY B 399 -8.80 4.43 36.47
CA GLY B 399 -10.21 4.67 36.63
C GLY B 399 -10.73 5.40 35.40
N SER B 400 -12.05 5.60 35.42
CA SER B 400 -12.72 6.41 34.41
C SER B 400 -14.19 6.46 34.74
N VAL B 401 -14.86 7.46 34.16
CA VAL B 401 -16.31 7.53 34.07
C VAL B 401 -16.60 8.08 32.68
N ASN B 402 -17.72 7.71 32.10
CA ASN B 402 -18.01 8.10 30.73
C ASN B 402 -19.49 8.41 30.58
N ALA B 403 -19.80 9.11 29.50
CA ALA B 403 -21.18 9.48 29.19
C ALA B 403 -21.68 8.93 27.87
N LEU B 404 -20.92 9.08 26.79
CA LEU B 404 -21.30 8.59 25.46
C LEU B 404 -22.74 9.00 25.11
N LEU B 405 -22.92 10.31 24.99
CA LEU B 405 -24.22 10.82 24.63
C LEU B 405 -24.54 10.46 23.18
N PRO B 406 -25.78 10.07 22.88
CA PRO B 406 -26.17 9.86 21.49
C PRO B 406 -26.65 11.17 20.87
N LEU B 407 -26.33 11.33 19.59
CA LEU B 407 -26.64 12.55 18.85
C LEU B 407 -28.13 12.85 18.94
N PRO B 408 -28.52 13.88 19.67
CA PRO B 408 -29.96 14.12 19.90
C PRO B 408 -30.69 14.47 18.61
N ARG B 409 -31.99 14.22 18.63
CA ARG B 409 -32.89 14.47 17.50
C ARG B 409 -32.48 13.70 16.25
N THR B 410 -31.71 12.64 16.41
CA THR B 410 -31.30 11.76 15.32
C THR B 410 -31.61 10.30 15.58
N GLY B 411 -31.48 9.84 16.83
CA GLY B 411 -31.82 8.49 17.19
C GLY B 411 -30.61 7.57 17.24
N PRO B 412 -30.83 6.30 17.60
CA PRO B 412 -29.73 5.32 17.58
C PRO B 412 -29.32 4.97 16.16
N ASP B 413 -28.83 5.97 15.43
CA ASP B 413 -28.35 5.81 14.06
C ASP B 413 -26.91 5.33 14.07
N SER B 414 -26.21 5.51 12.94
CA SER B 414 -24.84 5.08 12.70
C SER B 414 -23.95 5.31 13.92
N PRO B 415 -22.94 4.45 14.14
CA PRO B 415 -22.34 4.31 15.47
C PRO B 415 -21.91 5.60 16.18
N LEU B 416 -21.59 6.64 15.43
CA LEU B 416 -21.02 7.87 15.99
C LEU B 416 -21.85 8.38 17.17
N ARG B 417 -21.16 8.74 18.25
CA ARG B 417 -21.81 9.29 19.44
C ARG B 417 -20.94 10.38 20.05
N LEU B 418 -21.42 10.96 21.14
CA LEU B 418 -20.65 11.91 21.92
C LEU B 418 -19.86 11.17 23.00
N GLN B 419 -19.19 11.93 23.86
CA GLN B 419 -18.39 11.35 24.93
C GLN B 419 -17.99 12.43 25.92
N LEU B 420 -18.21 12.16 27.21
CA LEU B 420 -17.84 13.10 28.27
C LEU B 420 -17.16 12.31 29.40
N TYR B 421 -15.84 12.31 29.43
CA TYR B 421 -15.09 11.45 30.32
C TYR B 421 -14.48 12.23 31.48
N ALA B 422 -14.16 11.50 32.55
CA ALA B 422 -13.40 12.05 33.67
C ALA B 422 -12.47 10.95 34.18
N ASN B 423 -11.25 10.92 33.65
CA ASN B 423 -10.33 9.83 33.91
C ASN B 423 -9.71 9.98 35.30
N ALA B 424 -8.67 9.21 35.56
CA ALA B 424 -7.91 9.26 36.80
C ALA B 424 -6.58 8.57 36.54
N GLY B 425 -5.85 8.25 37.59
CA GLY B 425 -4.62 7.51 37.43
C GLY B 425 -3.58 7.84 38.47
N ARG B 426 -2.84 6.84 38.92
CA ARG B 426 -1.82 7.05 39.94
C ARG B 426 -0.82 5.90 39.83
N LEU B 427 0.32 6.16 39.20
CA LEU B 427 1.37 5.17 38.97
C LEU B 427 2.55 5.51 39.87
N VAL B 428 2.51 4.98 41.09
CA VAL B 428 3.61 5.17 42.02
C VAL B 428 4.72 4.21 41.66
N ALA B 429 5.90 4.40 42.25
CA ALA B 429 6.99 3.45 42.12
C ALA B 429 7.29 2.87 43.49
N LEU B 430 8.08 1.79 43.50
CA LEU B 430 8.39 1.09 44.73
C LEU B 430 9.72 1.58 45.29
N ASN B 431 9.65 2.41 46.32
CA ASN B 431 10.81 2.79 47.12
C ASN B 431 10.94 1.83 48.29
N SER B 432 12.08 1.89 48.97
CA SER B 432 12.28 1.07 50.16
C SER B 432 12.29 1.91 51.44
N LYS B 433 13.22 2.85 51.55
CA LYS B 433 13.29 3.78 52.70
C LYS B 433 13.15 3.05 54.04
N GLY B 434 13.57 1.80 54.09
CA GLY B 434 13.41 1.01 55.29
C GLY B 434 14.71 0.53 55.88
N THR B 435 14.96 -0.78 55.80
CA THR B 435 16.16 -1.39 56.34
C THR B 435 17.32 -1.13 55.40
N ASP B 436 18.14 -0.15 55.73
CA ASP B 436 19.28 0.21 54.91
C ASP B 436 20.50 -0.57 55.37
N GLU B 441 26.33 -5.36 49.59
CA GLU B 441 24.97 -5.55 49.11
C GLU B 441 24.59 -4.46 48.10
N GLY B 442 24.74 -4.79 46.82
CA GLY B 442 24.40 -3.86 45.76
C GLY B 442 22.91 -3.66 45.61
N LEU B 443 22.21 -4.69 45.13
CA LEU B 443 20.76 -4.67 44.98
C LEU B 443 20.22 -6.00 45.47
N ALA B 444 19.96 -6.10 46.77
CA ALA B 444 19.50 -7.36 47.34
C ALA B 444 18.62 -7.03 48.54
N MET B 445 17.31 -7.05 48.34
CA MET B 445 16.35 -6.83 49.40
C MET B 445 15.71 -8.16 49.79
N ASP B 446 15.81 -8.49 51.08
CA ASP B 446 15.20 -9.72 51.54
C ASP B 446 13.68 -9.59 51.57
N SER B 447 13.00 -10.74 51.64
CA SER B 447 11.55 -10.77 51.51
C SER B 447 10.87 -9.86 52.52
N ALA B 448 11.45 -9.76 53.72
CA ALA B 448 10.85 -8.91 54.76
C ALA B 448 10.83 -7.44 54.32
N ALA B 449 11.89 -6.99 53.65
CA ALA B 449 11.98 -5.58 53.31
C ALA B 449 11.06 -5.22 52.14
N VAL B 450 11.16 -5.95 51.04
CA VAL B 450 10.36 -5.64 49.86
C VAL B 450 8.88 -5.71 50.19
N PHE B 451 8.49 -6.62 51.07
CA PHE B 451 7.09 -6.70 51.48
C PHE B 451 6.67 -5.40 52.17
N LYS B 452 7.46 -4.96 53.14
CA LYS B 452 7.17 -3.70 53.82
C LYS B 452 7.43 -2.49 52.93
N GLY B 453 7.93 -2.69 51.72
CA GLY B 453 8.02 -1.62 50.75
C GLY B 453 6.72 -1.41 50.02
N VAL B 454 6.23 -2.46 49.35
CA VAL B 454 4.98 -2.36 48.61
C VAL B 454 3.82 -2.07 49.55
N LYS B 455 3.81 -2.74 50.70
CA LYS B 455 2.77 -2.48 51.70
C LYS B 455 2.70 -1.00 52.05
N SER B 456 3.83 -0.29 52.00
CA SER B 456 3.83 1.15 52.19
C SER B 456 3.76 1.90 50.86
N ALA B 457 4.33 1.32 49.79
CA ALA B 457 4.20 1.94 48.48
C ALA B 457 2.82 1.79 47.89
N VAL B 458 1.87 1.23 48.62
CA VAL B 458 0.47 1.25 48.22
C VAL B 458 -0.29 2.31 49.00
N GLY B 459 0.24 2.78 50.14
CA GLY B 459 -0.39 3.87 50.85
C GLY B 459 -0.37 5.16 50.05
N LYS B 460 0.69 5.39 49.28
CA LYS B 460 0.74 6.54 48.38
C LYS B 460 -0.36 6.48 47.34
N LEU B 461 -0.90 5.29 47.07
CA LEU B 461 -2.00 5.18 46.12
C LEU B 461 -3.30 5.70 46.72
N THR B 462 -3.55 5.37 47.99
CA THR B 462 -4.79 5.80 48.64
C THR B 462 -4.85 7.31 48.78
N ASN B 463 -3.88 7.88 49.49
CA ASN B 463 -3.90 9.31 49.78
C ASN B 463 -3.73 10.13 48.50
N GLY B 464 -4.26 11.35 48.55
CA GLY B 464 -4.10 12.29 47.46
C GLY B 464 -5.07 12.11 46.32
N ILE B 465 -5.62 13.21 45.82
CA ILE B 465 -6.47 13.19 44.63
C ILE B 465 -5.58 12.85 43.44
N PRO B 466 -5.73 11.69 42.83
CA PRO B 466 -4.68 11.18 41.93
C PRO B 466 -4.38 12.06 40.74
N SER B 467 -5.39 12.24 39.89
CA SER B 467 -5.36 13.05 38.68
C SER B 467 -6.76 12.99 38.10
N LEU B 468 -7.14 14.00 37.34
CA LEU B 468 -8.50 14.04 36.82
C LEU B 468 -8.50 14.76 35.49
N ALA B 469 -8.46 14.02 34.40
CA ALA B 469 -8.70 14.62 33.11
C ALA B 469 -10.19 14.90 32.97
N ALA B 470 -10.56 15.62 31.91
CA ALA B 470 -11.96 15.95 31.65
C ALA B 470 -12.06 16.59 30.28
N GLY B 471 -13.14 16.29 29.58
CA GLY B 471 -13.36 16.92 28.29
C GLY B 471 -14.55 16.40 27.52
N VAL B 472 -14.47 16.48 26.19
CA VAL B 472 -15.50 15.99 25.29
C VAL B 472 -14.82 15.34 24.10
N GLY B 473 -15.59 14.55 23.35
CA GLY B 473 -15.02 13.83 22.24
C GLY B 473 -16.08 13.43 21.23
N LEU B 474 -15.63 12.79 20.17
CA LEU B 474 -16.50 12.42 19.04
C LEU B 474 -16.13 10.99 18.62
N VAL B 475 -16.82 10.01 19.20
CA VAL B 475 -16.52 8.61 18.95
C VAL B 475 -17.04 8.20 17.58
N TYR B 476 -16.32 7.31 16.92
CA TYR B 476 -16.74 6.72 15.65
C TYR B 476 -16.49 5.22 15.73
N ALA B 477 -17.48 4.48 16.23
CA ALA B 477 -17.30 3.06 16.53
C ALA B 477 -17.29 2.25 15.24
N HIS B 478 -16.16 2.32 14.54
CA HIS B 478 -15.94 1.47 13.38
C HIS B 478 -16.00 0.01 13.81
N PRO B 479 -16.33 -0.89 12.88
CA PRO B 479 -16.38 -2.31 13.24
C PRO B 479 -15.06 -2.88 13.75
N VAL B 480 -13.93 -2.48 13.18
CA VAL B 480 -12.64 -3.06 13.54
C VAL B 480 -11.84 -2.20 14.50
N ALA B 481 -12.14 -0.90 14.60
CA ALA B 481 -11.36 0.00 15.45
C ALA B 481 -12.32 0.89 16.21
N ARG B 482 -11.77 1.97 16.77
CA ARG B 482 -12.54 2.96 17.50
C ARG B 482 -11.78 4.27 17.49
N PHE B 483 -12.29 5.26 16.76
CA PHE B 483 -11.65 6.56 16.65
C PHE B 483 -12.29 7.52 17.65
N GLU B 484 -11.46 8.37 18.26
CA GLU B 484 -11.94 9.21 19.35
C GLU B 484 -11.90 10.70 19.05
N LEU B 485 -10.74 11.26 18.71
CA LEU B 485 -10.59 12.70 18.47
C LEU B 485 -11.23 13.51 19.59
N ASN B 486 -10.66 13.38 20.77
CA ASN B 486 -11.22 14.01 21.96
C ASN B 486 -10.70 15.45 22.10
N PHE B 487 -11.00 16.04 23.25
CA PHE B 487 -10.44 17.32 23.65
C PHE B 487 -10.59 17.41 25.16
N SER B 488 -9.46 17.47 25.87
CA SER B 488 -9.46 17.27 27.31
C SER B 488 -8.69 18.39 28.00
N LEU B 489 -8.81 18.42 29.32
CA LEU B 489 -8.21 19.48 30.13
C LEU B 489 -7.82 18.93 31.51
N PRO B 490 -6.55 18.62 31.73
CA PRO B 490 -6.13 17.96 32.97
C PRO B 490 -6.22 18.91 34.15
N LEU B 491 -7.02 18.53 35.15
CA LEU B 491 -7.22 19.40 36.30
C LEU B 491 -6.11 19.26 37.32
N VAL B 492 -5.94 18.07 37.90
CA VAL B 492 -5.00 17.84 38.99
C VAL B 492 -3.77 17.13 38.46
N LEU B 493 -2.62 17.43 39.04
CA LEU B 493 -1.35 16.92 38.54
C LEU B 493 -0.34 16.82 39.67
N ARG B 494 0.53 15.81 39.58
CA ARG B 494 1.77 15.78 40.33
C ARG B 494 2.85 16.39 39.46
N ARG B 495 3.69 17.24 40.07
CA ARG B 495 4.61 18.07 39.29
C ARG B 495 5.43 17.24 38.32
N GLY B 496 5.52 17.73 37.09
CA GLY B 496 6.29 17.05 36.07
C GLY B 496 5.66 15.78 35.55
N GLU B 497 4.38 15.81 35.20
CA GLU B 497 3.71 14.66 34.61
C GLU B 497 3.32 14.89 33.16
N GLU B 498 3.60 16.08 32.61
CA GLU B 498 3.42 16.39 31.19
C GLU B 498 1.95 16.21 30.77
N GLY B 499 1.10 17.06 31.33
CA GLY B 499 -0.27 17.14 30.88
C GLY B 499 -0.37 17.63 29.44
N ARG B 500 -1.55 17.44 28.86
CA ARG B 500 -1.82 17.85 27.49
C ARG B 500 -3.23 18.40 27.40
N LYS B 501 -3.44 19.31 26.44
CA LYS B 501 -4.71 20.02 26.35
C LYS B 501 -5.29 20.09 24.95
N GLY B 502 -4.60 19.60 23.92
CA GLY B 502 -5.08 19.81 22.58
C GLY B 502 -5.39 18.58 21.74
N LEU B 503 -6.68 18.34 21.55
CA LEU B 503 -7.24 17.49 20.50
C LEU B 503 -7.01 15.99 20.70
N GLN B 504 -6.11 15.61 21.62
CA GLN B 504 -6.02 14.26 22.17
C GLN B 504 -6.40 13.15 21.20
N VAL B 505 -5.78 13.11 20.03
CA VAL B 505 -6.22 12.19 18.98
C VAL B 505 -6.05 10.75 19.44
N GLY B 506 -7.17 10.06 19.62
CA GLY B 506 -7.15 8.69 20.13
C GLY B 506 -7.66 7.67 19.15
N VAL B 507 -6.86 6.63 18.90
CA VAL B 507 -7.21 5.57 17.97
C VAL B 507 -6.76 4.25 18.57
N GLY B 508 -7.57 3.21 18.41
CA GLY B 508 -7.14 1.89 18.82
C GLY B 508 -8.33 0.99 19.12
N ILE B 509 -8.09 0.01 19.98
CA ILE B 509 -9.11 -0.97 20.34
C ILE B 509 -9.42 -0.96 21.83
N SER B 510 -8.48 -0.56 22.68
CA SER B 510 -8.67 -0.54 24.12
C SER B 510 -8.66 0.90 24.58
N PHE B 511 -9.72 1.31 25.28
CA PHE B 511 -9.85 2.67 25.77
C PHE B 511 -10.42 2.62 27.18
N LEU B 512 -10.66 3.80 27.75
CA LEU B 512 -11.35 3.92 29.03
C LEU B 512 -12.50 4.91 28.95
N TYR C 26 -35.30 20.55 -7.11
CA TYR C 26 -36.25 21.56 -6.63
C TYR C 26 -35.93 22.93 -7.23
N PHE C 27 -34.65 23.27 -7.25
CA PHE C 27 -34.22 24.58 -7.73
C PHE C 27 -34.11 24.74 -9.25
N PRO C 28 -33.60 23.73 -10.02
CA PRO C 28 -33.32 23.95 -11.45
C PRO C 28 -34.39 24.76 -12.16
N LEU C 29 -34.00 25.91 -12.70
CA LEU C 29 -34.98 26.94 -13.02
C LEU C 29 -35.68 26.67 -14.35
N ARG C 30 -34.95 26.24 -15.37
CA ARG C 30 -35.55 26.11 -16.69
C ARG C 30 -35.30 24.71 -17.24
N ILE C 31 -36.04 24.39 -18.30
CA ILE C 31 -35.94 23.11 -19.00
C ILE C 31 -36.00 23.39 -20.49
N TYR C 32 -35.03 22.86 -21.23
CA TYR C 32 -34.68 23.43 -22.53
C TYR C 32 -34.49 22.35 -23.62
N GLU C 33 -35.48 21.48 -23.81
CA GLU C 33 -35.56 20.75 -25.07
C GLU C 33 -34.37 19.83 -25.36
N PRO C 34 -34.37 18.61 -24.80
CA PRO C 34 -33.18 17.72 -24.86
C PRO C 34 -32.43 17.70 -26.18
N ASN C 35 -31.13 17.44 -26.10
CA ASN C 35 -30.16 17.99 -27.03
C ASN C 35 -29.82 17.05 -28.20
N GLU C 36 -30.85 16.65 -28.95
CA GLU C 36 -30.68 16.32 -30.36
C GLU C 36 -29.52 15.38 -30.69
N LEU C 37 -29.65 14.09 -30.36
CA LEU C 37 -28.64 13.05 -30.49
C LEU C 37 -27.81 13.15 -31.76
N PRO C 38 -26.53 12.75 -31.71
CA PRO C 38 -25.60 13.03 -32.82
C PRO C 38 -25.96 12.33 -34.13
N GLU C 39 -25.13 12.53 -35.16
CA GLU C 39 -25.53 12.15 -36.51
C GLU C 39 -25.50 10.63 -36.69
N ARG C 40 -24.54 9.95 -36.07
CA ARG C 40 -24.45 8.51 -36.21
C ARG C 40 -25.76 7.85 -35.79
N SER C 41 -26.16 8.05 -34.54
CA SER C 41 -27.40 7.45 -34.04
C SER C 41 -28.63 8.03 -34.72
N GLN C 42 -28.54 9.26 -35.24
CA GLN C 42 -29.66 9.79 -36.01
C GLN C 42 -29.85 9.01 -37.29
N GLN C 43 -28.76 8.51 -37.87
CA GLN C 43 -28.83 7.81 -39.14
C GLN C 43 -29.07 6.32 -38.99
N LEU C 44 -28.52 5.69 -37.96
CA LEU C 44 -28.52 4.23 -37.88
C LEU C 44 -29.72 3.68 -37.11
N THR C 45 -29.84 4.04 -35.84
CA THR C 45 -30.70 3.31 -34.92
C THR C 45 -32.01 4.02 -34.61
N SER C 46 -32.43 4.95 -35.46
CA SER C 46 -33.72 5.59 -35.24
C SER C 46 -34.85 4.70 -35.77
N GLY C 47 -34.90 4.53 -37.09
CA GLY C 47 -35.82 3.62 -37.73
C GLY C 47 -37.29 3.86 -37.45
N ASP C 48 -38.14 3.04 -38.06
CA ASP C 48 -39.57 2.96 -37.80
C ASP C 48 -40.00 1.56 -37.43
N LEU C 49 -39.46 0.55 -38.08
CA LEU C 49 -39.71 -0.86 -37.84
C LEU C 49 -38.62 -1.43 -36.94
N PRO C 50 -38.88 -2.56 -36.28
CA PRO C 50 -37.86 -3.14 -35.41
C PRO C 50 -36.65 -3.57 -36.22
N THR C 51 -35.47 -3.21 -35.74
CA THR C 51 -34.22 -3.42 -36.47
C THR C 51 -33.50 -4.62 -35.88
N LEU C 52 -33.71 -5.79 -36.49
CA LEU C 52 -33.01 -6.98 -36.04
C LEU C 52 -31.53 -6.87 -36.39
N TYR C 53 -30.68 -7.30 -35.45
CA TYR C 53 -29.24 -7.31 -35.67
C TYR C 53 -28.81 -8.73 -36.00
N VAL C 54 -28.04 -8.86 -37.08
CA VAL C 54 -27.53 -10.15 -37.54
C VAL C 54 -26.10 -9.94 -38.04
N PHE C 55 -25.43 -11.03 -38.36
CA PHE C 55 -24.18 -10.95 -39.10
C PHE C 55 -24.50 -10.80 -40.57
N SER C 56 -24.07 -9.73 -41.19
CA SER C 56 -24.34 -9.53 -42.61
C SER C 56 -23.42 -8.44 -43.13
N THR C 57 -23.37 -8.30 -44.45
CA THR C 57 -22.64 -7.23 -45.11
C THR C 57 -23.63 -6.18 -45.59
N ASP C 58 -23.26 -4.91 -45.40
CA ASP C 58 -24.18 -3.81 -45.68
C ASP C 58 -24.78 -3.88 -47.08
N SER C 59 -24.10 -4.54 -48.02
CA SER C 59 -24.66 -4.72 -49.35
C SER C 59 -25.98 -5.48 -49.29
N ASP C 60 -26.07 -6.48 -48.41
CA ASP C 60 -27.30 -7.22 -48.23
C ASP C 60 -28.27 -6.56 -47.27
N ALA C 61 -27.78 -5.69 -46.37
CA ALA C 61 -28.66 -5.05 -45.40
C ALA C 61 -29.77 -4.28 -46.10
N ARG C 62 -29.45 -3.57 -47.17
CA ARG C 62 -30.47 -2.83 -47.91
C ARG C 62 -31.51 -3.75 -48.55
N LEU C 63 -31.12 -4.98 -48.88
CA LEU C 63 -31.99 -5.89 -49.60
C LEU C 63 -32.61 -6.95 -48.70
N GLY C 64 -32.28 -6.95 -47.41
CA GLY C 64 -32.84 -7.94 -46.50
C GLY C 64 -32.46 -9.36 -46.79
N LEU C 65 -31.39 -9.57 -47.55
CA LEU C 65 -30.97 -10.92 -47.91
C LEU C 65 -30.50 -11.68 -46.66
N PRO C 66 -30.51 -13.02 -46.72
CA PRO C 66 -30.19 -13.80 -45.52
C PRO C 66 -28.76 -13.57 -45.06
N SER C 67 -28.54 -13.80 -43.77
CA SER C 67 -27.23 -13.65 -43.16
C SER C 67 -26.25 -14.69 -43.68
N PHE C 68 -25.01 -14.66 -43.18
CA PHE C 68 -24.04 -15.69 -43.51
C PHE C 68 -23.65 -16.54 -42.31
N ASN C 69 -24.05 -16.17 -41.10
CA ASN C 69 -23.83 -17.02 -39.94
C ASN C 69 -25.09 -17.82 -39.68
N PRO C 70 -25.01 -19.15 -39.57
CA PRO C 70 -26.24 -19.94 -39.45
C PRO C 70 -26.98 -19.74 -38.15
N GLY C 71 -26.25 -19.62 -37.03
CA GLY C 71 -26.86 -19.39 -35.74
C GLY C 71 -27.74 -18.16 -35.67
N CYS C 72 -27.69 -17.31 -36.69
CA CYS C 72 -28.56 -16.15 -36.80
C CYS C 72 -29.54 -16.26 -37.96
N LEU C 73 -29.12 -16.84 -39.08
CA LEU C 73 -30.06 -17.10 -40.17
C LEU C 73 -31.22 -17.95 -39.70
N LYS C 74 -31.00 -18.81 -38.70
CA LYS C 74 -32.13 -19.56 -38.14
C LYS C 74 -33.22 -18.63 -37.66
N TRP C 75 -32.88 -17.73 -36.73
CA TRP C 75 -33.87 -16.82 -36.17
C TRP C 75 -34.45 -15.89 -37.24
N GLN C 76 -33.62 -15.48 -38.20
CA GLN C 76 -34.12 -14.59 -39.24
C GLN C 76 -35.17 -15.28 -40.09
N THR C 77 -34.91 -16.52 -40.50
CA THR C 77 -35.89 -17.28 -41.25
C THR C 77 -37.14 -17.51 -40.42
N LEU C 78 -36.97 -17.75 -39.12
CA LEU C 78 -38.12 -17.91 -38.24
C LEU C 78 -39.01 -16.67 -38.29
N LEU C 79 -38.44 -15.52 -37.95
CA LEU C 79 -39.20 -14.27 -37.92
C LEU C 79 -39.89 -14.02 -39.25
N ARG C 80 -39.14 -14.12 -40.36
CA ARG C 80 -39.75 -13.86 -41.66
C ARG C 80 -40.76 -14.93 -42.05
N LEU C 81 -40.76 -16.08 -41.38
CA LEU C 81 -41.88 -17.00 -41.52
C LEU C 81 -43.09 -16.51 -40.75
N ALA C 82 -42.86 -15.92 -39.58
CA ALA C 82 -43.97 -15.42 -38.78
C ALA C 82 -44.65 -14.20 -39.39
N ASN C 83 -44.25 -13.81 -40.61
CA ASN C 83 -44.86 -12.69 -41.34
C ASN C 83 -44.66 -11.35 -40.63
N LEU C 84 -43.73 -11.31 -39.68
CA LEU C 84 -43.33 -10.06 -39.05
C LEU C 84 -42.34 -9.36 -39.96
N ASP C 85 -42.56 -8.07 -40.20
CA ASP C 85 -41.62 -7.29 -40.99
C ASP C 85 -40.62 -6.60 -40.07
N PHE C 86 -39.44 -6.34 -40.62
CA PHE C 86 -38.33 -5.78 -39.86
C PHE C 86 -37.22 -5.42 -40.83
N ARG C 87 -36.16 -4.82 -40.28
CA ARG C 87 -34.99 -4.45 -41.06
C ARG C 87 -33.77 -5.10 -40.42
N ILE C 88 -32.99 -5.80 -41.22
CA ILE C 88 -31.77 -6.40 -40.74
C ILE C 88 -30.71 -5.31 -40.65
N LEU C 89 -29.76 -5.49 -39.77
CA LEU C 89 -28.75 -4.47 -39.55
C LEU C 89 -27.49 -5.12 -38.99
N PRO C 90 -26.39 -5.11 -39.72
CA PRO C 90 -25.20 -5.84 -39.27
C PRO C 90 -24.65 -5.28 -37.98
N SER C 91 -24.10 -6.18 -37.15
CA SER C 91 -23.47 -5.80 -35.90
C SER C 91 -22.27 -6.72 -35.68
N THR C 92 -21.74 -6.73 -34.45
CA THR C 92 -20.39 -7.23 -34.25
C THR C 92 -20.25 -8.11 -32.99
N ASN C 93 -21.37 -8.54 -32.43
CA ASN C 93 -21.40 -9.61 -31.43
C ASN C 93 -20.86 -9.17 -30.07
N HIS C 94 -20.31 -7.97 -29.99
CA HIS C 94 -20.11 -7.37 -28.68
C HIS C 94 -21.35 -6.58 -28.28
N SER C 95 -21.98 -5.93 -29.24
CA SER C 95 -23.22 -5.20 -29.01
C SER C 95 -24.36 -6.19 -28.90
N SER C 96 -24.57 -6.71 -27.70
CA SER C 96 -25.65 -7.65 -27.46
C SER C 96 -25.90 -7.78 -25.96
N PRO C 97 -27.16 -7.90 -25.53
CA PRO C 97 -27.41 -8.02 -24.09
C PRO C 97 -26.78 -9.25 -23.49
N THR C 98 -26.69 -10.33 -24.25
CA THR C 98 -25.93 -11.52 -23.89
C THR C 98 -24.72 -11.61 -24.82
N GLY C 99 -23.96 -12.70 -24.70
CA GLY C 99 -22.85 -12.90 -25.61
C GLY C 99 -23.29 -13.07 -27.04
N SER C 100 -24.28 -13.95 -27.26
CA SER C 100 -24.75 -14.24 -28.60
C SER C 100 -25.38 -13.01 -29.24
N LEU C 101 -25.22 -12.89 -30.54
CA LEU C 101 -25.67 -11.69 -31.25
C LEU C 101 -27.17 -11.59 -31.46
N PRO C 102 -27.83 -12.56 -32.13
CA PRO C 102 -29.04 -12.22 -32.88
C PRO C 102 -30.19 -11.75 -32.02
N PHE C 103 -30.11 -10.51 -31.58
CA PHE C 103 -31.12 -9.89 -30.74
C PHE C 103 -31.84 -8.79 -31.51
N LEU C 104 -33.13 -8.62 -31.20
CA LEU C 104 -34.01 -7.69 -31.90
C LEU C 104 -34.25 -6.46 -31.03
N LEU C 105 -34.34 -5.30 -31.66
CA LEU C 105 -34.60 -4.06 -30.98
C LEU C 105 -35.92 -3.47 -31.45
N PRO C 106 -36.79 -3.08 -30.52
CA PRO C 106 -38.07 -2.49 -30.91
C PRO C 106 -37.86 -1.07 -31.43
N PRO C 107 -38.86 -0.47 -32.07
CA PRO C 107 -38.65 0.86 -32.65
C PRO C 107 -38.45 1.93 -31.58
N ARG C 108 -38.15 3.13 -32.07
CA ARG C 108 -37.91 4.29 -31.22
C ARG C 108 -39.22 5.03 -31.01
N THR C 109 -39.68 5.09 -29.76
CA THR C 109 -40.94 5.76 -29.42
C THR C 109 -40.75 7.15 -28.83
N SER C 110 -39.62 7.42 -28.21
CA SER C 110 -39.31 8.74 -27.65
C SER C 110 -37.90 9.11 -28.07
N PRO C 111 -37.72 10.20 -28.81
CA PRO C 111 -36.42 10.45 -29.47
C PRO C 111 -35.22 10.49 -28.54
N THR C 112 -35.43 10.42 -27.22
CA THR C 112 -34.34 10.40 -26.27
C THR C 112 -34.36 9.17 -25.36
N ALA C 113 -35.35 8.30 -25.48
CA ALA C 113 -35.44 7.13 -24.61
C ALA C 113 -36.05 5.98 -25.39
N SER C 114 -35.42 4.82 -25.31
CA SER C 114 -35.73 3.68 -26.15
C SER C 114 -36.17 2.50 -25.29
N PRO C 115 -36.91 1.55 -25.88
CA PRO C 115 -37.29 0.33 -25.15
C PRO C 115 -36.13 -0.60 -24.89
N ALA C 116 -36.41 -1.73 -24.29
CA ALA C 116 -35.39 -2.69 -23.94
C ALA C 116 -35.16 -3.67 -25.08
N PRO C 117 -33.98 -4.27 -25.17
CA PRO C 117 -33.72 -5.25 -26.22
C PRO C 117 -34.48 -6.54 -25.99
N ILE C 118 -34.54 -7.34 -27.05
CA ILE C 118 -35.14 -8.68 -26.96
C ILE C 118 -34.06 -9.67 -27.35
N PRO C 119 -33.60 -10.52 -26.44
CA PRO C 119 -32.58 -11.50 -26.80
C PRO C 119 -33.11 -12.56 -27.74
N ALA C 120 -32.27 -13.53 -28.10
CA ALA C 120 -32.70 -14.54 -29.06
C ALA C 120 -33.84 -15.39 -28.52
N SER C 121 -33.99 -15.46 -27.19
CA SER C 121 -34.97 -16.35 -26.59
C SER C 121 -36.41 -15.87 -26.74
N GLY C 122 -36.61 -14.57 -26.97
CA GLY C 122 -37.93 -14.00 -26.96
C GLY C 122 -38.47 -13.45 -28.27
N LEU C 123 -37.76 -13.65 -29.39
CA LEU C 123 -38.25 -13.13 -30.66
C LEU C 123 -39.60 -13.73 -31.02
N LEU C 124 -39.70 -15.05 -30.97
CA LEU C 124 -40.96 -15.67 -31.34
C LEU C 124 -42.03 -15.50 -30.30
N SER C 125 -41.71 -14.88 -29.17
CA SER C 125 -42.72 -14.33 -28.28
C SER C 125 -43.14 -12.93 -28.70
N PHE C 126 -42.21 -12.16 -29.23
CA PHE C 126 -42.49 -10.83 -29.75
C PHE C 126 -43.15 -10.91 -31.12
N GLY C 143 -47.44 -19.68 -33.26
CA GLY C 143 -47.92 -20.82 -32.50
C GLY C 143 -47.33 -22.14 -32.93
N HIS C 144 -47.64 -22.57 -34.16
CA HIS C 144 -47.15 -23.84 -34.68
C HIS C 144 -45.64 -23.88 -34.82
N LEU C 145 -44.98 -22.72 -34.82
CA LEU C 145 -43.53 -22.70 -34.98
C LEU C 145 -42.83 -23.43 -33.85
N ASP C 146 -42.96 -22.94 -32.63
CA ASP C 146 -42.35 -23.54 -31.46
C ASP C 146 -43.40 -24.37 -30.75
N ALA C 147 -43.63 -25.58 -31.25
CA ALA C 147 -44.59 -26.51 -30.68
C ALA C 147 -43.89 -27.83 -30.40
N ASP C 148 -44.39 -28.55 -29.40
CA ASP C 148 -43.83 -29.84 -29.06
C ASP C 148 -43.96 -30.82 -30.22
N LEU C 149 -42.88 -31.52 -30.51
CA LEU C 149 -42.82 -32.52 -31.55
C LEU C 149 -42.66 -33.91 -30.94
N PRO C 150 -43.04 -34.96 -31.67
CA PRO C 150 -42.75 -36.32 -31.21
C PRO C 150 -41.27 -36.49 -30.93
N PRO C 151 -40.90 -37.38 -30.00
CA PRO C 151 -39.48 -37.50 -29.63
C PRO C 151 -38.57 -37.83 -30.81
N ARG C 152 -39.07 -38.54 -31.81
CA ARG C 152 -38.27 -38.77 -33.01
C ARG C 152 -37.82 -37.45 -33.62
N ALA C 153 -38.75 -36.52 -33.81
CA ALA C 153 -38.38 -35.21 -34.32
C ALA C 153 -37.51 -34.46 -33.33
N GLN C 154 -37.60 -34.80 -32.04
CA GLN C 154 -36.67 -34.23 -31.07
C GLN C 154 -35.29 -34.84 -31.21
N ALA C 155 -35.21 -36.08 -31.69
CA ALA C 155 -33.93 -36.77 -31.80
C ALA C 155 -33.07 -36.19 -32.91
N TYR C 156 -33.58 -36.21 -34.14
CA TYR C 156 -32.79 -35.78 -35.29
C TYR C 156 -32.28 -34.36 -35.14
N LEU C 157 -33.01 -33.50 -34.42
CA LEU C 157 -32.55 -32.13 -34.24
C LEU C 157 -31.22 -32.08 -33.48
N ALA C 158 -30.98 -33.06 -32.61
CA ALA C 158 -29.68 -33.13 -31.94
C ALA C 158 -28.57 -33.48 -32.93
N LEU C 159 -28.90 -34.23 -33.98
CA LEU C 159 -27.93 -34.50 -35.04
C LEU C 159 -27.45 -33.21 -35.68
N ILE C 160 -28.38 -32.34 -36.08
CA ILE C 160 -28.03 -31.13 -36.80
C ILE C 160 -27.29 -30.16 -35.89
N THR C 161 -27.79 -29.97 -34.67
CA THR C 161 -27.18 -29.01 -33.76
C THR C 161 -25.78 -29.42 -33.36
N HIS C 162 -25.49 -30.72 -33.29
CA HIS C 162 -24.25 -31.21 -32.71
C HIS C 162 -23.29 -31.85 -33.69
N SER C 163 -23.73 -32.25 -34.88
CA SER C 163 -22.84 -32.81 -35.88
C SER C 163 -22.64 -31.90 -37.06
N LEU C 164 -23.71 -31.44 -37.71
CA LEU C 164 -23.57 -30.52 -38.83
C LEU C 164 -22.90 -29.22 -38.41
N ARG C 165 -23.14 -28.79 -37.17
CA ARG C 165 -22.50 -27.57 -36.68
C ARG C 165 -20.99 -27.70 -36.70
N ASN C 166 -20.47 -28.85 -36.31
CA ASN C 166 -19.02 -29.04 -36.28
C ASN C 166 -18.43 -29.03 -37.69
N ALA C 167 -19.00 -29.83 -38.58
CA ALA C 167 -18.49 -29.88 -39.95
C ALA C 167 -18.45 -28.50 -40.58
N TRP C 168 -19.33 -27.60 -40.13
CA TRP C 168 -19.27 -26.23 -40.59
C TRP C 168 -18.03 -25.52 -40.08
N LEU C 169 -17.77 -25.63 -38.78
CA LEU C 169 -16.63 -24.93 -38.21
C LEU C 169 -15.32 -25.39 -38.84
N CYS C 170 -15.11 -26.70 -38.89
CA CYS C 170 -13.87 -27.23 -39.46
C CYS C 170 -13.70 -26.80 -40.91
N ALA C 171 -14.74 -26.98 -41.72
CA ALA C 171 -14.65 -26.61 -43.14
C ALA C 171 -14.49 -25.12 -43.35
N LEU C 172 -14.76 -24.29 -42.33
CA LEU C 172 -14.65 -22.84 -42.48
C LEU C 172 -13.51 -22.27 -41.64
N TYR C 173 -13.49 -22.55 -40.35
CA TYR C 173 -12.58 -21.89 -39.43
C TYR C 173 -11.25 -22.62 -39.29
N LEU C 174 -11.12 -23.82 -39.83
CA LEU C 174 -9.90 -24.60 -39.65
C LEU C 174 -9.22 -24.99 -40.94
N ASP C 175 -9.98 -25.35 -41.96
CA ASP C 175 -9.38 -25.79 -43.22
C ASP C 175 -8.68 -24.64 -43.89
N PRO C 176 -7.35 -24.68 -44.07
CA PRO C 176 -6.64 -23.51 -44.61
C PRO C 176 -7.06 -23.12 -46.02
N THR C 177 -7.62 -24.06 -46.81
CA THR C 177 -8.07 -23.69 -48.14
C THR C 177 -9.16 -22.63 -48.09
N HIS C 178 -9.95 -22.60 -47.02
CA HIS C 178 -10.98 -21.60 -46.83
C HIS C 178 -10.54 -20.50 -45.87
N ASP C 179 -9.24 -20.15 -45.90
CA ASP C 179 -8.79 -18.96 -45.19
C ASP C 179 -9.14 -17.71 -45.98
N ALA C 180 -9.57 -17.88 -47.23
CA ALA C 180 -9.96 -16.73 -48.04
C ALA C 180 -11.36 -16.27 -47.68
N LEU C 181 -12.31 -17.20 -47.61
CA LEU C 181 -13.71 -16.82 -47.42
C LEU C 181 -13.96 -16.32 -46.00
N LEU C 182 -13.29 -16.91 -45.01
CA LEU C 182 -13.43 -16.40 -43.65
C LEU C 182 -12.94 -14.97 -43.56
N ARG C 183 -11.92 -14.62 -44.34
CA ARG C 183 -11.39 -13.26 -44.33
C ARG C 183 -12.44 -12.26 -44.80
N ARG C 184 -13.06 -12.53 -45.95
CA ARG C 184 -14.02 -11.58 -46.52
C ARG C 184 -15.29 -11.45 -45.69
N LEU C 185 -15.41 -12.18 -44.58
CA LEU C 185 -16.65 -12.16 -43.82
C LEU C 185 -16.49 -11.63 -42.41
N TYR C 186 -15.52 -12.12 -41.66
CA TYR C 186 -15.44 -11.83 -40.24
C TYR C 186 -14.36 -10.86 -39.85
N VAL C 187 -13.33 -10.65 -40.68
CA VAL C 187 -12.24 -9.74 -40.36
C VAL C 187 -12.16 -8.58 -41.34
N ASP C 188 -12.44 -8.81 -42.61
CA ASP C 188 -12.32 -7.75 -43.60
C ASP C 188 -13.17 -6.52 -43.30
N PRO C 189 -14.44 -6.63 -42.91
CA PRO C 189 -15.18 -5.43 -42.49
C PRO C 189 -15.06 -5.10 -41.01
N ALA C 190 -14.10 -5.71 -40.30
CA ALA C 190 -13.94 -5.42 -38.88
C ALA C 190 -13.20 -4.11 -38.66
N SER C 191 -11.93 -4.04 -39.09
CA SER C 191 -11.14 -2.83 -38.89
C SER C 191 -10.35 -2.37 -40.11
N SER C 192 -10.05 -3.23 -41.08
CA SER C 192 -9.35 -2.85 -42.30
C SER C 192 -7.97 -2.25 -42.00
N SER C 193 -7.15 -3.02 -41.30
CA SER C 193 -5.75 -2.65 -41.07
C SER C 193 -4.99 -3.94 -40.79
N ARG C 194 -4.14 -4.35 -41.73
CA ARG C 194 -3.55 -5.69 -41.70
C ARG C 194 -2.83 -5.97 -40.38
N ALA C 195 -2.46 -4.93 -39.63
CA ALA C 195 -1.90 -5.17 -38.31
C ALA C 195 -2.96 -5.71 -37.35
N VAL C 196 -4.22 -5.34 -37.55
CA VAL C 196 -5.29 -5.80 -36.67
C VAL C 196 -5.87 -7.12 -37.14
N ARG C 197 -6.10 -7.25 -38.45
CA ARG C 197 -6.82 -8.43 -38.97
C ARG C 197 -6.19 -9.73 -38.51
N ALA C 198 -4.86 -9.76 -38.40
CA ALA C 198 -4.20 -10.99 -37.97
C ALA C 198 -4.55 -11.33 -36.52
N ALA C 199 -4.98 -10.34 -35.74
CA ALA C 199 -5.35 -10.61 -34.36
C ALA C 199 -6.73 -11.26 -34.29
N LEU C 200 -7.72 -10.62 -34.90
CA LEU C 200 -9.08 -11.16 -34.88
C LEU C 200 -9.13 -12.52 -35.56
N LEU C 201 -8.55 -12.61 -36.76
CA LEU C 201 -8.53 -13.88 -37.48
C LEU C 201 -7.99 -15.01 -36.61
N HIS C 202 -7.00 -14.71 -35.77
CA HIS C 202 -6.50 -15.73 -34.86
C HIS C 202 -7.45 -15.95 -33.69
N GLN C 203 -7.96 -14.87 -33.10
CA GLN C 203 -8.85 -14.99 -31.95
C GLN C 203 -10.06 -15.85 -32.29
N LEU C 204 -10.52 -15.79 -33.54
CA LEU C 204 -11.62 -16.64 -33.96
C LEU C 204 -11.18 -18.09 -34.06
N ARG C 205 -10.15 -18.35 -34.87
CA ARG C 205 -9.75 -19.73 -35.14
C ARG C 205 -9.46 -20.50 -33.87
N ARG C 206 -8.80 -19.86 -32.90
CA ARG C 206 -8.51 -20.54 -31.63
C ARG C 206 -9.80 -20.79 -30.86
N ALA C 207 -10.57 -19.75 -30.60
CA ALA C 207 -11.82 -19.90 -29.87
C ALA C 207 -12.86 -20.72 -30.62
N ALA C 208 -12.58 -21.11 -31.85
CA ALA C 208 -13.48 -21.99 -32.59
C ALA C 208 -12.93 -23.40 -32.71
N ALA C 209 -11.60 -23.55 -32.68
CA ALA C 209 -11.01 -24.88 -32.77
C ALA C 209 -11.34 -25.70 -31.53
N GLU C 210 -11.25 -25.09 -30.34
CA GLU C 210 -11.54 -25.82 -29.11
C GLU C 210 -13.00 -26.26 -29.05
N GLN C 211 -13.90 -25.55 -29.71
CA GLN C 211 -15.32 -25.89 -29.69
C GLN C 211 -15.65 -27.08 -30.58
N VAL C 212 -14.65 -27.72 -31.18
CA VAL C 212 -14.88 -28.92 -31.98
C VAL C 212 -13.88 -30.00 -31.59
N ALA C 238 -11.53 -36.12 -40.64
CA ALA C 238 -12.00 -36.54 -39.33
C ALA C 238 -13.52 -36.46 -39.24
N VAL C 239 -14.02 -35.31 -38.78
CA VAL C 239 -15.45 -35.11 -38.60
C VAL C 239 -16.20 -35.14 -39.91
N TYR C 240 -15.50 -34.99 -41.03
CA TYR C 240 -16.14 -34.92 -42.34
C TYR C 240 -17.04 -36.12 -42.61
N ARG C 241 -16.64 -37.30 -42.11
CA ARG C 241 -17.45 -38.49 -42.33
C ARG C 241 -18.76 -38.43 -41.56
N SER C 242 -18.72 -37.93 -40.32
CA SER C 242 -19.92 -37.86 -39.51
C SER C 242 -20.96 -36.95 -40.14
N ALA C 243 -20.52 -35.96 -40.91
CA ALA C 243 -21.47 -35.11 -41.62
C ALA C 243 -21.97 -35.80 -42.89
N ARG C 244 -21.15 -36.66 -43.47
CA ARG C 244 -21.54 -37.33 -44.72
C ARG C 244 -22.83 -38.12 -44.53
N ASP C 245 -22.81 -39.11 -43.64
CA ASP C 245 -23.98 -39.94 -43.41
C ASP C 245 -25.15 -39.18 -42.79
N ALA C 246 -24.88 -38.13 -42.03
CA ALA C 246 -25.95 -37.37 -41.39
C ALA C 246 -26.90 -36.79 -42.42
N LEU C 247 -26.37 -36.30 -43.55
CA LEU C 247 -27.23 -35.74 -44.58
C LEU C 247 -27.97 -36.83 -45.35
N ASP C 248 -27.53 -38.08 -45.23
CA ASP C 248 -28.33 -39.18 -45.76
C ASP C 248 -29.44 -39.57 -44.79
N ALA C 249 -29.23 -39.32 -43.50
CA ALA C 249 -30.26 -39.60 -42.52
C ALA C 249 -31.46 -38.69 -42.73
N LEU C 250 -31.25 -37.38 -42.69
CA LEU C 250 -32.33 -36.42 -42.89
C LEU C 250 -33.00 -36.64 -44.24
N ALA C 251 -32.23 -36.96 -45.28
CA ALA C 251 -32.80 -37.23 -46.59
C ALA C 251 -33.84 -38.35 -46.52
N SER C 252 -33.64 -39.30 -45.62
CA SER C 252 -34.66 -40.33 -45.42
C SER C 252 -35.84 -39.79 -44.63
N LEU C 253 -35.58 -38.94 -43.64
CA LEU C 253 -36.66 -38.35 -42.86
C LEU C 253 -37.58 -37.50 -43.73
N LEU C 254 -37.07 -36.98 -44.85
CA LEU C 254 -37.88 -36.17 -45.75
C LEU C 254 -38.66 -37.05 -46.73
N ARG C 255 -38.04 -38.12 -47.21
CA ARG C 255 -38.69 -38.99 -48.19
C ARG C 255 -39.87 -39.76 -47.60
N GLU C 256 -40.18 -39.58 -46.32
CA GLU C 256 -41.27 -40.29 -45.68
C GLU C 256 -42.34 -39.34 -45.13
N SER C 257 -42.27 -38.05 -45.47
CA SER C 257 -43.20 -37.08 -44.92
C SER C 257 -44.36 -36.76 -45.87
N GLU C 258 -44.07 -36.52 -47.14
CA GLU C 258 -45.07 -36.29 -48.18
C GLU C 258 -45.92 -35.04 -47.92
N THR C 259 -45.42 -34.10 -47.12
CA THR C 259 -46.13 -32.86 -46.83
C THR C 259 -45.21 -31.67 -47.11
N ALA C 260 -44.25 -31.87 -48.01
CA ALA C 260 -43.35 -30.82 -48.49
C ALA C 260 -42.44 -30.28 -47.39
N TRP C 261 -42.62 -30.79 -46.17
CA TRP C 261 -41.81 -30.39 -45.02
C TRP C 261 -41.61 -31.63 -44.16
N PHE C 262 -41.15 -31.43 -42.92
CA PHE C 262 -40.85 -32.56 -42.04
C PHE C 262 -42.04 -32.90 -41.14
N GLY C 263 -43.16 -33.20 -41.79
CA GLY C 263 -44.36 -33.67 -41.10
C GLY C 263 -45.49 -32.66 -41.03
N THR C 264 -45.21 -31.38 -41.20
CA THR C 264 -46.19 -30.32 -40.99
C THR C 264 -46.46 -29.60 -42.32
N GLU C 265 -47.67 -29.07 -42.45
CA GLU C 265 -48.06 -28.35 -43.65
C GLU C 265 -47.31 -27.03 -43.78
N ARG C 266 -47.15 -26.30 -42.69
CA ARG C 266 -46.39 -25.06 -42.70
C ARG C 266 -45.06 -25.26 -41.99
N PRO C 267 -43.94 -24.99 -42.65
CA PRO C 267 -42.64 -25.30 -42.05
C PRO C 267 -42.47 -24.63 -40.69
N GLY C 268 -41.97 -25.41 -39.72
CA GLY C 268 -41.83 -24.95 -38.36
C GLY C 268 -40.40 -24.66 -37.96
N SER C 269 -40.04 -24.97 -36.72
CA SER C 269 -38.72 -24.64 -36.22
C SER C 269 -37.65 -25.62 -36.70
N PHE C 270 -38.06 -26.80 -37.15
CA PHE C 270 -37.07 -27.79 -37.57
C PHE C 270 -36.59 -27.51 -38.98
N ASP C 271 -37.52 -27.26 -39.90
CA ASP C 271 -37.13 -26.92 -41.27
C ASP C 271 -36.25 -25.69 -41.30
N ALA C 272 -36.54 -24.71 -40.44
CA ALA C 272 -35.73 -23.50 -40.39
C ALA C 272 -34.37 -23.77 -39.78
N ALA C 273 -34.30 -24.69 -38.81
CA ALA C 273 -33.01 -25.04 -38.23
C ALA C 273 -32.14 -25.77 -39.24
N LEU C 274 -32.74 -26.53 -40.14
CA LEU C 274 -31.99 -27.23 -41.17
C LEU C 274 -31.63 -26.30 -42.33
N PHE C 275 -32.58 -25.46 -42.75
CA PHE C 275 -32.27 -24.47 -43.77
C PHE C 275 -31.09 -23.59 -43.36
N SER C 276 -30.87 -23.44 -42.06
CA SER C 276 -29.75 -22.65 -41.57
C SER C 276 -28.41 -23.17 -42.05
N TYR C 277 -28.33 -24.45 -42.43
CA TYR C 277 -27.08 -25.07 -42.84
C TYR C 277 -27.12 -25.60 -44.28
N THR C 278 -28.24 -26.16 -44.71
CA THR C 278 -28.38 -26.61 -46.08
C THR C 278 -28.18 -25.48 -47.07
N HIS C 279 -28.44 -24.23 -46.68
CA HIS C 279 -28.33 -23.10 -47.59
C HIS C 279 -26.93 -22.53 -47.63
N LEU C 280 -26.35 -22.19 -46.48
CA LEU C 280 -25.01 -21.62 -46.46
C LEU C 280 -23.99 -22.56 -47.09
N MET C 281 -24.06 -23.85 -46.76
CA MET C 281 -23.12 -24.80 -47.34
C MET C 281 -23.28 -24.91 -48.85
N VAL C 282 -24.44 -24.55 -49.39
CA VAL C 282 -24.59 -24.53 -50.83
C VAL C 282 -23.97 -23.27 -51.42
N GLU C 283 -24.20 -22.11 -50.78
CA GLU C 283 -23.75 -20.86 -51.34
C GLU C 283 -22.24 -20.66 -51.18
N TYR C 284 -21.71 -20.93 -50.00
CA TYR C 284 -20.34 -20.57 -49.69
C TYR C 284 -19.40 -21.77 -49.59
N MET C 285 -19.85 -22.98 -49.96
CA MET C 285 -19.00 -24.14 -49.78
C MET C 285 -19.10 -25.10 -50.96
N SER C 286 -19.58 -24.64 -52.11
CA SER C 286 -19.77 -25.48 -53.28
C SER C 286 -18.59 -25.39 -54.24
N GLU C 287 -17.39 -25.15 -53.71
CA GLU C 287 -16.19 -25.02 -54.54
C GLU C 287 -15.76 -26.40 -55.03
N GLU C 288 -16.34 -26.79 -56.16
CA GLU C 288 -16.06 -28.09 -56.78
C GLU C 288 -16.32 -29.25 -55.81
N THR C 291 -10.62 -29.00 -57.75
CA THR C 291 -9.55 -29.06 -56.76
C THR C 291 -9.73 -30.25 -55.82
N GLY C 296 -9.16 -35.32 -52.81
CA GLY C 296 -10.32 -35.88 -52.13
C GLY C 296 -11.04 -34.87 -51.26
N ARG C 297 -11.86 -35.39 -50.34
CA ARG C 297 -12.65 -34.57 -49.43
C ARG C 297 -13.49 -33.55 -50.19
N VAL C 298 -14.42 -34.09 -50.97
CA VAL C 298 -15.39 -33.30 -51.72
C VAL C 298 -16.07 -32.34 -50.77
N SER C 299 -16.10 -31.05 -51.12
CA SER C 299 -16.61 -30.04 -50.21
C SER C 299 -18.09 -30.26 -49.91
N LEU C 300 -18.53 -29.71 -48.77
CA LEU C 300 -19.88 -29.94 -48.30
C LEU C 300 -20.92 -29.37 -49.25
N GLY C 301 -20.52 -28.48 -50.16
CA GLY C 301 -21.45 -27.95 -51.13
C GLY C 301 -22.06 -29.02 -52.01
N ARG C 302 -21.33 -30.11 -52.25
CA ARG C 302 -21.85 -31.19 -53.07
C ARG C 302 -22.58 -32.23 -52.25
N MET C 303 -22.10 -32.51 -51.03
CA MET C 303 -22.77 -33.47 -50.15
C MET C 303 -24.23 -33.10 -49.96
N VAL C 304 -24.52 -31.80 -49.80
CA VAL C 304 -25.88 -31.37 -49.52
C VAL C 304 -26.79 -31.66 -50.72
N LYS C 305 -26.28 -31.48 -51.92
CA LYS C 305 -27.08 -31.74 -53.12
C LYS C 305 -27.01 -33.19 -53.58
N GLU C 306 -26.09 -33.99 -53.03
CA GLU C 306 -25.94 -35.38 -53.44
C GLU C 306 -26.46 -36.38 -52.42
N ALA C 307 -26.70 -35.94 -51.18
CA ALA C 307 -27.20 -36.85 -50.15
C ALA C 307 -28.56 -37.40 -50.56
N GLY C 308 -28.65 -38.73 -50.61
CA GLY C 308 -29.87 -39.36 -51.09
C GLY C 308 -30.06 -39.07 -52.56
N ASN C 309 -31.26 -38.60 -52.92
CA ASN C 309 -31.57 -38.22 -54.29
C ASN C 309 -31.74 -36.71 -54.41
N GLY C 310 -30.99 -35.95 -53.62
CA GLY C 310 -31.08 -34.51 -53.66
C GLY C 310 -32.30 -33.92 -52.98
N GLU C 311 -32.88 -34.62 -52.01
CA GLU C 311 -34.07 -34.11 -51.34
C GLU C 311 -33.74 -32.94 -50.41
N LEU C 312 -32.49 -32.78 -50.01
CA LEU C 312 -32.12 -31.59 -49.26
C LEU C 312 -31.99 -30.38 -50.16
N ALA C 313 -31.58 -30.60 -51.42
CA ALA C 313 -31.49 -29.49 -52.35
C ALA C 313 -32.86 -28.90 -52.64
N GLU C 314 -33.81 -29.74 -53.05
CA GLU C 314 -35.13 -29.24 -53.42
C GLU C 314 -35.88 -28.67 -52.23
N HIS C 315 -35.60 -29.16 -51.03
CA HIS C 315 -36.27 -28.65 -49.84
C HIS C 315 -36.02 -27.15 -49.67
N ARG C 316 -34.77 -26.74 -49.77
CA ARG C 316 -34.45 -25.32 -49.66
C ARG C 316 -35.17 -24.50 -50.72
N GLU C 317 -35.15 -24.97 -51.97
CA GLU C 317 -35.85 -24.25 -53.02
C GLU C 317 -37.34 -24.19 -52.77
N ARG C 318 -37.90 -25.25 -52.18
CA ARG C 318 -39.30 -25.19 -51.74
C ARG C 318 -39.42 -24.35 -50.48
N MET C 319 -38.36 -24.28 -49.68
CA MET C 319 -38.35 -23.36 -48.54
C MET C 319 -38.10 -21.93 -48.99
N LEU C 320 -37.15 -21.73 -49.90
CA LEU C 320 -36.86 -20.39 -50.38
C LEU C 320 -37.88 -19.99 -51.45
N GLY C 321 -39.14 -20.15 -51.13
CA GLY C 321 -40.24 -19.69 -51.96
C GLY C 321 -41.36 -19.24 -51.05
N VAL C 322 -41.06 -19.24 -49.75
CA VAL C 322 -41.99 -18.79 -48.71
C VAL C 322 -41.39 -17.67 -47.88
N ALA C 323 -40.17 -17.86 -47.39
CA ALA C 323 -39.51 -16.82 -46.61
C ALA C 323 -39.15 -15.63 -47.50
N TRP C 324 -38.50 -15.89 -48.62
CA TRP C 324 -38.15 -14.85 -49.60
C TRP C 324 -38.67 -15.26 -50.97
N PRO C 325 -39.99 -15.22 -51.17
CA PRO C 325 -40.55 -15.66 -52.46
C PRO C 325 -40.31 -14.71 -53.61
N GLU C 326 -39.50 -13.66 -53.43
CA GLU C 326 -39.33 -12.64 -54.45
C GLU C 326 -37.87 -12.38 -54.78
N TRP C 327 -36.96 -13.16 -54.23
CA TRP C 327 -35.53 -12.93 -54.41
C TRP C 327 -34.90 -14.06 -55.21
N ASP C 328 -34.05 -13.71 -56.16
CA ASP C 328 -33.20 -14.66 -56.86
C ASP C 328 -31.74 -14.33 -56.56
N GLY C 329 -30.90 -15.36 -56.65
CA GLY C 329 -29.49 -15.18 -56.34
C GLY C 329 -28.90 -16.36 -55.59
N TYR C 330 -29.73 -17.36 -55.30
CA TYR C 330 -29.22 -18.58 -54.70
C TYR C 330 -28.44 -19.38 -55.74
N ARG C 331 -28.02 -20.58 -55.34
CA ARG C 331 -27.32 -21.49 -56.24
C ARG C 331 -26.01 -20.88 -56.72
N ARG C 332 -25.15 -20.54 -55.77
CA ARG C 332 -23.88 -19.86 -56.03
C ARG C 332 -24.09 -18.57 -56.81
N ARG D 59 30.56 12.30 -19.36
CA ARG D 59 31.26 13.53 -19.03
C ARG D 59 30.88 14.65 -20.00
N SER D 60 30.89 14.35 -21.30
CA SER D 60 30.56 15.35 -22.30
C SER D 60 29.17 15.91 -22.09
N LEU D 61 28.25 15.09 -21.55
CA LEU D 61 26.89 15.53 -21.24
C LEU D 61 26.91 16.82 -20.42
N LEU D 62 27.84 16.92 -19.46
CA LEU D 62 27.98 18.13 -18.67
C LEU D 62 29.03 19.08 -19.21
N ASP D 63 30.02 18.56 -19.96
CA ASP D 63 31.06 19.40 -20.54
C ASP D 63 30.49 20.39 -21.55
N GLN D 64 29.53 19.94 -22.37
CA GLN D 64 28.94 20.79 -23.39
C GLN D 64 28.19 21.97 -22.81
N ILE D 65 27.77 21.89 -21.55
CA ILE D 65 27.10 23.01 -20.90
C ILE D 65 28.03 23.75 -19.94
N PHE D 66 29.14 23.12 -19.55
CA PHE D 66 30.13 23.82 -18.75
C PHE D 66 30.93 24.79 -19.60
N LYS D 67 31.33 24.37 -20.81
CA LYS D 67 32.15 25.23 -21.65
C LYS D 67 31.53 26.57 -21.98
N PRO D 68 30.23 26.67 -22.30
CA PRO D 68 29.64 28.01 -22.50
C PRO D 68 29.70 28.88 -21.26
N VAL D 69 29.78 28.27 -20.08
CA VAL D 69 29.94 29.07 -18.86
C VAL D 69 31.41 29.40 -18.63
N LEU D 70 32.32 28.47 -18.93
CA LEU D 70 33.74 28.69 -18.66
C LEU D 70 34.36 29.67 -19.65
N GLU D 71 33.83 29.75 -20.87
CA GLU D 71 34.43 30.59 -21.89
C GLU D 71 34.41 32.08 -21.55
N ASP D 72 33.54 32.50 -20.63
CA ASP D 72 33.47 33.90 -20.24
C ASP D 72 34.22 34.12 -18.94
N GLN D 82 32.63 44.07 -12.56
CA GLN D 82 33.00 43.26 -11.41
C GLN D 82 32.90 41.77 -11.72
N VAL D 83 31.81 41.17 -11.24
CA VAL D 83 31.58 39.73 -11.40
C VAL D 83 30.29 39.53 -12.18
N LEU D 84 30.19 38.36 -12.81
CA LEU D 84 29.02 37.98 -13.58
C LEU D 84 28.48 36.65 -13.08
N ASP D 85 27.16 36.55 -12.98
CA ASP D 85 26.48 35.35 -12.48
C ASP D 85 25.65 34.75 -13.61
N ARG D 86 26.29 33.90 -14.41
CA ARG D 86 25.62 33.17 -15.47
C ARG D 86 25.47 31.69 -15.14
N VAL D 87 25.79 31.28 -13.91
CA VAL D 87 25.80 29.87 -13.57
C VAL D 87 24.44 29.36 -13.11
N GLY D 88 23.55 30.27 -12.68
CA GLY D 88 22.24 29.83 -12.25
C GLY D 88 21.47 29.10 -13.34
N ALA D 89 21.59 29.58 -14.58
CA ALA D 89 20.98 28.88 -15.70
C ALA D 89 21.56 27.49 -15.86
N ALA D 90 22.87 27.36 -15.64
CA ALA D 90 23.50 26.04 -15.69
C ALA D 90 22.94 25.12 -14.60
N THR D 91 22.75 25.66 -13.39
CA THR D 91 22.16 24.87 -12.32
C THR D 91 20.76 24.40 -12.68
N LYS D 92 19.96 25.29 -13.27
CA LYS D 92 18.62 24.89 -13.69
C LYS D 92 18.68 23.80 -14.77
N LYS D 93 19.61 23.95 -15.72
CA LYS D 93 19.80 22.92 -16.74
C LYS D 93 20.12 21.58 -16.10
N LEU D 94 21.05 21.58 -15.13
CA LEU D 94 21.39 20.35 -14.43
C LEU D 94 20.16 19.75 -13.74
N ALA D 95 19.37 20.60 -13.08
CA ALA D 95 18.21 20.11 -12.35
C ALA D 95 17.15 19.55 -13.29
N ARG D 96 17.10 20.05 -14.53
CA ARG D 96 16.08 19.60 -15.47
C ARG D 96 16.22 18.12 -15.84
N PHE D 97 17.42 17.56 -15.74
CA PHE D 97 17.66 16.19 -16.19
C PHE D 97 16.89 15.15 -15.39
N ASP D 98 16.30 15.52 -14.25
CA ASP D 98 15.73 14.56 -13.31
C ASP D 98 16.74 13.44 -13.02
N ILE D 99 17.96 13.84 -12.67
CA ILE D 99 19.01 12.88 -12.36
C ILE D 99 19.66 13.28 -11.05
N PHE D 100 19.07 14.26 -10.36
CA PHE D 100 19.60 14.73 -9.10
C PHE D 100 18.54 14.73 -8.00
N VAL D 132 26.36 18.27 -5.83
CA VAL D 132 25.41 17.46 -6.58
C VAL D 132 25.56 15.98 -6.20
N LYS D 133 24.54 15.45 -5.53
CA LYS D 133 24.70 14.14 -4.90
C LYS D 133 24.17 12.99 -5.75
N GLU D 134 22.86 12.93 -5.94
CA GLU D 134 22.21 11.81 -6.62
C GLU D 134 20.70 12.05 -6.60
N LYS D 135 19.99 11.37 -7.51
CA LYS D 135 18.55 11.16 -7.35
C LYS D 135 18.25 9.79 -6.77
N SER D 136 18.61 8.72 -7.49
CA SER D 136 18.35 7.34 -7.09
C SER D 136 18.92 6.38 -8.12
N ARG D 137 18.74 5.09 -7.89
CA ARG D 137 18.85 4.04 -8.89
C ARG D 137 17.48 3.35 -8.96
N LEU D 138 17.45 2.19 -9.62
CA LEU D 138 16.19 1.53 -9.91
C LEU D 138 15.38 1.30 -8.63
N VAL D 139 14.07 1.08 -8.83
CA VAL D 139 13.13 0.80 -7.76
C VAL D 139 12.41 -0.47 -8.19
N PHE D 140 11.45 -0.91 -7.38
CA PHE D 140 10.80 -2.18 -7.66
C PHE D 140 9.62 -2.36 -6.72
N SER D 141 8.79 -3.33 -7.05
CA SER D 141 7.74 -3.87 -6.18
C SER D 141 7.10 -5.05 -6.89
N ALA D 142 6.62 -6.01 -6.11
CA ALA D 142 5.76 -7.08 -6.65
C ALA D 142 4.71 -7.41 -5.60
N GLY D 143 3.59 -6.70 -5.63
CA GLY D 143 2.53 -6.96 -4.69
C GLY D 143 1.76 -8.22 -5.06
N THR D 144 2.49 -9.33 -5.16
CA THR D 144 1.98 -10.53 -5.80
C THR D 144 1.08 -11.31 -4.85
N ASP D 145 -0.22 -11.14 -5.02
CA ASP D 145 -1.20 -12.00 -4.35
C ASP D 145 -1.10 -13.40 -4.95
N PHE D 146 -1.89 -14.34 -4.45
CA PHE D 146 -1.90 -15.70 -4.99
C PHE D 146 -3.04 -16.47 -4.33
N GLY D 147 -3.15 -17.76 -4.64
CA GLY D 147 -3.89 -18.69 -3.83
C GLY D 147 -5.30 -19.02 -4.27
N ASN D 148 -5.76 -18.49 -5.40
CA ASN D 148 -7.13 -18.76 -5.82
C ASN D 148 -7.19 -18.64 -7.34
N ALA D 149 -8.40 -18.54 -7.88
CA ALA D 149 -8.55 -18.30 -9.31
C ALA D 149 -7.91 -16.99 -9.76
N GLU D 150 -7.43 -16.18 -8.82
CA GLU D 150 -6.77 -14.92 -9.12
C GLU D 150 -5.35 -14.94 -8.55
N GLY D 151 -4.38 -14.58 -9.39
CA GLY D 151 -3.03 -14.42 -8.94
C GLY D 151 -2.73 -12.98 -8.65
N SER D 152 -3.36 -12.10 -9.43
CA SER D 152 -3.37 -10.66 -9.25
C SER D 152 -2.01 -10.02 -9.47
N ALA D 153 -0.96 -10.85 -9.53
CA ALA D 153 0.28 -10.57 -10.24
C ALA D 153 0.66 -9.09 -10.32
N TYR D 154 0.74 -8.40 -9.19
CA TYR D 154 1.21 -7.03 -9.24
C TYR D 154 2.63 -7.00 -9.80
N THR D 155 3.08 -5.80 -10.16
CA THR D 155 4.46 -5.59 -10.57
C THR D 155 4.67 -4.09 -10.66
N ASN D 156 5.93 -3.70 -10.69
CA ASN D 156 6.34 -2.33 -10.94
C ASN D 156 7.83 -2.36 -11.22
N ALA D 157 8.34 -1.25 -11.74
CA ALA D 157 9.77 -1.12 -11.96
C ALA D 157 10.06 0.30 -12.41
N VAL D 158 11.22 0.80 -12.01
CA VAL D 158 11.77 2.04 -12.52
C VAL D 158 13.24 1.79 -12.75
N VAL D 159 13.79 2.41 -13.79
CA VAL D 159 15.21 2.33 -14.06
C VAL D 159 15.66 3.75 -14.39
N ARG D 160 16.25 4.43 -13.41
CA ARG D 160 16.53 5.84 -13.52
C ARG D 160 17.80 6.14 -14.30
N ASN D 161 18.40 5.14 -14.93
CA ASN D 161 19.55 5.36 -15.80
C ASN D 161 19.90 4.07 -16.52
N ILE D 162 20.34 4.20 -17.78
CA ILE D 162 20.89 3.07 -18.52
C ILE D 162 22.27 3.42 -19.05
N PHE D 163 22.33 4.41 -19.93
CA PHE D 163 23.59 4.85 -20.52
C PHE D 163 24.08 6.17 -19.94
N GLY D 164 23.35 6.75 -19.00
CA GLY D 164 23.71 8.05 -18.45
C GLY D 164 22.53 8.97 -18.27
N GLY D 165 21.56 8.95 -19.18
CA GLY D 165 20.37 9.77 -19.00
C GLY D 165 19.05 9.12 -19.35
N ALA D 166 19.09 7.91 -19.92
CA ALA D 166 17.89 7.25 -20.39
C ALA D 166 17.19 6.55 -19.23
N GLU D 167 15.86 6.54 -19.27
CA GLU D 167 15.04 6.02 -18.19
C GLU D 167 13.99 5.08 -18.77
N THR D 168 13.41 4.26 -17.92
CA THR D 168 12.36 3.33 -18.34
C THR D 168 11.33 3.24 -17.21
N LEU D 169 10.44 2.26 -17.32
CA LEU D 169 9.37 2.01 -16.37
C LEU D 169 8.67 0.73 -16.81
N THR D 170 7.79 0.23 -15.97
CA THR D 170 6.95 -0.92 -16.28
C THR D 170 5.90 -1.07 -15.20
N VAL D 171 4.72 -1.53 -15.61
CA VAL D 171 3.64 -1.88 -14.69
C VAL D 171 3.02 -3.18 -15.21
N ASN D 172 2.21 -3.82 -14.38
CA ASN D 172 1.55 -5.05 -14.77
C ASN D 172 0.51 -5.40 -13.72
N ALA D 173 -0.59 -6.01 -14.18
CA ALA D 173 -1.53 -6.70 -13.30
C ALA D 173 -2.16 -7.84 -14.12
N SER D 174 -1.56 -9.02 -14.04
CA SER D 174 -2.11 -10.20 -14.71
C SER D 174 -3.11 -10.90 -13.79
N THR D 175 -4.18 -10.18 -13.49
CA THR D 175 -5.04 -10.52 -12.38
C THR D 175 -5.63 -11.93 -12.49
N GLY D 176 -5.87 -12.41 -13.71
CA GLY D 176 -6.61 -13.63 -13.89
C GLY D 176 -8.10 -13.44 -14.05
N THR D 177 -8.59 -12.21 -13.90
CA THR D 177 -9.96 -11.85 -14.24
C THR D 177 -9.97 -10.91 -15.45
N ARG D 178 -9.29 -9.77 -15.36
CA ARG D 178 -8.94 -9.03 -16.56
C ARG D 178 -7.84 -9.77 -17.29
N THR D 179 -7.86 -9.67 -18.62
CA THR D 179 -6.83 -10.32 -19.42
C THR D 179 -5.43 -9.94 -18.92
N ARG D 180 -5.11 -8.64 -18.96
CA ARG D 180 -3.85 -8.13 -18.44
C ARG D 180 -3.84 -6.62 -18.61
N SER D 181 -2.91 -5.98 -17.91
CA SER D 181 -2.49 -4.62 -18.19
C SER D 181 -0.99 -4.63 -18.44
N ALA D 182 -0.51 -5.74 -18.96
CA ALA D 182 0.87 -6.23 -18.96
C ALA D 182 1.76 -5.48 -19.85
N TYR D 183 1.42 -4.33 -20.40
CA TYR D 183 2.32 -3.68 -21.33
C TYR D 183 2.66 -2.24 -20.96
N ASN D 184 2.25 -1.77 -19.79
CA ASN D 184 2.28 -0.34 -19.53
C ASN D 184 3.70 0.15 -19.29
N ALA D 185 4.55 -0.02 -20.30
CA ALA D 185 5.98 0.27 -20.21
C ALA D 185 6.30 1.53 -21.00
N THR D 186 7.27 2.31 -20.50
CA THR D 186 7.65 3.57 -21.11
C THR D 186 9.14 3.57 -21.41
N PHE D 187 9.65 4.74 -21.78
CA PHE D 187 11.05 4.93 -22.10
C PHE D 187 11.29 6.42 -22.28
N SER D 188 12.49 6.88 -21.97
CA SER D 188 12.80 8.30 -22.04
C SER D 188 14.27 8.50 -22.37
N THR D 189 14.56 9.56 -23.09
CA THR D 189 15.93 9.92 -23.40
C THR D 189 16.02 11.34 -23.94
N PRO D 190 16.91 12.17 -23.41
CA PRO D 190 17.23 13.43 -24.09
C PRO D 190 17.78 13.17 -25.48
N ILE D 191 17.88 14.23 -26.27
CA ILE D 191 18.22 14.11 -27.67
C ILE D 191 19.36 15.07 -27.99
N ASN D 192 20.54 14.53 -28.26
CA ASN D 192 21.68 15.25 -28.80
C ASN D 192 21.96 16.55 -28.06
N GLY D 193 21.97 16.47 -26.73
CA GLY D 193 22.63 17.49 -25.96
C GLY D 193 21.93 18.07 -24.74
N ASN D 194 20.61 18.22 -24.78
CA ASN D 194 19.92 18.97 -23.75
C ASN D 194 18.82 18.12 -23.15
N PRO D 195 18.44 18.37 -21.90
CA PRO D 195 17.33 17.65 -21.28
C PRO D 195 15.97 18.17 -21.70
N ASP D 196 15.92 19.21 -22.52
CA ASP D 196 14.65 19.75 -22.98
C ASP D 196 14.03 18.85 -24.05
N LEU D 197 14.76 18.62 -25.13
CA LEU D 197 14.19 17.93 -26.28
C LEU D 197 14.04 16.44 -26.02
N ARG D 198 13.27 16.10 -24.99
CA ARG D 198 13.06 14.71 -24.61
C ARG D 198 12.41 13.94 -25.76
N LEU D 199 12.45 12.61 -25.65
CA LEU D 199 11.74 11.71 -26.53
C LEU D 199 11.17 10.59 -25.65
N SER D 200 10.38 9.70 -26.24
CA SER D 200 9.75 8.66 -25.46
C SER D 200 9.10 7.64 -26.38
N VAL D 201 8.78 6.49 -25.80
CA VAL D 201 8.03 5.42 -26.44
C VAL D 201 7.28 4.68 -25.34
N GLU D 202 6.03 4.36 -25.60
CA GLU D 202 5.21 3.63 -24.65
C GLU D 202 4.33 2.67 -25.44
N ALA D 203 4.01 1.53 -24.84
CA ALA D 203 3.09 0.57 -25.46
C ALA D 203 2.03 0.23 -24.42
N LEU D 204 1.02 1.09 -24.31
CA LEU D 204 0.06 0.95 -23.23
C LEU D 204 -0.94 -0.16 -23.54
N ARG D 205 -1.60 -0.63 -22.49
CA ARG D 205 -2.72 -1.56 -22.62
C ARG D 205 -3.50 -1.51 -21.33
N SER D 206 -4.77 -1.16 -21.40
CA SER D 206 -5.56 -0.94 -20.19
C SER D 206 -7.02 -1.19 -20.51
N ALA D 207 -7.86 -1.04 -19.49
CA ALA D 207 -9.31 -1.17 -19.62
C ALA D 207 -9.93 0.07 -18.97
N THR D 208 -10.04 1.14 -19.75
CA THR D 208 -10.57 2.41 -19.24
C THR D 208 -12.07 2.27 -19.07
N GLN D 209 -12.50 1.91 -17.88
CA GLN D 209 -13.93 1.71 -17.62
C GLN D 209 -14.66 3.04 -17.62
N LYS D 210 -15.86 3.04 -18.17
CA LYS D 210 -16.69 4.25 -18.25
C LYS D 210 -18.07 3.95 -17.68
N PRO D 211 -18.38 4.46 -16.50
CA PRO D 211 -19.75 4.25 -15.97
C PRO D 211 -20.78 5.14 -16.63
N TRP D 212 -20.44 6.40 -16.92
CA TRP D 212 -21.43 7.33 -17.46
C TRP D 212 -21.99 6.88 -18.79
N ALA D 213 -21.18 6.25 -19.62
CA ALA D 213 -21.64 5.56 -20.82
C ALA D 213 -21.37 4.08 -20.57
N SER D 214 -22.44 3.30 -20.40
CA SER D 214 -22.30 2.01 -19.73
C SER D 214 -21.57 1.00 -20.60
N HIS D 215 -20.26 1.19 -20.76
CA HIS D 215 -19.43 0.30 -21.53
C HIS D 215 -17.99 0.45 -21.06
N GLU D 216 -17.07 -0.22 -21.75
CA GLU D 216 -15.67 -0.19 -21.41
C GLU D 216 -14.84 -0.04 -22.68
N GLU D 217 -13.57 0.27 -22.50
CA GLU D 217 -12.64 0.40 -23.62
C GLU D 217 -11.42 -0.45 -23.35
N HIS D 218 -10.86 -1.03 -24.41
CA HIS D 218 -9.72 -1.92 -24.32
C HIS D 218 -8.62 -1.39 -25.23
N LEU D 219 -7.81 -0.49 -24.71
CA LEU D 219 -6.72 0.09 -25.49
C LEU D 219 -5.53 -0.85 -25.51
N THR D 220 -4.90 -0.99 -26.68
CA THR D 220 -3.67 -1.78 -26.79
C THR D 220 -2.68 -1.09 -27.70
N GLY D 221 -2.49 0.21 -27.53
CA GLY D 221 -1.73 1.00 -28.46
C GLY D 221 -0.30 1.31 -28.03
N ALA D 222 0.38 2.07 -28.89
CA ALA D 222 1.74 2.52 -28.63
C ALA D 222 1.91 3.89 -29.26
N ASN D 223 2.76 4.73 -28.65
CA ASN D 223 2.88 6.10 -29.10
C ASN D 223 4.35 6.52 -29.08
N LEU D 224 4.58 7.81 -29.30
CA LEU D 224 5.93 8.36 -29.49
C LEU D 224 5.86 9.87 -29.30
N ARG D 225 6.52 10.39 -28.28
CA ARG D 225 6.40 11.80 -27.93
C ARG D 225 7.68 12.55 -28.26
N LEU D 226 7.61 13.89 -28.16
CA LEU D 226 8.78 14.76 -28.29
C LEU D 226 8.50 16.00 -27.44
N ALA D 227 8.95 15.97 -26.20
CA ALA D 227 8.50 16.94 -25.20
C ALA D 227 9.44 18.16 -25.13
N TRP D 228 9.56 18.85 -26.26
CA TRP D 228 10.40 20.04 -26.32
C TRP D 228 9.85 21.09 -25.36
N LEU D 229 10.68 21.53 -24.43
CA LEU D 229 10.38 22.63 -23.54
C LEU D 229 11.19 23.86 -23.94
N THR D 230 10.53 24.85 -24.53
CA THR D 230 11.20 26.09 -24.88
C THR D 230 11.68 26.78 -23.59
N GLU D 231 12.75 27.58 -23.74
CA GLU D 231 13.42 28.17 -22.59
C GLU D 231 12.51 29.11 -21.80
N LYS D 232 11.56 29.77 -22.44
CA LYS D 232 10.76 30.78 -21.77
C LYS D 232 9.68 30.21 -20.87
N GLY D 233 9.51 28.88 -20.86
CA GLY D 233 8.44 28.24 -20.14
C GLY D 233 7.38 27.62 -21.03
N ASP D 234 7.32 28.04 -22.29
CA ASP D 234 6.37 27.47 -23.23
C ASP D 234 6.78 26.04 -23.55
N THR D 235 5.87 25.10 -23.31
CA THR D 235 6.09 23.70 -23.63
C THR D 235 5.55 23.42 -25.03
N HIS D 236 5.99 22.32 -25.62
CA HIS D 236 5.43 21.82 -26.86
C HIS D 236 5.29 20.31 -26.73
N ALA D 237 4.95 19.66 -27.83
CA ALA D 237 4.94 18.20 -27.90
C ALA D 237 4.60 17.72 -29.30
N LEU D 238 4.60 16.41 -29.49
CA LEU D 238 3.96 15.74 -30.61
C LEU D 238 3.50 14.38 -30.13
N ALA D 239 3.06 13.54 -31.05
CA ALA D 239 2.66 12.18 -30.71
C ALA D 239 2.32 11.45 -32.00
N TYR D 240 2.28 10.13 -31.90
CA TYR D 240 1.79 9.29 -32.98
C TYR D 240 1.35 8.00 -32.31
N SER D 241 0.05 7.86 -32.05
CA SER D 241 -0.45 6.81 -31.17
C SER D 241 -1.43 5.93 -31.91
N SER D 242 -0.93 4.93 -32.61
CA SER D 242 -1.80 3.92 -33.18
C SER D 242 -2.31 3.02 -32.05
N VAL D 243 -3.63 3.01 -31.85
CA VAL D 243 -4.23 2.24 -30.78
C VAL D 243 -5.24 1.27 -31.36
N TRP D 244 -5.93 0.52 -30.51
CA TRP D 244 -6.87 -0.49 -30.97
C TRP D 244 -8.30 -0.19 -30.55
N ARG D 245 -8.51 0.25 -29.30
CA ARG D 245 -9.73 0.98 -28.94
C ARG D 245 -10.98 0.16 -29.20
N GLN D 246 -11.11 -0.93 -28.44
CA GLN D 246 -12.26 -1.82 -28.53
C GLN D 246 -13.26 -1.51 -27.42
N LEU D 247 -14.54 -1.67 -27.72
CA LEU D 247 -15.63 -1.43 -26.76
C LEU D 247 -16.37 -2.73 -26.53
N THR D 248 -16.32 -3.24 -25.29
CA THR D 248 -16.90 -4.56 -25.03
C THR D 248 -17.62 -4.64 -23.69
N GLY D 249 -17.98 -3.53 -23.06
CA GLY D 249 -18.54 -3.62 -21.73
C GLY D 249 -20.03 -3.39 -21.63
N LEU D 250 -20.77 -3.67 -22.69
CA LEU D 250 -22.18 -3.32 -22.72
C LEU D 250 -23.00 -4.25 -21.84
N ALA D 251 -22.77 -4.22 -20.52
CA ALA D 251 -23.41 -5.20 -19.65
C ALA D 251 -24.89 -4.90 -19.42
N PRO D 252 -25.26 -3.77 -18.82
CA PRO D 252 -26.68 -3.55 -18.52
C PRO D 252 -27.41 -3.03 -19.75
N THR D 253 -28.68 -2.67 -19.59
CA THR D 253 -29.35 -1.95 -20.67
C THR D 253 -28.64 -0.63 -20.89
N ALA D 254 -27.91 -0.51 -22.00
CA ALA D 254 -27.10 0.68 -22.21
C ALA D 254 -27.83 1.72 -23.05
N SER D 255 -28.06 1.43 -24.32
CA SER D 255 -28.77 2.32 -25.23
C SER D 255 -28.88 1.63 -26.59
N PRO D 256 -29.67 2.14 -27.50
CA PRO D 256 -29.52 1.72 -28.90
C PRO D 256 -28.54 2.61 -29.65
N THR D 257 -27.79 3.43 -28.90
CA THR D 257 -26.70 4.22 -29.45
C THR D 257 -25.35 3.56 -29.19
N VAL D 258 -25.10 3.18 -27.95
CA VAL D 258 -23.85 2.53 -27.56
C VAL D 258 -23.94 1.06 -27.94
N ARG D 259 -25.04 0.67 -28.56
CA ARG D 259 -25.13 -0.61 -29.23
C ARG D 259 -24.94 -0.50 -30.73
N ALA D 260 -24.57 0.69 -31.21
CA ALA D 260 -24.14 0.85 -32.59
C ALA D 260 -22.64 1.09 -32.70
N ASP D 261 -21.94 1.23 -31.56
CA ASP D 261 -20.50 1.45 -31.54
C ASP D 261 -19.91 0.40 -30.60
N ALA D 262 -19.64 -0.78 -31.14
CA ALA D 262 -19.04 -1.85 -30.34
C ALA D 262 -17.90 -2.53 -31.07
N GLY D 263 -17.52 -2.03 -32.25
CA GLY D 263 -16.49 -2.66 -33.04
C GLY D 263 -15.08 -2.31 -32.60
N ASP D 264 -14.25 -1.92 -33.55
CA ASP D 264 -12.85 -1.61 -33.27
C ASP D 264 -12.45 -0.40 -34.10
N SER D 265 -11.19 0.00 -33.97
CA SER D 265 -10.69 1.20 -34.64
C SER D 265 -9.17 1.21 -34.54
N LEU D 266 -8.54 2.09 -35.30
CA LEU D 266 -7.10 2.26 -35.22
C LEU D 266 -6.72 3.63 -34.68
N LYS D 267 -7.17 4.71 -35.33
CA LYS D 267 -6.95 6.08 -34.85
C LYS D 267 -5.46 6.38 -34.69
N SER D 268 -4.76 6.38 -35.82
CA SER D 268 -3.34 6.71 -35.84
C SER D 268 -3.19 8.24 -35.78
N SER D 269 -3.34 8.77 -34.57
CA SER D 269 -3.43 10.21 -34.38
C SER D 269 -2.06 10.86 -34.48
N LEU D 270 -2.04 12.19 -34.36
CA LEU D 270 -0.79 12.95 -34.23
C LEU D 270 -1.15 14.28 -33.57
N THR D 271 -0.92 14.38 -32.27
CA THR D 271 -1.38 15.56 -31.53
C THR D 271 -0.34 16.68 -31.66
N HIS D 272 -0.60 17.79 -30.99
CA HIS D 272 0.42 18.82 -30.77
C HIS D 272 0.00 19.63 -29.56
N THR D 273 0.59 19.35 -28.41
CA THR D 273 0.18 20.01 -27.19
C THR D 273 0.78 21.42 -27.19
N PHE D 274 0.67 22.14 -26.08
CA PHE D 274 1.18 23.49 -25.92
C PHE D 274 0.94 23.88 -24.47
N THR D 275 1.60 24.94 -24.03
CA THR D 275 1.34 25.53 -22.72
C THR D 275 2.07 26.86 -22.64
N ARG D 276 1.40 27.88 -22.10
CA ARG D 276 2.06 29.13 -21.76
C ARG D 276 1.69 29.40 -20.31
N ASP D 277 2.43 28.78 -19.39
CA ASP D 277 2.07 28.80 -17.99
C ASP D 277 2.80 29.94 -17.27
N ARG D 278 2.06 31.00 -16.97
CA ARG D 278 2.57 32.06 -16.10
C ARG D 278 1.94 32.00 -14.72
N ARG D 279 1.32 30.88 -14.37
CA ARG D 279 0.57 30.78 -13.12
C ARG D 279 1.50 30.82 -11.92
N ASP D 280 1.08 31.53 -10.88
CA ASP D 280 1.89 31.71 -9.69
C ASP D 280 1.94 30.47 -8.81
N ASN D 281 0.88 29.67 -8.80
CA ASN D 281 0.85 28.44 -8.05
C ASN D 281 0.06 27.45 -8.88
N PRO D 282 0.66 26.35 -9.31
CA PRO D 282 0.01 25.48 -10.31
C PRO D 282 -1.36 24.99 -9.90
N MET D 283 -1.60 24.75 -8.62
CA MET D 283 -2.90 24.29 -8.15
C MET D 283 -3.83 25.43 -7.79
N LEU D 284 -3.31 26.52 -7.23
CA LEU D 284 -4.11 27.64 -6.75
C LEU D 284 -3.83 28.86 -7.61
N PRO D 285 -4.60 29.09 -8.67
CA PRO D 285 -4.36 30.28 -9.52
C PRO D 285 -4.79 31.54 -8.79
N GLN D 286 -3.81 32.31 -8.32
CA GLN D 286 -4.08 33.54 -7.59
C GLN D 286 -3.84 34.78 -8.44
N SER D 287 -2.70 34.85 -9.13
CA SER D 287 -2.41 36.01 -9.96
C SER D 287 -1.73 35.65 -11.27
N GLY D 288 -1.73 34.38 -11.66
CA GLY D 288 -0.97 33.95 -12.80
C GLY D 288 -1.66 34.08 -14.14
N TYR D 289 -1.70 32.99 -14.89
CA TYR D 289 -2.15 33.00 -16.27
C TYR D 289 -2.19 31.53 -16.73
N LEU D 290 -2.63 31.32 -17.96
CA LEU D 290 -2.57 29.99 -18.58
C LEU D 290 -2.98 30.11 -20.03
N PHE D 291 -2.73 29.03 -20.78
CA PHE D 291 -3.09 28.89 -22.17
C PHE D 291 -2.75 27.47 -22.58
N ARG D 292 -3.51 26.86 -23.47
CA ARG D 292 -3.20 25.52 -23.96
C ARG D 292 -3.67 25.38 -25.39
N SER D 293 -3.39 24.22 -25.97
CA SER D 293 -3.96 23.81 -27.24
C SER D 293 -3.64 22.34 -27.46
N VAL D 294 -4.64 21.53 -27.76
CA VAL D 294 -4.44 20.12 -28.06
C VAL D 294 -5.12 19.87 -29.40
N SER D 295 -4.39 20.04 -30.49
CA SER D 295 -4.94 19.90 -31.82
C SER D 295 -4.35 18.66 -32.47
N GLU D 296 -5.19 17.69 -32.76
CA GLU D 296 -4.71 16.43 -33.33
C GLU D 296 -5.44 16.14 -34.63
N LEU D 297 -4.73 15.45 -35.52
CA LEU D 297 -5.24 15.07 -36.82
C LEU D 297 -5.18 13.55 -36.87
N ALA D 298 -6.35 12.90 -36.95
CA ALA D 298 -6.44 11.48 -36.63
C ALA D 298 -6.21 10.57 -37.82
N GLY D 299 -7.05 10.63 -38.83
CA GLY D 299 -6.81 9.77 -39.97
C GLY D 299 -6.93 10.52 -41.27
N TRP D 300 -5.82 10.62 -42.01
CA TRP D 300 -5.82 11.38 -43.24
C TRP D 300 -4.51 11.17 -43.97
N GLY D 301 -4.55 11.09 -45.31
CA GLY D 301 -3.38 10.96 -46.12
C GLY D 301 -2.47 9.85 -45.65
N PRO D 302 -1.28 10.22 -45.15
CA PRO D 302 -0.38 9.19 -44.63
C PRO D 302 -0.84 8.61 -43.31
N LEU D 303 -1.44 9.42 -42.45
CA LEU D 303 -1.97 8.92 -41.19
C LEU D 303 -3.18 8.05 -41.49
N ASN D 304 -2.97 6.73 -41.52
CA ASN D 304 -4.01 5.81 -41.94
C ASN D 304 -4.76 5.24 -40.75
N GLY D 305 -5.70 4.36 -41.03
CA GLY D 305 -6.58 3.80 -40.02
C GLY D 305 -8.00 3.72 -40.53
N ASP D 306 -8.98 3.95 -39.67
CA ASP D 306 -10.38 4.02 -40.11
C ASP D 306 -11.04 5.34 -39.77
N VAL D 307 -10.90 5.83 -38.53
CA VAL D 307 -11.51 7.10 -38.17
C VAL D 307 -10.76 8.24 -38.84
N SER D 308 -11.42 9.39 -38.96
CA SER D 308 -10.84 10.52 -39.67
C SER D 308 -11.49 11.80 -39.17
N PHE D 309 -10.70 12.67 -38.54
CA PHE D 309 -11.23 13.94 -38.05
C PHE D 309 -10.07 14.88 -37.80
N ALA D 310 -10.35 16.02 -37.15
CA ALA D 310 -9.31 16.92 -36.68
C ALA D 310 -9.85 17.64 -35.45
N LYS D 311 -9.56 17.11 -34.27
CA LYS D 311 -10.07 17.65 -33.02
C LYS D 311 -9.17 18.80 -32.57
N THR D 312 -9.78 19.91 -32.18
CA THR D 312 -9.03 21.14 -31.89
C THR D 312 -9.53 21.75 -30.58
N GLU D 313 -8.92 21.35 -29.47
CA GLU D 313 -9.33 21.82 -28.15
C GLU D 313 -8.42 22.96 -27.74
N VAL D 314 -9.01 24.06 -27.29
CA VAL D 314 -8.27 25.25 -26.85
C VAL D 314 -8.49 25.39 -25.36
N GLU D 315 -7.89 26.40 -24.74
CA GLU D 315 -8.17 26.72 -23.35
C GLU D 315 -7.83 28.19 -23.11
N ALA D 316 -7.99 28.60 -21.86
CA ALA D 316 -7.54 29.89 -21.36
C ALA D 316 -7.69 29.83 -19.85
N SER D 317 -7.35 30.92 -19.18
CA SER D 317 -7.55 31.05 -17.74
C SER D 317 -7.29 32.49 -17.36
N GLY D 318 -7.21 32.75 -16.07
CA GLY D 318 -6.84 34.08 -15.60
C GLY D 318 -6.84 34.11 -14.09
N ALA D 319 -6.49 35.28 -13.56
CA ALA D 319 -6.54 35.60 -12.15
C ALA D 319 -6.19 37.07 -11.99
N LEU D 320 -6.77 37.72 -11.00
CA LEU D 320 -6.46 39.13 -10.81
C LEU D 320 -6.81 39.57 -9.39
N PRO D 321 -5.88 39.49 -8.45
CA PRO D 321 -6.15 39.96 -7.08
C PRO D 321 -6.24 41.48 -7.07
N VAL D 322 -7.45 42.00 -6.83
CA VAL D 322 -7.67 43.43 -6.86
C VAL D 322 -7.47 44.03 -5.47
N LYS D 330 -1.17 41.84 1.49
CA LYS D 330 -1.46 40.90 0.42
C LYS D 330 -2.84 40.25 0.63
N SER D 331 -3.88 40.99 0.26
CA SER D 331 -5.24 40.45 0.32
C SER D 331 -5.45 39.47 -0.83
N GLY D 332 -5.60 38.20 -0.49
CA GLY D 332 -5.77 37.18 -1.51
C GLY D 332 -7.17 37.11 -2.09
N VAL D 333 -7.69 38.23 -2.58
CA VAL D 333 -9.02 38.24 -3.16
C VAL D 333 -9.08 37.31 -4.36
N SER D 334 -8.15 37.50 -5.32
CA SER D 334 -7.86 36.52 -6.37
C SER D 334 -9.13 36.18 -7.17
N VAL D 335 -9.64 37.20 -7.87
CA VAL D 335 -10.72 36.98 -8.81
C VAL D 335 -10.32 35.89 -9.78
N GLY D 336 -11.28 35.04 -10.17
CA GLY D 336 -11.01 33.89 -10.98
C GLY D 336 -11.33 34.10 -12.46
N GLY D 337 -11.23 33.01 -13.20
CA GLY D 337 -11.52 33.02 -14.62
C GLY D 337 -11.53 31.62 -15.18
N GLY D 338 -11.73 31.54 -16.48
CA GLY D 338 -11.75 30.26 -17.16
C GLY D 338 -12.47 30.37 -18.49
N LEU D 339 -12.08 29.51 -19.42
CA LEU D 339 -12.72 29.41 -20.73
C LEU D 339 -12.11 28.22 -21.45
N ARG D 340 -12.93 27.57 -22.28
CA ARG D 340 -12.47 26.46 -23.11
C ARG D 340 -13.21 26.53 -24.43
N LEU D 341 -12.81 25.65 -25.36
CA LEU D 341 -13.49 25.51 -26.63
C LEU D 341 -13.33 24.08 -27.10
N GLY D 342 -13.63 23.84 -28.37
CA GLY D 342 -13.43 22.53 -28.97
C GLY D 342 -14.22 22.34 -30.25
N VAL D 343 -13.67 21.58 -31.18
CA VAL D 343 -14.30 21.31 -32.48
C VAL D 343 -13.86 19.94 -32.93
N LEU D 344 -14.77 19.14 -33.44
CA LEU D 344 -14.48 17.81 -33.97
C LEU D 344 -14.95 17.78 -35.41
N TYR D 345 -14.04 18.05 -36.34
CA TYR D 345 -14.40 18.20 -37.74
C TYR D 345 -14.04 16.95 -38.52
N PRO D 346 -15.02 16.18 -39.00
CA PRO D 346 -14.70 15.00 -39.82
C PRO D 346 -13.93 15.37 -41.08
N LEU D 347 -13.24 14.39 -41.63
CA LEU D 347 -12.37 14.58 -42.78
C LEU D 347 -12.44 13.34 -43.65
N PRO D 348 -12.12 13.47 -44.94
CA PRO D 348 -12.03 12.28 -45.80
C PRO D 348 -10.91 11.36 -45.38
N LEU D 349 -10.71 10.26 -46.11
CA LEU D 349 -9.71 9.28 -45.73
C LEU D 349 -8.47 9.27 -46.60
N GLY D 350 -8.55 9.69 -47.86
CA GLY D 350 -7.36 9.63 -48.69
C GLY D 350 -6.90 10.95 -49.28
N TYR D 351 -5.79 11.47 -48.75
CA TYR D 351 -4.99 12.54 -49.35
C TYR D 351 -5.79 13.64 -50.03
N SER D 352 -6.88 14.06 -49.41
CA SER D 352 -7.71 15.09 -50.03
C SER D 352 -8.49 15.80 -48.94
N LEU D 353 -9.31 16.77 -49.36
CA LEU D 353 -10.14 17.54 -48.46
C LEU D 353 -11.60 17.49 -48.83
N THR D 354 -11.94 17.01 -50.02
CA THR D 354 -13.33 16.90 -50.46
C THR D 354 -13.62 15.45 -50.77
N GLY D 355 -14.85 15.02 -50.47
CA GLY D 355 -15.24 13.64 -50.70
C GLY D 355 -16.01 13.04 -49.56
N ALA D 356 -15.83 11.74 -49.33
CA ALA D 356 -16.54 11.07 -48.25
C ALA D 356 -16.10 11.62 -46.90
N ALA D 357 -16.96 11.44 -45.90
CA ALA D 357 -16.64 11.84 -44.52
C ALA D 357 -17.56 11.07 -43.59
N GLN D 358 -17.01 10.17 -42.81
CA GLN D 358 -17.89 9.41 -41.94
C GLN D 358 -18.00 10.08 -40.58
N PRO D 359 -19.20 10.28 -40.07
CA PRO D 359 -19.38 11.10 -38.86
C PRO D 359 -18.77 10.48 -37.62
N SER D 360 -18.87 11.20 -36.50
CA SER D 360 -18.13 10.86 -35.31
C SER D 360 -18.67 9.59 -34.65
N ARG D 361 -17.83 8.97 -33.86
CA ARG D 361 -18.19 7.83 -33.01
C ARG D 361 -18.31 8.29 -31.57
N ILE D 362 -18.60 7.35 -30.67
CA ILE D 362 -18.66 7.67 -29.25
C ILE D 362 -17.28 7.60 -28.61
N ASN D 363 -16.26 7.20 -29.35
CA ASN D 363 -14.91 7.16 -28.81
C ASN D 363 -14.20 8.50 -28.94
N ASP D 364 -14.64 9.36 -29.86
CA ASP D 364 -13.90 10.56 -30.20
C ASP D 364 -14.66 11.85 -29.92
N ARG D 365 -15.66 11.83 -29.05
CA ARG D 365 -16.46 13.02 -28.86
C ARG D 365 -16.28 13.58 -27.46
N PHE D 366 -16.41 14.90 -27.35
CA PHE D 366 -16.17 15.61 -26.10
C PHE D 366 -17.29 15.34 -25.12
N GLN D 367 -16.93 15.18 -23.84
CA GLN D 367 -17.90 15.06 -22.76
C GLN D 367 -17.60 16.16 -21.75
N LEU D 368 -18.60 16.98 -21.46
CA LEU D 368 -18.42 18.22 -20.69
C LEU D 368 -19.23 18.14 -19.41
N GLY D 369 -18.58 17.80 -18.31
CA GLY D 369 -19.25 17.81 -17.03
C GLY D 369 -18.40 17.12 -15.99
N GLY D 370 -18.84 17.25 -14.75
CA GLY D 370 -18.23 16.56 -13.65
C GLY D 370 -17.53 17.49 -12.68
N PRO D 371 -17.03 16.92 -11.59
CA PRO D 371 -16.35 17.75 -10.57
C PRO D 371 -15.04 18.34 -11.04
N ASN D 372 -14.51 17.91 -12.18
CA ASN D 372 -13.22 18.40 -12.64
C ASN D 372 -13.31 19.44 -13.73
N ASP D 373 -14.42 19.49 -14.47
CA ASP D 373 -14.53 20.42 -15.60
C ASP D 373 -15.60 21.48 -15.37
N VAL D 374 -16.84 21.08 -15.13
CA VAL D 374 -17.93 22.01 -14.87
C VAL D 374 -18.62 21.50 -13.60
N ARG D 375 -18.33 22.15 -12.47
CA ARG D 375 -18.91 21.74 -11.20
C ARG D 375 -20.42 21.89 -11.25
N GLY D 376 -21.11 21.03 -10.51
CA GLY D 376 -22.55 21.09 -10.42
C GLY D 376 -23.30 20.15 -11.32
N PHE D 377 -22.65 19.10 -11.83
CA PHE D 377 -23.34 18.13 -12.68
C PHE D 377 -22.71 16.77 -12.46
N LYS D 378 -23.45 15.74 -12.86
CA LYS D 378 -22.97 14.37 -12.74
C LYS D 378 -21.66 14.21 -13.50
N ILE D 379 -20.91 13.14 -13.22
CA ILE D 379 -19.58 12.98 -13.81
C ILE D 379 -19.63 13.11 -15.32
N GLY D 380 -20.70 12.65 -15.95
CA GLY D 380 -20.91 12.99 -17.34
C GLY D 380 -22.29 13.58 -17.56
N GLY D 381 -22.36 14.86 -17.88
CA GLY D 381 -23.63 15.50 -18.10
C GLY D 381 -23.52 16.48 -19.24
N LEU D 382 -24.53 17.34 -19.42
CA LEU D 382 -24.50 18.37 -20.44
C LEU D 382 -24.11 17.83 -21.80
N GLY D 383 -24.94 16.93 -22.32
CA GLY D 383 -24.65 16.35 -23.60
C GLY D 383 -25.91 15.97 -24.35
N PRO D 384 -25.74 15.50 -25.56
CA PRO D 384 -26.89 14.89 -26.27
C PRO D 384 -27.19 13.54 -25.65
N HIS D 385 -27.87 13.60 -24.50
CA HIS D 385 -28.13 12.39 -23.72
C HIS D 385 -29.11 11.48 -24.44
N ASP D 386 -28.90 10.18 -24.26
CA ASP D 386 -29.78 9.15 -24.78
C ASP D 386 -30.31 8.37 -23.58
N GLY D 387 -31.51 8.72 -23.14
CA GLY D 387 -32.08 8.08 -21.97
C GLY D 387 -31.23 8.28 -20.73
N VAL D 388 -30.55 7.21 -20.30
CA VAL D 388 -29.68 7.27 -19.13
C VAL D 388 -28.22 7.38 -19.51
N ASP D 389 -27.88 7.11 -20.77
CA ASP D 389 -26.49 6.99 -21.19
C ASP D 389 -26.02 8.29 -21.84
N ALA D 390 -24.80 8.71 -21.53
CA ALA D 390 -24.29 10.02 -21.88
C ALA D 390 -23.44 9.92 -23.15
N VAL D 391 -24.08 10.15 -24.29
CA VAL D 391 -23.36 10.22 -25.56
C VAL D 391 -22.76 11.61 -25.71
N GLY D 392 -21.48 11.66 -26.08
CA GLY D 392 -20.82 12.94 -26.24
C GLY D 392 -21.22 13.66 -27.52
N GLY D 393 -20.99 14.97 -27.53
CA GLY D 393 -21.26 15.79 -28.68
C GLY D 393 -19.98 16.28 -29.35
N ASP D 394 -20.14 16.81 -30.55
CA ASP D 394 -18.95 17.21 -31.32
C ASP D 394 -18.44 18.57 -30.90
N VAL D 395 -19.22 19.62 -31.12
CA VAL D 395 -18.79 20.98 -30.84
C VAL D 395 -19.19 21.34 -29.41
N PHE D 396 -18.35 22.10 -28.73
CA PHE D 396 -18.72 22.53 -27.38
C PHE D 396 -17.92 23.75 -26.99
N ALA D 397 -18.33 24.35 -25.87
CA ALA D 397 -17.64 25.47 -25.25
C ALA D 397 -17.76 25.30 -23.75
N ALA D 398 -17.28 26.28 -22.99
CA ALA D 398 -17.33 26.18 -21.55
C ALA D 398 -17.21 27.58 -20.97
N GLY D 399 -16.91 27.66 -19.69
CA GLY D 399 -16.72 28.94 -19.04
C GLY D 399 -16.61 28.74 -17.55
N SER D 400 -16.34 29.85 -16.86
CA SER D 400 -16.37 29.89 -15.41
C SER D 400 -16.07 31.31 -14.96
N VAL D 401 -16.44 31.60 -13.72
CA VAL D 401 -15.96 32.75 -12.97
C VAL D 401 -15.74 32.25 -11.56
N ASN D 402 -14.79 32.87 -10.86
CA ASN D 402 -14.42 32.37 -9.53
C ASN D 402 -14.13 33.53 -8.60
N ALA D 403 -14.14 33.23 -7.31
CA ALA D 403 -13.87 34.23 -6.29
C ALA D 403 -12.66 33.91 -5.43
N LEU D 404 -12.56 32.69 -4.92
CA LEU D 404 -11.45 32.26 -4.07
C LEU D 404 -11.17 33.28 -2.96
N LEU D 405 -12.15 33.42 -2.08
CA LEU D 405 -11.99 34.34 -0.97
C LEU D 405 -10.96 33.80 0.01
N PRO D 406 -10.09 34.65 0.55
CA PRO D 406 -9.17 34.21 1.60
C PRO D 406 -9.83 34.32 2.97
N LEU D 407 -9.52 33.36 3.82
CA LEU D 407 -10.12 33.27 5.15
C LEU D 407 -9.91 34.57 5.90
N PRO D 408 -10.97 35.35 6.13
CA PRO D 408 -10.79 36.68 6.72
C PRO D 408 -10.29 36.60 8.15
N ARG D 409 -9.65 37.69 8.58
CA ARG D 409 -9.07 37.84 9.92
C ARG D 409 -8.01 36.78 10.21
N THR D 410 -7.45 36.16 9.17
CA THR D 410 -6.38 35.19 9.31
C THR D 410 -5.16 35.52 8.45
N GLY D 411 -5.38 36.08 7.25
CA GLY D 411 -4.29 36.50 6.40
C GLY D 411 -3.93 35.48 5.34
N PRO D 412 -2.96 35.81 4.49
CA PRO D 412 -2.49 34.84 3.49
C PRO D 412 -1.71 33.70 4.12
N ASP D 413 -2.39 32.94 4.97
CA ASP D 413 -1.82 31.78 5.65
C ASP D 413 -1.90 30.55 4.75
N SER D 414 -1.78 29.36 5.35
CA SER D 414 -1.77 28.07 4.68
C SER D 414 -2.79 28.01 3.54
N PRO D 415 -2.50 27.25 2.48
CA PRO D 415 -3.17 27.46 1.18
C PRO D 415 -4.69 27.55 1.20
N LEU D 416 -5.35 26.92 2.16
CA LEU D 416 -6.81 26.80 2.18
C LEU D 416 -7.47 28.16 1.98
N ARG D 417 -8.48 28.20 1.11
CA ARG D 417 -9.24 29.41 0.83
C ARG D 417 -10.70 29.06 0.62
N LEU D 418 -11.50 30.09 0.36
CA LEU D 418 -12.89 29.92 -0.01
C LEU D 418 -13.00 29.81 -1.53
N GLN D 419 -14.24 29.77 -2.02
CA GLN D 419 -14.49 29.65 -3.46
C GLN D 419 -15.96 29.91 -3.75
N LEU D 420 -16.23 30.78 -4.72
CA LEU D 420 -17.59 31.11 -5.13
C LEU D 420 -17.64 31.12 -6.66
N TYR D 421 -18.10 30.03 -7.26
CA TYR D 421 -18.01 29.85 -8.71
C TYR D 421 -19.38 30.02 -9.37
N ALA D 422 -19.34 30.30 -10.67
CA ALA D 422 -20.54 30.31 -11.51
C ALA D 422 -20.14 29.76 -12.87
N ASN D 423 -20.30 28.45 -13.05
CA ASN D 423 -19.81 27.77 -14.24
C ASN D 423 -20.75 28.02 -15.42
N ALA D 424 -20.54 27.26 -16.49
CA ALA D 424 -21.38 27.30 -17.67
C ALA D 424 -21.13 26.02 -18.44
N GLY D 425 -21.57 25.97 -19.69
CA GLY D 425 -21.28 24.82 -20.52
C GLY D 425 -22.35 24.54 -21.54
N ARG D 426 -21.95 24.13 -22.73
CA ARG D 426 -22.91 23.84 -23.79
C ARG D 426 -22.24 22.90 -24.78
N LEU D 427 -22.55 21.61 -24.69
CA LEU D 427 -21.97 20.57 -25.52
C LEU D 427 -23.03 20.09 -26.50
N VAL D 428 -23.11 20.77 -27.65
CA VAL D 428 -24.05 20.38 -28.70
C VAL D 428 -23.45 19.19 -29.44
N ALA D 429 -24.25 18.55 -30.28
CA ALA D 429 -23.77 17.52 -31.18
C ALA D 429 -23.97 17.99 -32.61
N LEU D 430 -23.35 17.29 -33.55
CA LEU D 430 -23.38 17.68 -34.96
C LEU D 430 -24.49 16.90 -35.65
N ASN D 431 -25.61 17.57 -35.92
CA ASN D 431 -26.65 17.04 -36.79
C ASN D 431 -26.40 17.54 -38.21
N SER D 432 -27.13 16.97 -39.16
CA SER D 432 -27.03 17.40 -40.55
C SER D 432 -28.28 18.13 -41.01
N LYS D 433 -29.44 17.46 -40.98
CA LYS D 433 -30.73 18.07 -41.32
C LYS D 433 -30.67 18.89 -42.61
N GLY D 434 -29.78 18.51 -43.52
CA GLY D 434 -29.59 19.27 -44.74
C GLY D 434 -29.88 18.48 -46.00
N THR D 435 -28.83 18.16 -46.75
CA THR D 435 -28.95 17.44 -48.01
C THR D 435 -29.14 15.96 -47.69
N ASP D 436 -30.38 15.51 -47.76
CA ASP D 436 -30.70 14.11 -47.48
C ASP D 436 -30.65 13.31 -48.77
N GLU D 441 -26.04 5.07 -49.83
CA GLU D 441 -25.22 5.94 -48.98
C GLU D 441 -25.56 5.75 -47.50
N GLY D 442 -24.79 4.91 -46.83
CA GLY D 442 -24.98 4.66 -45.42
C GLY D 442 -24.60 5.82 -44.54
N LEU D 443 -23.29 6.10 -44.46
CA LEU D 443 -22.77 7.24 -43.70
C LEU D 443 -21.68 7.89 -44.55
N ALA D 444 -22.09 8.82 -45.41
CA ALA D 444 -21.13 9.46 -46.30
C ALA D 444 -21.64 10.86 -46.59
N MET D 445 -21.11 11.85 -45.88
CA MET D 445 -21.43 13.24 -46.10
C MET D 445 -20.29 13.93 -46.83
N ASP D 446 -20.59 14.54 -47.97
CA ASP D 446 -19.56 15.25 -48.70
C ASP D 446 -19.19 16.54 -47.98
N SER D 447 -18.03 17.08 -48.36
CA SER D 447 -17.47 18.24 -47.64
C SER D 447 -18.45 19.40 -47.58
N ALA D 448 -19.25 19.58 -48.63
CA ALA D 448 -20.21 20.67 -48.63
C ALA D 448 -21.24 20.52 -47.52
N ALA D 449 -21.68 19.29 -47.26
CA ALA D 449 -22.75 19.09 -46.29
C ALA D 449 -22.23 19.24 -44.86
N VAL D 450 -21.17 18.51 -44.52
CA VAL D 450 -20.65 18.55 -43.15
C VAL D 450 -20.25 19.96 -42.77
N PHE D 451 -19.73 20.74 -43.73
CA PHE D 451 -19.39 22.13 -43.45
C PHE D 451 -20.64 22.91 -43.06
N LYS D 452 -21.70 22.80 -43.84
CA LYS D 452 -22.95 23.47 -43.51
C LYS D 452 -23.66 22.82 -42.34
N GLY D 453 -23.12 21.73 -41.79
CA GLY D 453 -23.63 21.17 -40.56
C GLY D 453 -23.06 21.87 -39.35
N VAL D 454 -21.72 21.85 -39.23
CA VAL D 454 -21.08 22.50 -38.09
C VAL D 454 -21.34 24.00 -38.11
N LYS D 455 -21.28 24.62 -39.30
CA LYS D 455 -21.59 26.04 -39.40
C LYS D 455 -22.96 26.35 -38.81
N SER D 456 -23.90 25.42 -38.89
CA SER D 456 -25.20 25.57 -38.24
C SER D 456 -25.21 24.94 -36.85
N ALA D 457 -24.45 23.86 -36.65
CA ALA D 457 -24.36 23.26 -35.32
C ALA D 457 -23.52 24.09 -34.37
N VAL D 458 -23.05 25.26 -34.80
CA VAL D 458 -22.44 26.21 -33.87
C VAL D 458 -23.42 27.33 -33.52
N GLY D 459 -24.47 27.52 -34.30
CA GLY D 459 -25.50 28.49 -33.93
C GLY D 459 -26.23 28.09 -32.67
N LYS D 460 -26.44 26.79 -32.47
CA LYS D 460 -27.02 26.31 -31.22
C LYS D 460 -26.16 26.65 -30.02
N LEU D 461 -24.86 26.91 -30.25
CA LEU D 461 -24.00 27.30 -29.15
C LEU D 461 -24.26 28.73 -28.72
N THR D 462 -24.46 29.63 -29.70
CA THR D 462 -24.68 31.03 -29.38
C THR D 462 -26.00 31.23 -28.63
N ASN D 463 -27.10 30.83 -29.25
CA ASN D 463 -28.42 31.07 -28.67
C ASN D 463 -28.60 30.27 -27.38
N GLY D 464 -29.47 30.79 -26.52
CA GLY D 464 -29.83 30.09 -25.30
C GLY D 464 -28.86 30.27 -24.16
N ILE D 465 -29.38 30.50 -22.96
CA ILE D 465 -28.56 30.56 -21.75
C ILE D 465 -28.06 29.16 -21.48
N PRO D 466 -26.78 28.90 -21.61
CA PRO D 466 -26.30 27.51 -21.71
C PRO D 466 -26.61 26.65 -20.50
N SER D 467 -26.05 27.02 -19.36
CA SER D 467 -26.22 26.38 -18.07
C SER D 467 -25.44 27.23 -17.08
N LEU D 468 -25.84 27.17 -15.81
CA LEU D 468 -25.19 28.03 -14.82
C LEU D 468 -25.22 27.33 -13.47
N ALA D 469 -24.14 26.65 -13.13
CA ALA D 469 -24.00 26.18 -11.76
C ALA D 469 -23.67 27.36 -10.86
N ALA D 470 -23.70 27.12 -9.55
CA ALA D 470 -23.40 28.16 -8.57
C ALA D 470 -23.30 27.53 -7.20
N GLY D 471 -22.38 28.03 -6.38
CA GLY D 471 -22.28 27.54 -5.03
C GLY D 471 -21.11 28.07 -4.24
N VAL D 472 -20.63 27.29 -3.27
CA VAL D 472 -19.48 27.64 -2.45
C VAL D 472 -18.64 26.39 -2.26
N GLY D 473 -17.40 26.59 -1.82
CA GLY D 473 -16.50 25.46 -1.66
C GLY D 473 -15.38 25.78 -0.70
N LEU D 474 -14.52 24.79 -0.49
CA LEU D 474 -13.43 24.90 0.49
C LEU D 474 -12.18 24.29 -0.14
N VAL D 475 -11.38 25.14 -0.78
CA VAL D 475 -10.20 24.70 -1.52
C VAL D 475 -9.09 24.37 -0.53
N TYR D 476 -8.29 23.35 -0.86
CA TYR D 476 -7.11 22.98 -0.09
C TYR D 476 -5.97 22.76 -1.07
N ALA D 477 -5.24 23.81 -1.40
CA ALA D 477 -4.25 23.79 -2.47
C ALA D 477 -3.00 23.02 -1.99
N HIS D 478 -3.14 21.70 -1.95
CA HIS D 478 -1.99 20.85 -1.69
C HIS D 478 -0.93 21.06 -2.76
N PRO D 479 0.34 20.79 -2.45
CA PRO D 479 1.39 20.98 -3.47
C PRO D 479 1.20 20.12 -4.71
N VAL D 480 0.74 18.88 -4.58
CA VAL D 480 0.65 17.98 -5.72
C VAL D 480 -0.76 17.87 -6.28
N ALA D 481 -1.79 18.25 -5.52
CA ALA D 481 -3.17 18.10 -5.97
C ALA D 481 -3.94 19.35 -5.60
N ARG D 482 -5.26 19.24 -5.65
CA ARG D 482 -6.16 20.33 -5.30
C ARG D 482 -7.50 19.75 -4.92
N PHE D 483 -7.84 19.81 -3.63
CA PHE D 483 -9.09 19.28 -3.12
C PHE D 483 -10.12 20.40 -3.03
N GLU D 484 -11.37 20.08 -3.36
CA GLU D 484 -12.39 21.11 -3.48
C GLU D 484 -13.52 20.98 -2.46
N LEU D 485 -14.22 19.86 -2.43
CA LEU D 485 -15.37 19.65 -1.53
C LEU D 485 -16.32 20.85 -1.61
N ASN D 486 -16.93 21.00 -2.78
CA ASN D 486 -17.79 22.14 -3.04
C ASN D 486 -19.21 21.86 -2.58
N PHE D 487 -20.11 22.77 -2.95
CA PHE D 487 -21.56 22.58 -2.78
C PHE D 487 -22.24 23.52 -3.74
N SER D 488 -22.97 22.98 -4.71
CA SER D 488 -23.43 23.76 -5.85
C SER D 488 -24.92 23.54 -6.07
N LEU D 489 -25.49 24.37 -6.93
CA LEU D 489 -26.92 24.35 -7.21
C LEU D 489 -27.19 24.76 -8.66
N PRO D 490 -27.45 23.79 -9.54
CA PRO D 490 -27.57 24.11 -10.97
C PRO D 490 -28.86 24.86 -11.27
N LEU D 491 -28.71 26.07 -11.83
CA LEU D 491 -29.88 26.91 -12.08
C LEU D 491 -30.58 26.52 -13.39
N VAL D 492 -29.88 26.64 -14.52
CA VAL D 492 -30.48 26.45 -15.83
C VAL D 492 -30.05 25.10 -16.37
N LEU D 493 -30.94 24.47 -17.14
CA LEU D 493 -30.72 23.11 -17.62
C LEU D 493 -31.46 22.88 -18.92
N ARG D 494 -30.86 22.08 -19.79
CA ARG D 494 -31.59 21.45 -20.89
C ARG D 494 -32.07 20.08 -20.42
N ARG D 495 -33.31 19.75 -20.75
CA ARG D 495 -33.98 18.60 -20.15
C ARG D 495 -33.13 17.34 -20.26
N GLY D 496 -33.03 16.61 -19.16
CA GLY D 496 -32.27 15.38 -19.14
C GLY D 496 -30.77 15.57 -19.19
N GLU D 497 -30.23 16.44 -18.36
CA GLU D 497 -28.78 16.63 -18.27
C GLU D 497 -28.21 16.18 -16.93
N GLU D 498 -29.06 15.70 -16.02
CA GLU D 498 -28.64 15.09 -14.76
C GLU D 498 -27.82 16.06 -13.90
N GLY D 499 -28.50 17.13 -13.48
CA GLY D 499 -27.91 18.02 -12.51
C GLY D 499 -27.67 17.35 -11.17
N ARG D 500 -26.86 18.00 -10.35
CA ARG D 500 -26.51 17.50 -9.02
C ARG D 500 -26.47 18.65 -8.04
N LYS D 501 -26.74 18.34 -6.76
CA LYS D 501 -26.88 19.38 -5.75
C LYS D 501 -26.13 19.10 -4.45
N GLY D 502 -25.51 17.94 -4.30
CA GLY D 502 -24.93 17.62 -3.01
C GLY D 502 -23.45 17.37 -2.95
N LEU D 503 -22.73 18.32 -2.37
CA LEU D 503 -21.37 18.17 -1.85
C LEU D 503 -20.28 18.02 -2.90
N GLN D 504 -20.66 17.76 -4.16
CA GLN D 504 -19.81 17.93 -5.34
C GLN D 504 -18.32 17.68 -5.09
N VAL D 505 -17.98 16.51 -4.53
CA VAL D 505 -16.62 16.26 -4.10
C VAL D 505 -15.67 16.31 -5.28
N GLY D 506 -14.79 17.31 -5.30
CA GLY D 506 -13.89 17.52 -6.42
C GLY D 506 -12.42 17.36 -6.05
N VAL D 507 -11.71 16.51 -6.79
CA VAL D 507 -10.30 16.25 -6.56
C VAL D 507 -9.61 16.15 -7.91
N GLY D 508 -8.39 16.69 -8.00
CA GLY D 508 -7.62 16.50 -9.21
C GLY D 508 -6.60 17.61 -9.37
N ILE D 509 -6.23 17.84 -10.64
CA ILE D 509 -5.24 18.84 -10.98
C ILE D 509 -5.79 19.91 -11.91
N SER D 510 -6.81 19.62 -12.71
CA SER D 510 -7.40 20.57 -13.64
C SER D 510 -8.81 20.88 -13.20
N PHE D 511 -9.10 22.16 -12.99
CA PHE D 511 -10.42 22.59 -12.55
C PHE D 511 -10.79 23.85 -13.32
N LEU D 512 -11.95 24.41 -12.98
CA LEU D 512 -12.39 25.69 -13.54
C LEU D 512 -12.80 26.64 -12.42
#